data_9D26
#
_entry.id   9D26
#
_cell.length_a   1.00
_cell.length_b   1.00
_cell.length_c   1.00
_cell.angle_alpha   90.00
_cell.angle_beta   90.00
_cell.angle_gamma   90.00
#
_symmetry.space_group_name_H-M   'P 1'
#
loop_
_entity.id
_entity.type
_entity.pdbx_description
1 polymer 'HmuS heme dechelatase'
2 non-polymer 'PROTOPORPHYRIN IX CONTAINING FE'
3 non-polymer 'SODIUM ION'
4 water water
#
_entity_poly.entity_id   1
_entity_poly.type   'polypeptide(L)'
_entity_poly.pdbx_seq_one_letter_code
;MKKKSKIILGGCIVVAALIGLSVWNTWFSATKIAFVNFQTIQQGSISKANDNSFIKLSEVSLDNLDRLTSYDMVFINGMG
LRIVEEQRQQIQQAADKGIPVYTSMATNPANNICNLDSIQQNLIRGYLSNGGKTNYRNMLNYIRKAIDGKASAVPEVEDP
IERPSDMLYHAGISNPDDEQEFLTVADYEKFMQENNLYKEGARKIMITGQMADATDLIKALENAGYNVYPVQSMTRFMSF
IEEVQPDAVINMAHGRMGDKMVDYLKARNILLFAPLTINSLVDEWENDPMGMSGGFMSQSIVTPEIDGAIRPFALFAQYE
DKEGLRHSYAVPERLKTFVSTIDNYLNLKTKPNFEKKVAIYYYKGPGQNALTAAGMEVVPSLYNLLLRMKQEGYNISGLP
ANAQELGKMIQAQGAVFNAYAEGAFNDFMQNGHPELITKEQYESWVKESLRPEKYQEVVDAFGEFPGNYMVTPDGKLGIA
RLQFGNVVLLPQNAAGSGDNSFQVVHGTDMAPPHTYIASYLWMQHGFKADALIHFGTHGSLEFTPRKQVALCSNDWPDRL
VGAVPHYYLYSIGNVGEGMMAKRRSYATLQSYLTPPFLESSVRGIYRELMEKIKIYNNSQKANKDQESLAVKTLTVKMGI
HRDLGLDSMANKPYTEDEIARVENFAEELATEKITGQLYTMGVPYEPERITSSVYAMATEPIAYSLFALDKQRGKATESA
EKHRSVFTQQYLMPARLLVERLMANPSLATDELICHTAGITPQELAKARQIEAERNAPKGMMAMMMAAAAKKDQADNEPS
GNGHPASAKMEKGPHGKMPAGMKEAMKKMGANMDPEKAMEMAKSMGASPEALKKMEASMKANKDTSTDASGKPAMAGKTE
KPQGMSAMMAAMGKAPKEYSKEEVEFALAVAEVERTIKNVGNYKNALLTSPEEELSSLMNALKGGYTAPTPGGDPIANPN
TLPTGRNMYAINAEATPTESAWEKGIALAKQTIDRYKQRHNDSIPRKVSYTLWSSEFIETGGATIAQVLYMLGVEPVRDA
FGRVSDLKLIPSTELGRPRIDVVVQTSGQLRDLAASRLFLINRAVEMAAAAKDDKYENQVASSVIEAERVLTEKGLSPKD
AREISTFRVFGGANGMYGTGIQEMVESGDRWENESEIADTYLNNMGAYYGSEKNWEVFQKFAFEAALTRTDVVVQPRQSN
TWGALSLDHVYEFMGGMNLAVRNVTGKDPDAYLSDYRNRNHMKMQELKEAVGVESRTTILNPTYIKEKMKGGASSASEFA
EVITNTYGWNVMKPAAIDKELWDNIYNVYVKDELNLGVKQYFEQQNPAALEEMTAVMLESARKGLWQASEEQVAELSKLH
TEIVNTYRPSCSGFVCDNAKLRDFIASKADAQTATQYKENISKIREAKASGSNKGVVMKKEEMNQTAENQTNTLSNVAVG
IAVIIVILALILFVRKRRKSSQM
;
_entity_poly.pdbx_strand_id   A
#
loop_
_chem_comp.id
_chem_comp.type
_chem_comp.name
_chem_comp.formula
HEM non-polymer 'PROTOPORPHYRIN IX CONTAINING FE' 'C34 H32 Fe N4 O4'
NA non-polymer 'SODIUM ION' 'Na 1'
#
# COMPACT_ATOMS: atom_id res chain seq x y z
N ALA A 30 43.08 -15.97 35.65
CA ALA A 30 42.22 -14.96 35.03
C ALA A 30 40.94 -15.60 34.48
N THR A 31 39.86 -14.84 34.52
CA THR A 31 38.55 -15.29 34.05
C THR A 31 38.18 -14.52 32.79
N LYS A 32 37.79 -15.25 31.75
CA LYS A 32 37.42 -14.67 30.47
C LYS A 32 35.94 -14.88 30.22
N ILE A 33 35.24 -13.80 29.89
CA ILE A 33 33.79 -13.82 29.66
C ILE A 33 33.51 -13.18 28.32
N ALA A 34 32.66 -13.82 27.52
CA ALA A 34 32.32 -13.35 26.19
C ALA A 34 30.87 -12.92 26.13
N PHE A 35 30.61 -11.81 25.44
CA PHE A 35 29.27 -11.29 25.24
C PHE A 35 28.94 -11.33 23.75
N VAL A 36 27.75 -11.80 23.41
CA VAL A 36 27.35 -11.99 22.02
C VAL A 36 26.02 -11.27 21.79
N ASN A 37 25.96 -10.45 20.74
CA ASN A 37 24.74 -9.79 20.30
C ASN A 37 24.15 -8.88 21.39
N PHE A 38 25.01 -8.25 22.18
CA PHE A 38 24.55 -7.37 23.24
C PHE A 38 24.44 -5.93 22.75
N GLN A 39 23.51 -5.20 23.35
CA GLN A 39 23.31 -3.80 23.02
C GLN A 39 24.49 -2.97 23.51
N THR A 40 24.78 -1.90 22.77
CA THR A 40 25.96 -1.08 23.06
C THR A 40 25.82 -0.37 24.40
N ILE A 41 24.64 0.16 24.71
CA ILE A 41 24.46 0.90 25.96
C ILE A 41 24.64 -0.01 27.16
N GLN A 42 24.00 -1.18 27.13
CA GLN A 42 24.10 -2.09 28.27
C GLN A 42 25.48 -2.70 28.40
N GLN A 43 26.13 -2.99 27.26
CA GLN A 43 27.46 -3.59 27.31
C GLN A 43 28.47 -2.64 27.93
N GLY A 44 28.37 -1.34 27.63
CA GLY A 44 29.28 -0.37 28.21
C GLY A 44 29.10 -0.23 29.72
N SER A 45 27.85 -0.30 30.19
CA SER A 45 27.60 -0.16 31.62
C SER A 45 28.24 -1.29 32.41
N ILE A 46 28.17 -2.52 31.90
CA ILE A 46 28.76 -3.66 32.60
C ILE A 46 30.27 -3.51 32.68
N SER A 47 30.90 -3.10 31.59
CA SER A 47 32.36 -2.94 31.58
C SER A 47 32.81 -1.84 32.53
N LYS A 48 32.03 -0.76 32.63
CA LYS A 48 32.38 0.32 33.56
C LYS A 48 32.32 -0.16 35.01
N ALA A 49 31.29 -0.94 35.36
CA ALA A 49 31.11 -1.39 36.73
C ALA A 49 32.16 -2.39 37.17
N ASN A 50 32.90 -2.99 36.25
CA ASN A 50 33.93 -3.96 36.62
C ASN A 50 35.06 -3.29 37.38
N ASP A 51 35.52 -3.93 38.45
CA ASP A 51 36.63 -3.43 39.24
C ASP A 51 37.70 -4.47 39.50
N ASN A 52 37.42 -5.76 39.36
CA ASN A 52 38.40 -6.80 39.59
C ASN A 52 39.38 -6.83 38.43
N SER A 53 40.66 -7.00 38.75
CA SER A 53 41.72 -7.01 37.73
C SER A 53 41.89 -8.37 37.07
N PHE A 54 41.21 -9.40 37.56
CA PHE A 54 41.32 -10.74 37.00
C PHE A 54 40.09 -11.15 36.19
N ILE A 55 39.22 -10.20 35.86
CA ILE A 55 38.02 -10.47 35.07
C ILE A 55 38.17 -9.74 33.74
N LYS A 56 38.12 -10.49 32.65
CA LYS A 56 38.31 -9.95 31.30
C LYS A 56 37.02 -10.05 30.52
N LEU A 57 36.68 -8.98 29.80
CA LEU A 57 35.46 -8.92 29.01
C LEU A 57 35.82 -8.81 27.52
N SER A 58 35.10 -9.57 26.69
CA SER A 58 35.34 -9.59 25.27
C SER A 58 34.01 -9.76 24.54
N GLU A 59 34.01 -9.41 23.25
CA GLU A 59 32.83 -9.53 22.41
C GLU A 59 33.11 -10.45 21.22
N VAL A 60 32.10 -11.22 20.83
CA VAL A 60 32.21 -12.16 19.72
C VAL A 60 31.04 -11.91 18.76
N SER A 61 31.34 -11.81 17.48
CA SER A 61 30.33 -11.58 16.46
C SER A 61 29.66 -12.90 16.08
N LEU A 62 28.51 -12.78 15.40
CA LEU A 62 27.72 -13.96 15.03
C LEU A 62 28.39 -14.83 13.98
N ASP A 63 29.45 -14.36 13.32
CA ASP A 63 30.18 -15.17 12.37
C ASP A 63 31.44 -15.78 12.95
N ASN A 64 31.68 -15.62 14.25
CA ASN A 64 32.88 -16.14 14.90
C ASN A 64 32.50 -17.07 16.05
N LEU A 65 31.40 -17.82 15.88
CA LEU A 65 30.92 -18.68 16.94
C LEU A 65 31.82 -19.87 17.21
N ASP A 66 32.84 -20.08 16.38
CA ASP A 66 33.73 -21.23 16.56
C ASP A 66 34.86 -20.97 17.53
N ARG A 67 34.96 -19.76 18.10
CA ARG A 67 35.98 -19.44 19.09
C ARG A 67 35.48 -19.58 20.51
N LEU A 68 34.25 -20.05 20.71
CA LEU A 68 33.66 -20.11 22.04
C LEU A 68 34.30 -21.17 22.93
N THR A 69 35.15 -22.03 22.39
CA THR A 69 35.75 -23.09 23.18
C THR A 69 36.93 -22.61 24.03
N SER A 70 37.35 -21.36 23.88
CA SER A 70 38.47 -20.80 24.63
C SER A 70 38.01 -19.78 25.67
N TYR A 71 36.81 -19.95 26.22
CA TYR A 71 36.26 -19.04 27.20
C TYR A 71 35.70 -19.81 28.38
N ASP A 72 35.59 -19.13 29.51
CA ASP A 72 35.08 -19.74 30.74
C ASP A 72 33.60 -19.48 30.97
N MET A 73 33.02 -18.50 30.29
CA MET A 73 31.61 -18.18 30.45
C MET A 73 31.14 -17.44 29.20
N VAL A 74 29.93 -17.76 28.75
CA VAL A 74 29.36 -17.18 27.54
C VAL A 74 28.00 -16.59 27.86
N PHE A 75 27.80 -15.33 27.46
CA PHE A 75 26.52 -14.65 27.58
C PHE A 75 25.96 -14.41 26.18
N ILE A 76 24.69 -14.71 26.00
CA ILE A 76 24.03 -14.57 24.70
C ILE A 76 22.73 -13.80 24.90
N ASN A 77 22.55 -12.74 24.11
CA ASN A 77 21.34 -11.94 24.14
C ASN A 77 20.36 -12.51 23.11
N GLY A 78 19.26 -13.07 23.59
CA GLY A 78 18.26 -13.66 22.74
C GLY A 78 17.13 -12.73 22.32
N MET A 79 17.24 -11.44 22.62
CA MET A 79 16.19 -10.49 22.31
C MET A 79 16.28 -10.14 20.82
N GLY A 80 15.42 -10.74 20.02
CA GLY A 80 15.41 -10.47 18.60
C GLY A 80 16.52 -11.11 17.81
N LEU A 81 17.13 -12.17 18.34
CA LEU A 81 18.25 -12.81 17.67
C LEU A 81 17.79 -13.48 16.38
N ARG A 82 18.64 -13.42 15.35
CA ARG A 82 18.36 -14.02 14.06
C ARG A 82 19.58 -14.84 13.64
N ILE A 83 19.44 -16.17 13.66
CA ILE A 83 20.52 -17.08 13.30
C ILE A 83 19.95 -18.21 12.46
N VAL A 84 20.85 -19.05 11.95
CA VAL A 84 20.47 -20.20 11.14
C VAL A 84 20.83 -21.47 11.88
N GLU A 85 20.54 -22.62 11.27
CA GLU A 85 20.79 -23.91 11.94
C GLU A 85 22.27 -24.12 12.21
N GLU A 86 23.13 -23.78 11.25
CA GLU A 86 24.57 -23.96 11.44
C GLU A 86 25.07 -23.11 12.62
N GLN A 87 24.64 -21.85 12.69
CA GLN A 87 25.04 -21.01 13.80
C GLN A 87 24.49 -21.54 15.12
N ARG A 88 23.25 -22.03 15.11
CA ARG A 88 22.68 -22.63 16.31
C ARG A 88 23.45 -23.87 16.73
N GLN A 89 23.92 -24.65 15.76
CA GLN A 89 24.66 -25.87 16.07
C GLN A 89 25.99 -25.57 16.73
N GLN A 90 26.68 -24.50 16.32
CA GLN A 90 27.94 -24.15 16.95
C GLN A 90 27.77 -23.79 18.41
N ILE A 91 26.69 -23.05 18.74
CA ILE A 91 26.41 -22.74 20.14
C ILE A 91 26.09 -24.01 20.91
N GLN A 92 25.29 -24.90 20.34
CA GLN A 92 24.90 -26.13 21.02
C GLN A 92 26.10 -27.03 21.33
N GLN A 93 27.11 -27.00 20.47
CA GLN A 93 28.27 -27.87 20.69
C GLN A 93 29.13 -27.37 21.85
N ALA A 94 29.19 -26.05 22.05
CA ALA A 94 29.97 -25.52 23.17
C ALA A 94 29.37 -25.95 24.51
N ALA A 95 28.03 -25.99 24.59
CA ALA A 95 27.38 -26.40 25.83
C ALA A 95 27.71 -27.84 26.18
N ASP A 96 27.73 -28.73 25.19
CA ASP A 96 28.03 -30.13 25.43
C ASP A 96 29.51 -30.38 25.66
N LYS A 97 30.37 -29.41 25.35
CA LYS A 97 31.79 -29.54 25.64
C LYS A 97 32.10 -29.36 27.12
N GLY A 98 31.33 -28.53 27.82
CA GLY A 98 31.61 -28.23 29.20
C GLY A 98 31.89 -26.76 29.42
N ILE A 99 31.29 -25.91 28.61
CA ILE A 99 31.43 -24.47 28.69
C ILE A 99 30.12 -23.90 29.21
N PRO A 100 30.11 -23.18 30.32
CA PRO A 100 28.85 -22.60 30.82
C PRO A 100 28.26 -21.61 29.82
N VAL A 101 26.97 -21.76 29.56
CA VAL A 101 26.26 -20.95 28.58
C VAL A 101 24.94 -20.49 29.18
N TYR A 102 24.63 -19.20 29.01
CA TYR A 102 23.36 -18.65 29.46
C TYR A 102 22.79 -17.76 28.38
N THR A 103 21.48 -17.83 28.19
CA THR A 103 20.76 -17.02 27.21
C THR A 103 19.75 -16.14 27.92
N SER A 104 19.72 -14.87 27.54
CA SER A 104 18.90 -13.86 28.22
C SER A 104 17.72 -13.47 27.35
N MET A 105 16.51 -13.69 27.87
CA MET A 105 15.27 -13.21 27.27
C MET A 105 15.16 -13.59 25.79
N ALA A 106 15.16 -14.89 25.55
CA ALA A 106 15.00 -15.39 24.18
C ALA A 106 13.57 -15.23 23.72
N THR A 107 13.40 -14.67 22.52
CA THR A 107 12.08 -14.55 21.92
C THR A 107 11.66 -15.79 21.15
N ASN A 108 12.62 -16.52 20.58
CA ASN A 108 12.35 -17.78 19.91
C ASN A 108 12.75 -18.92 20.83
N PRO A 109 11.83 -19.78 21.26
CA PRO A 109 12.19 -20.83 22.22
C PRO A 109 13.27 -21.78 21.71
N ALA A 110 13.40 -21.94 20.39
CA ALA A 110 14.44 -22.80 19.85
C ALA A 110 15.84 -22.27 20.13
N ASN A 111 15.99 -20.98 20.40
CA ASN A 111 17.27 -20.37 20.69
C ASN A 111 17.63 -20.40 22.17
N ASN A 112 16.70 -20.82 23.03
CA ASN A 112 16.93 -20.83 24.47
C ASN A 112 17.86 -21.98 24.81
N ILE A 113 19.14 -21.68 24.98
CA ILE A 113 20.16 -22.69 25.29
C ILE A 113 20.78 -22.33 26.64
N CYS A 114 20.77 -23.29 27.57
CA CYS A 114 21.36 -23.08 28.88
C CYS A 114 21.74 -24.43 29.46
N ASN A 115 22.83 -24.45 30.23
CA ASN A 115 23.32 -25.66 30.87
C ASN A 115 23.75 -25.37 32.30
N LEU A 116 22.96 -24.58 33.02
CA LEU A 116 23.25 -24.20 34.38
C LEU A 116 22.23 -24.78 35.35
N ASP A 117 22.60 -24.80 36.62
CA ASP A 117 21.70 -25.31 37.65
C ASP A 117 20.55 -24.34 37.89
N SER A 118 19.50 -24.83 38.53
CA SER A 118 18.34 -24.00 38.79
C SER A 118 18.69 -22.82 39.69
N ILE A 119 19.51 -23.05 40.71
CA ILE A 119 19.92 -21.98 41.61
C ILE A 119 20.73 -20.93 40.86
N GLN A 120 21.67 -21.36 40.02
CA GLN A 120 22.52 -20.42 39.28
C GLN A 120 21.70 -19.59 38.30
N GLN A 121 20.72 -20.20 37.64
CA GLN A 121 19.87 -19.44 36.72
C GLN A 121 19.10 -18.35 37.44
N ASN A 122 18.56 -18.64 38.63
CA ASN A 122 17.81 -17.63 39.36
C ASN A 122 18.69 -16.46 39.77
N LEU A 123 19.92 -16.74 40.23
CA LEU A 123 20.80 -15.66 40.66
C LEU A 123 21.22 -14.79 39.49
N ILE A 124 21.64 -15.39 38.38
CA ILE A 124 22.09 -14.61 37.23
C ILE A 124 20.96 -13.78 36.67
N ARG A 125 19.75 -14.34 36.62
CA ARG A 125 18.60 -13.58 36.15
C ARG A 125 18.30 -12.42 37.10
N GLY A 126 18.43 -12.65 38.41
CA GLY A 126 18.13 -11.60 39.37
C GLY A 126 18.99 -10.36 39.21
N TYR A 127 20.31 -10.55 39.10
CA TYR A 127 21.20 -9.41 38.89
C TYR A 127 20.92 -8.72 37.57
N LEU A 128 20.72 -9.50 36.50
CA LEU A 128 20.61 -8.93 35.17
C LEU A 128 19.28 -8.24 34.93
N SER A 129 18.18 -8.83 35.39
CA SER A 129 16.86 -8.26 35.12
C SER A 129 16.65 -6.93 35.83
N ASN A 130 17.10 -6.81 37.08
CA ASN A 130 16.91 -5.58 37.85
C ASN A 130 17.81 -4.46 37.37
N GLY A 131 19.05 -4.77 37.01
CA GLY A 131 19.97 -3.76 36.54
C GLY A 131 20.60 -2.98 37.69
N GLY A 132 21.24 -1.88 37.32
CA GLY A 132 21.96 -1.05 38.26
C GLY A 132 23.43 -1.44 38.32
N LYS A 133 24.27 -0.47 38.69
CA LYS A 133 25.70 -0.74 38.72
C LYS A 133 26.09 -1.60 39.91
N THR A 134 25.31 -1.57 40.99
CA THR A 134 25.61 -2.41 42.14
C THR A 134 25.35 -3.88 41.84
N ASN A 135 24.23 -4.17 41.15
CA ASN A 135 23.93 -5.54 40.77
C ASN A 135 24.96 -6.08 39.78
N TYR A 136 25.40 -5.24 38.84
CA TYR A 136 26.35 -5.69 37.83
C TYR A 136 27.66 -6.15 38.46
N ARG A 137 28.25 -5.33 39.34
CA ARG A 137 29.55 -5.67 39.91
C ARG A 137 29.49 -6.93 40.76
N ASN A 138 28.38 -7.12 41.49
CA ASN A 138 28.21 -8.35 42.25
C ASN A 138 28.10 -9.56 41.33
N MET A 139 27.49 -9.39 40.15
CA MET A 139 27.37 -10.50 39.21
C MET A 139 28.74 -10.96 38.72
N LEU A 140 29.64 -10.02 38.41
CA LEU A 140 30.95 -10.40 37.92
C LEU A 140 31.75 -11.16 38.98
N ASN A 141 31.66 -10.73 40.24
CA ASN A 141 32.36 -11.44 41.31
C ASN A 141 31.77 -12.81 41.55
N TYR A 142 30.45 -12.96 41.37
CA TYR A 142 29.82 -14.26 41.57
C TYR A 142 30.29 -15.28 40.54
N ILE A 143 30.50 -14.85 39.30
CA ILE A 143 30.94 -15.77 38.26
C ILE A 143 32.29 -16.37 38.58
N ARG A 144 33.23 -15.54 39.04
CA ARG A 144 34.56 -16.04 39.36
C ARG A 144 34.53 -16.95 40.59
N LYS A 145 33.62 -16.71 41.52
CA LYS A 145 33.54 -17.49 42.75
C LYS A 145 32.82 -18.82 42.55
N ALA A 146 31.62 -18.79 41.99
CA ALA A 146 30.80 -20.00 41.89
C ALA A 146 31.01 -20.73 40.57
N ILE A 147 30.75 -20.06 39.45
CA ILE A 147 30.78 -20.73 38.15
C ILE A 147 32.20 -21.15 37.79
N ASP A 148 33.17 -20.26 37.95
CA ASP A 148 34.54 -20.56 37.54
C ASP A 148 35.20 -21.57 38.49
N GLY A 149 35.02 -21.40 39.80
CA GLY A 149 35.56 -22.33 40.75
C GLY A 149 36.82 -21.86 41.45
N LYS A 150 37.71 -21.19 40.69
CA LYS A 150 38.95 -20.67 41.26
C LYS A 150 38.64 -19.40 42.07
N ALA A 151 38.39 -19.62 43.36
CA ALA A 151 38.02 -18.53 44.25
C ALA A 151 39.14 -17.50 44.35
N SER A 152 40.29 -17.91 44.89
CA SER A 152 41.45 -17.04 45.04
C SER A 152 41.12 -15.75 45.76
N ALA A 153 41.24 -14.61 45.06
CA ALA A 153 41.04 -13.30 45.67
C ALA A 153 39.77 -12.68 45.13
N VAL A 154 38.72 -12.67 45.97
CA VAL A 154 37.45 -12.06 45.61
C VAL A 154 36.71 -11.68 46.88
N PRO A 155 36.15 -10.47 46.91
CA PRO A 155 35.38 -10.03 48.07
C PRO A 155 34.05 -10.76 48.16
N GLU A 156 33.30 -10.46 49.22
CA GLU A 156 32.04 -11.15 49.49
C GLU A 156 30.94 -10.62 48.58
N VAL A 157 30.19 -11.54 47.97
CA VAL A 157 29.11 -11.19 47.08
C VAL A 157 27.82 -11.06 47.89
N GLU A 158 26.82 -10.42 47.30
CA GLU A 158 25.56 -10.14 47.97
C GLU A 158 24.39 -10.56 47.10
N ASP A 159 23.23 -10.67 47.74
CA ASP A 159 22.00 -11.02 47.03
C ASP A 159 21.60 -9.88 46.08
N PRO A 160 20.98 -10.20 44.95
CA PRO A 160 20.52 -9.14 44.04
C PRO A 160 19.51 -8.22 44.71
N ILE A 161 19.57 -6.96 44.33
CA ILE A 161 18.67 -5.94 44.86
C ILE A 161 17.45 -5.84 43.94
N GLU A 162 16.26 -5.88 44.53
CA GLU A 162 15.02 -5.93 43.78
C GLU A 162 14.41 -4.53 43.67
N ARG A 163 13.89 -4.21 42.49
CA ARG A 163 13.32 -2.91 42.23
C ARG A 163 11.80 -3.02 42.04
N PRO A 164 11.05 -1.97 42.35
CA PRO A 164 9.60 -1.99 42.10
C PRO A 164 9.31 -2.19 40.63
N SER A 165 8.27 -2.96 40.34
CA SER A 165 7.86 -3.21 38.97
C SER A 165 6.81 -2.23 38.46
N ASP A 166 6.05 -1.62 39.36
CA ASP A 166 5.03 -0.64 39.01
C ASP A 166 5.16 0.55 39.93
N MET A 167 5.41 1.73 39.36
CA MET A 167 5.72 2.89 40.17
C MET A 167 5.63 4.14 39.30
N LEU A 168 5.73 5.29 39.96
CA LEU A 168 5.97 6.57 39.32
C LEU A 168 7.35 7.07 39.73
N TYR A 169 8.07 7.69 38.80
CA TYR A 169 9.44 8.10 39.03
C TYR A 169 9.63 9.55 38.62
N HIS A 170 10.66 10.18 39.19
CA HIS A 170 11.04 11.52 38.81
C HIS A 170 12.51 11.70 39.17
N ALA A 171 13.15 12.66 38.51
CA ALA A 171 14.55 12.98 38.77
C ALA A 171 14.69 13.82 40.02
N GLY A 172 15.79 13.63 40.74
CA GLY A 172 16.01 14.38 41.96
C GLY A 172 16.16 15.87 41.68
N ILE A 173 15.56 16.68 42.56
CA ILE A 173 15.61 18.13 42.39
C ILE A 173 17.01 18.66 42.65
N SER A 174 17.65 18.19 43.73
CA SER A 174 19.00 18.65 44.05
C SER A 174 20.03 17.96 43.16
N ASN A 175 20.04 16.64 43.17
CA ASN A 175 20.97 15.85 42.35
C ASN A 175 20.19 15.11 41.27
N PRO A 176 20.20 15.58 40.03
CA PRO A 176 19.42 14.92 38.98
C PRO A 176 19.84 13.48 38.71
N ASP A 177 21.07 13.10 39.07
CA ASP A 177 21.49 11.72 38.88
C ASP A 177 20.66 10.76 39.72
N ASP A 178 20.36 11.12 40.96
CA ASP A 178 19.50 10.29 41.81
C ASP A 178 18.07 10.31 41.29
N GLU A 179 17.40 9.17 41.40
CA GLU A 179 16.03 9.02 40.92
C GLU A 179 15.11 8.69 42.09
N GLN A 180 13.96 9.35 42.13
CA GLN A 180 12.97 9.13 43.18
C GLN A 180 11.90 8.16 42.67
N GLU A 181 11.43 7.30 43.57
CA GLU A 181 10.44 6.29 43.23
C GLU A 181 9.26 6.38 44.19
N PHE A 182 8.05 6.30 43.65
CA PHE A 182 6.83 6.39 44.43
C PHE A 182 5.90 5.26 44.04
N LEU A 183 5.12 4.77 45.01
CA LEU A 183 4.26 3.63 44.78
C LEU A 183 2.80 3.99 44.60
N THR A 184 2.38 5.18 45.02
CA THR A 184 0.99 5.61 44.90
C THR A 184 0.93 7.00 44.29
N VAL A 185 -0.23 7.33 43.71
CA VAL A 185 -0.43 8.65 43.14
C VAL A 185 -0.42 9.72 44.23
N ALA A 186 -0.93 9.40 45.41
CA ALA A 186 -0.96 10.37 46.50
C ALA A 186 0.45 10.76 46.94
N ASP A 187 1.36 9.78 46.99
CA ASP A 187 2.75 10.09 47.35
C ASP A 187 3.40 11.02 46.34
N TYR A 188 3.15 10.78 45.04
CA TYR A 188 3.77 11.60 44.01
C TYR A 188 3.23 13.03 44.05
N GLU A 189 1.93 13.20 44.27
CA GLU A 189 1.35 14.53 44.29
C GLU A 189 1.85 15.35 45.47
N LYS A 190 2.09 14.70 46.61
CA LYS A 190 2.66 15.41 47.75
C LYS A 190 4.11 15.82 47.47
N PHE A 191 4.84 15.01 46.71
CA PHE A 191 6.21 15.36 46.34
C PHE A 191 6.24 16.61 45.47
N MET A 192 5.30 16.72 44.54
CA MET A 192 5.29 17.87 43.63
C MET A 192 5.03 19.18 44.38
N GLN A 193 4.12 19.18 45.35
CA GLN A 193 3.79 20.40 46.06
C GLN A 193 4.93 20.91 46.92
N GLU A 194 5.78 20.03 47.44
CA GLU A 194 6.93 20.47 48.22
C GLU A 194 7.95 21.16 47.33
N ASN A 195 8.11 20.69 46.10
CA ASN A 195 9.11 21.21 45.17
C ASN A 195 8.54 22.22 44.18
N ASN A 196 7.29 22.66 44.40
CA ASN A 196 6.66 23.68 43.56
C ASN A 196 6.61 23.26 42.09
N LEU A 197 6.24 22.00 41.87
CA LEU A 197 6.06 21.47 40.53
C LEU A 197 4.59 21.34 40.14
N TYR A 198 3.68 21.78 41.00
CA TYR A 198 2.24 21.63 40.77
C TYR A 198 1.63 22.99 40.45
N LYS A 199 0.84 23.03 39.38
CA LYS A 199 0.16 24.25 38.95
C LYS A 199 -1.33 24.00 38.97
N GLU A 200 -2.08 24.92 39.59
CA GLU A 200 -3.52 24.76 39.72
C GLU A 200 -4.22 25.00 38.39
N GLY A 201 -5.11 24.08 38.01
CA GLY A 201 -5.89 24.22 36.81
C GLY A 201 -5.19 23.84 35.52
N ALA A 202 -3.94 23.40 35.59
CA ALA A 202 -3.22 23.03 34.38
C ALA A 202 -3.67 21.65 33.89
N ARG A 203 -3.37 21.37 32.63
CA ARG A 203 -3.72 20.10 32.01
C ARG A 203 -2.67 19.04 32.32
N LYS A 204 -3.09 17.78 32.30
CA LYS A 204 -2.26 16.67 32.74
C LYS A 204 -1.85 15.81 31.55
N ILE A 205 -0.60 15.35 31.59
CA ILE A 205 -0.04 14.49 30.56
C ILE A 205 0.65 13.31 31.24
N MET A 206 0.41 12.11 30.71
CA MET A 206 1.01 10.89 31.25
C MET A 206 2.00 10.30 30.26
N ILE A 207 3.15 9.86 30.78
CA ILE A 207 4.23 9.33 29.95
C ILE A 207 4.50 7.89 30.39
N THR A 208 4.52 6.98 29.41
CA THR A 208 4.74 5.56 29.67
C THR A 208 5.78 5.02 28.70
N GLY A 209 6.49 3.99 29.14
CA GLY A 209 7.48 3.34 28.30
C GLY A 209 8.87 3.30 28.91
N GLN A 210 9.74 2.46 28.35
CA GLN A 210 11.11 2.34 28.84
C GLN A 210 12.15 2.21 27.73
N MET A 211 11.84 2.63 26.50
CA MET A 211 12.79 2.47 25.41
C MET A 211 13.92 3.48 25.42
N ALA A 212 13.76 4.60 26.14
CA ALA A 212 14.76 5.65 26.12
C ALA A 212 14.70 6.44 27.42
N ASP A 213 15.65 7.36 27.58
CA ASP A 213 15.71 8.24 28.74
C ASP A 213 14.96 9.53 28.41
N ALA A 214 13.83 9.75 29.08
CA ALA A 214 12.95 10.87 28.78
C ALA A 214 13.08 12.00 29.79
N THR A 215 14.27 12.21 30.36
CA THR A 215 14.45 13.28 31.33
C THR A 215 14.25 14.66 30.70
N ASP A 216 14.80 14.86 29.50
CA ASP A 216 14.69 16.16 28.85
C ASP A 216 13.27 16.43 28.38
N LEU A 217 12.56 15.39 27.93
CA LEU A 217 11.18 15.57 27.49
C LEU A 217 10.28 15.99 28.65
N ILE A 218 10.49 15.39 29.83
CA ILE A 218 9.67 15.73 30.99
C ILE A 218 9.88 17.18 31.39
N LYS A 219 11.13 17.64 31.43
CA LYS A 219 11.41 19.01 31.85
C LYS A 219 10.91 20.02 30.83
N ALA A 220 10.98 19.70 29.54
CA ALA A 220 10.50 20.63 28.52
C ALA A 220 9.00 20.82 28.58
N LEU A 221 8.26 19.78 28.96
CA LEU A 221 6.80 19.90 29.04
C LEU A 221 6.36 20.71 30.25
N GLU A 222 7.11 20.63 31.35
CA GLU A 222 6.75 21.42 32.53
C GLU A 222 6.98 22.91 32.31
N ASN A 223 8.00 23.27 31.53
CA ASN A 223 8.20 24.69 31.21
C ASN A 223 7.08 25.23 30.34
N ALA A 224 6.39 24.36 29.60
CA ALA A 224 5.24 24.78 28.81
C ALA A 224 3.98 24.94 29.63
N GLY A 225 3.96 24.49 30.88
CA GLY A 225 2.83 24.69 31.75
C GLY A 225 1.90 23.52 31.90
N TYR A 226 2.46 22.31 32.07
CA TYR A 226 1.67 21.10 32.24
C TYR A 226 2.05 20.41 33.54
N ASN A 227 1.21 19.44 33.92
CA ASN A 227 1.50 18.52 35.01
C ASN A 227 1.81 17.15 34.41
N VAL A 228 2.98 16.61 34.72
CA VAL A 228 3.49 15.41 34.08
C VAL A 228 3.52 14.29 35.10
N TYR A 229 3.06 13.10 34.68
CA TYR A 229 3.06 11.91 35.53
C TYR A 229 3.84 10.80 34.84
N PRO A 230 5.14 10.66 35.13
CA PRO A 230 5.91 9.56 34.53
C PRO A 230 5.59 8.23 35.18
N VAL A 231 5.22 7.23 34.38
CA VAL A 231 4.80 5.93 34.88
C VAL A 231 5.62 4.85 34.18
N GLN A 232 6.14 3.91 34.96
CA GLN A 232 6.86 2.76 34.42
C GLN A 232 6.20 1.50 34.99
N SER A 233 5.22 0.97 34.26
CA SER A 233 4.50 -0.23 34.68
C SER A 233 4.18 -1.04 33.44
N MET A 234 4.77 -2.22 33.33
CA MET A 234 4.65 -3.03 32.12
C MET A 234 3.31 -3.72 31.99
N THR A 235 2.66 -4.09 33.08
CA THR A 235 1.43 -4.88 33.03
C THR A 235 0.21 -4.10 33.50
N ARG A 236 0.24 -3.56 34.71
CA ARG A 236 -0.94 -2.91 35.29
C ARG A 236 -0.81 -1.38 35.24
N PHE A 237 -0.75 -0.86 34.01
CA PHE A 237 -0.74 0.59 33.81
C PHE A 237 -2.15 1.18 33.75
N MET A 238 -3.18 0.35 33.60
CA MET A 238 -4.54 0.87 33.54
C MET A 238 -5.01 1.35 34.91
N SER A 239 -4.41 0.84 35.98
CA SER A 239 -4.77 1.30 37.32
C SER A 239 -4.34 2.73 37.55
N PHE A 240 -3.15 3.10 37.06
CA PHE A 240 -2.67 4.47 37.24
C PHE A 240 -3.44 5.45 36.36
N ILE A 241 -3.82 5.04 35.15
CA ILE A 241 -4.49 5.94 34.22
C ILE A 241 -5.84 6.38 34.78
N GLU A 242 -6.61 5.43 35.34
CA GLU A 242 -7.94 5.75 35.81
C GLU A 242 -7.94 6.67 37.03
N GLU A 243 -6.90 6.62 37.85
CA GLU A 243 -6.83 7.51 39.01
C GLU A 243 -6.46 8.94 38.63
N VAL A 244 -5.62 9.11 37.60
CA VAL A 244 -5.15 10.43 37.21
C VAL A 244 -6.13 11.11 36.26
N GLN A 245 -6.67 10.37 35.29
CA GLN A 245 -7.53 10.90 34.25
C GLN A 245 -6.81 12.00 33.47
N PRO A 246 -5.80 11.66 32.68
CA PRO A 246 -5.04 12.69 31.97
C PRO A 246 -5.79 13.19 30.74
N ASP A 247 -5.20 14.21 30.11
CA ASP A 247 -5.75 14.76 28.88
C ASP A 247 -5.04 14.24 27.64
N ALA A 248 -3.88 13.63 27.78
CA ALA A 248 -3.16 13.02 26.67
C ALA A 248 -2.22 11.97 27.24
N VAL A 249 -1.81 11.04 26.37
CA VAL A 249 -0.90 9.97 26.74
C VAL A 249 0.22 9.91 25.71
N ILE A 250 1.46 9.86 26.19
CA ILE A 250 2.64 9.70 25.34
C ILE A 250 3.29 8.37 25.69
N ASN A 251 3.51 7.54 24.68
CA ASN A 251 4.00 6.18 24.89
C ASN A 251 5.24 5.94 24.05
N MET A 252 6.32 5.51 24.70
CA MET A 252 7.51 5.03 24.01
C MET A 252 7.28 3.54 23.77
N ALA A 253 6.64 3.22 22.65
CA ALA A 253 6.00 1.93 22.47
C ALA A 253 6.99 0.83 22.12
N HIS A 254 6.77 -0.34 22.72
CA HIS A 254 7.43 -1.59 22.33
C HIS A 254 6.35 -2.67 22.39
N GLY A 255 5.64 -2.86 21.28
CA GLY A 255 4.52 -3.79 21.25
C GLY A 255 3.17 -3.11 21.24
N ARG A 256 2.14 -3.81 21.73
CA ARG A 256 0.78 -3.30 21.72
C ARG A 256 0.26 -3.20 23.14
N MET A 257 -0.60 -2.20 23.39
CA MET A 257 -1.12 -1.99 24.74
C MET A 257 -2.31 -2.90 25.04
N GLY A 258 -3.25 -3.03 24.11
CA GLY A 258 -4.34 -3.96 24.25
C GLY A 258 -5.68 -3.32 23.93
N ASP A 259 -6.74 -4.14 24.06
CA ASP A 259 -8.09 -3.67 23.78
C ASP A 259 -8.68 -2.88 24.93
N LYS A 260 -8.18 -3.09 26.16
CA LYS A 260 -8.66 -2.29 27.28
C LYS A 260 -8.30 -0.82 27.12
N MET A 261 -7.14 -0.56 26.49
CA MET A 261 -6.74 0.82 26.25
C MET A 261 -7.63 1.50 25.22
N VAL A 262 -8.04 0.76 24.19
CA VAL A 262 -8.86 1.33 23.14
C VAL A 262 -10.24 1.72 23.68
N ASP A 263 -10.79 0.90 24.57
CA ASP A 263 -12.09 1.21 25.16
C ASP A 263 -12.03 2.47 26.01
N TYR A 264 -10.93 2.65 26.74
CA TYR A 264 -10.80 3.84 27.58
C TYR A 264 -10.70 5.11 26.75
N LEU A 265 -9.97 5.05 25.63
CA LEU A 265 -9.78 6.24 24.80
C LEU A 265 -11.10 6.67 24.17
N LYS A 266 -11.92 5.72 23.70
CA LYS A 266 -13.19 6.08 23.09
C LYS A 266 -14.15 6.68 24.10
N ALA A 267 -14.17 6.16 25.32
CA ALA A 267 -15.06 6.69 26.34
C ALA A 267 -14.63 8.05 26.85
N ARG A 268 -13.33 8.36 26.80
CA ARG A 268 -12.81 9.62 27.30
C ARG A 268 -12.52 10.64 26.21
N ASN A 269 -12.34 10.19 24.97
CA ASN A 269 -12.14 11.07 23.81
C ASN A 269 -10.85 11.89 23.96
N ILE A 270 -9.74 11.19 24.13
CA ILE A 270 -8.42 11.81 24.24
C ILE A 270 -7.48 11.14 23.24
N LEU A 271 -6.28 11.70 23.12
CA LEU A 271 -5.33 11.30 22.09
C LEU A 271 -4.21 10.45 22.66
N LEU A 272 -3.48 9.81 21.75
CA LEU A 272 -2.36 8.94 22.10
C LEU A 272 -1.24 9.14 21.08
N PHE A 273 -0.05 9.49 21.56
CA PHE A 273 1.11 9.73 20.72
C PHE A 273 2.14 8.62 20.91
N ALA A 274 3.08 8.54 19.97
CA ALA A 274 4.11 7.49 19.99
C ALA A 274 5.32 7.93 19.20
N PRO A 275 6.30 8.54 19.86
CA PRO A 275 7.56 8.88 19.19
C PRO A 275 8.47 7.68 19.04
N LEU A 276 9.57 7.87 18.31
CA LEU A 276 10.47 6.80 17.92
C LEU A 276 11.85 7.00 18.54
N THR A 277 12.62 5.91 18.56
CA THR A 277 13.96 5.87 19.11
C THR A 277 14.91 5.23 18.11
N ILE A 278 16.10 5.81 17.96
CA ILE A 278 17.12 5.31 17.04
C ILE A 278 18.34 4.88 17.85
N ASN A 279 18.80 3.65 17.61
CA ASN A 279 19.92 3.08 18.37
C ASN A 279 21.23 3.23 17.61
N SER A 280 21.64 4.48 17.41
CA SER A 280 22.89 4.81 16.74
C SER A 280 23.18 6.27 16.96
N LEU A 281 24.33 6.72 16.44
CA LEU A 281 24.68 8.12 16.50
C LEU A 281 23.85 8.93 15.51
N VAL A 282 23.85 10.26 15.69
CA VAL A 282 23.03 11.12 14.86
C VAL A 282 23.52 11.11 13.41
N ASP A 283 24.84 11.19 13.22
CA ASP A 283 25.38 11.24 11.87
C ASP A 283 25.14 9.95 11.10
N GLU A 284 25.23 8.80 11.77
CA GLU A 284 24.94 7.52 11.11
C GLU A 284 23.48 7.45 10.69
N TRP A 285 22.57 7.96 11.52
CA TRP A 285 21.15 7.90 11.23
C TRP A 285 20.79 8.74 10.00
N GLU A 286 21.42 9.90 9.84
CA GLU A 286 21.06 10.79 8.74
C GLU A 286 21.58 10.29 7.40
N ASN A 287 22.54 9.37 7.38
CA ASN A 287 23.08 8.83 6.14
C ASN A 287 22.47 7.48 5.76
N ASP A 288 21.54 6.98 6.54
CA ASP A 288 20.94 5.66 6.26
C ASP A 288 19.70 5.83 5.39
N PRO A 289 19.64 5.20 4.22
CA PRO A 289 18.47 5.36 3.35
C PRO A 289 17.23 4.61 3.79
N MET A 290 17.31 3.77 4.81
CA MET A 290 16.17 2.98 5.26
C MET A 290 15.56 3.49 6.55
N GLY A 291 16.37 3.69 7.59
CA GLY A 291 15.84 4.12 8.88
C GLY A 291 15.53 2.96 9.81
N MET A 292 14.56 2.13 9.44
CA MET A 292 14.20 0.96 10.23
C MET A 292 13.82 -0.19 9.30
N SER A 293 13.95 -1.41 9.81
CA SER A 293 13.56 -2.60 9.07
C SER A 293 13.50 -3.77 10.04
N GLY A 294 12.83 -4.83 9.60
CA GLY A 294 12.82 -6.07 10.36
C GLY A 294 11.89 -6.04 11.56
N GLY A 295 12.25 -6.82 12.58
CA GLY A 295 11.42 -6.93 13.76
C GLY A 295 11.33 -5.65 14.57
N PHE A 296 12.40 -4.86 14.59
CA PHE A 296 12.38 -3.64 15.38
C PHE A 296 11.39 -2.63 14.81
N MET A 297 11.20 -2.62 13.50
CA MET A 297 10.21 -1.74 12.90
C MET A 297 8.79 -2.17 13.27
N SER A 298 8.55 -3.48 13.37
CA SER A 298 7.23 -3.97 13.73
C SER A 298 6.86 -3.56 15.16
N GLN A 299 7.82 -3.64 16.08
CA GLN A 299 7.53 -3.32 17.47
C GLN A 299 7.33 -1.83 17.68
N SER A 300 7.94 -1.00 16.84
CA SER A 300 7.94 0.45 17.07
C SER A 300 6.87 1.19 16.29
N ILE A 301 6.46 0.69 15.12
CA ILE A 301 5.57 1.41 14.22
C ILE A 301 4.32 0.60 13.90
N VAL A 302 4.48 -0.64 13.44
CA VAL A 302 3.36 -1.38 12.88
C VAL A 302 2.35 -1.74 13.97
N THR A 303 2.82 -2.23 15.09
CA THR A 303 1.94 -2.75 16.14
C THR A 303 1.21 -1.64 16.91
N PRO A 304 1.85 -0.51 17.24
CA PRO A 304 1.10 0.56 17.91
C PRO A 304 -0.04 1.15 17.08
N GLU A 305 -0.02 0.99 15.76
CA GLU A 305 -1.08 1.56 14.93
C GLU A 305 -2.43 0.88 15.19
N ILE A 306 -2.42 -0.37 15.66
CA ILE A 306 -3.66 -1.06 15.93
C ILE A 306 -4.41 -0.41 17.08
N ASP A 307 -3.68 0.17 18.04
CA ASP A 307 -4.33 0.89 19.13
C ASP A 307 -4.86 2.24 18.70
N GLY A 308 -4.25 2.85 17.68
CA GLY A 308 -4.70 4.14 17.20
C GLY A 308 -3.75 5.28 17.52
N ALA A 309 -2.46 4.97 17.59
CA ALA A 309 -1.45 5.98 17.86
C ALA A 309 -1.18 6.81 16.60
N ILE A 310 -0.71 8.05 16.81
CA ILE A 310 -0.46 9.00 15.73
C ILE A 310 0.92 9.60 15.91
N ARG A 311 1.37 10.30 14.87
CA ARG A 311 2.63 11.04 14.82
C ARG A 311 3.84 10.17 15.17
N PRO A 312 4.26 9.25 14.29
CA PRO A 312 5.50 8.52 14.54
C PRO A 312 6.72 9.40 14.31
N PHE A 313 7.04 10.24 15.29
CA PHE A 313 8.07 11.27 15.19
C PHE A 313 9.35 10.76 15.83
N ALA A 314 10.47 10.89 15.11
CA ALA A 314 11.76 10.44 15.63
C ALA A 314 12.33 11.48 16.59
N LEU A 315 12.62 11.04 17.81
CA LEU A 315 13.00 12.00 18.86
C LEU A 315 14.30 11.66 19.57
N PHE A 316 14.60 10.38 19.78
CA PHE A 316 15.72 9.97 20.61
C PHE A 316 16.83 9.35 19.79
N ALA A 317 18.06 9.56 20.23
CA ALA A 317 19.25 9.03 19.57
C ALA A 317 20.31 8.76 20.64
N GLN A 318 21.56 8.57 20.21
CA GLN A 318 22.66 8.26 21.11
C GLN A 318 23.84 9.18 20.84
N TYR A 319 24.68 9.34 21.86
CA TYR A 319 25.93 10.09 21.71
C TYR A 319 27.00 9.42 22.56
N GLU A 320 28.26 9.64 22.21
CA GLU A 320 29.40 9.07 22.91
C GLU A 320 29.99 10.08 23.87
N ASP A 321 30.44 9.59 25.03
CA ASP A 321 31.03 10.43 26.04
C ASP A 321 32.55 10.42 25.88
N LYS A 322 33.25 11.01 26.86
CA LYS A 322 34.70 11.14 26.76
C LYS A 322 35.40 9.79 26.80
N GLU A 323 34.95 8.88 27.66
CA GLU A 323 35.60 7.58 27.78
C GLU A 323 35.27 6.68 26.61
N GLY A 324 34.09 6.83 26.02
CA GLY A 324 33.69 5.99 24.90
C GLY A 324 32.46 5.17 25.18
N LEU A 325 31.59 5.68 26.05
CA LEU A 325 30.35 5.01 26.42
C LEU A 325 29.17 5.71 25.76
N ARG A 326 28.22 4.92 25.26
CA ARG A 326 27.03 5.46 24.64
C ARG A 326 26.03 5.90 25.70
N HIS A 327 25.32 6.99 25.43
CA HIS A 327 24.26 7.47 26.30
C HIS A 327 23.05 7.83 25.45
N SER A 328 21.88 7.78 26.05
CA SER A 328 20.63 8.09 25.39
C SER A 328 20.18 9.49 25.76
N TYR A 329 19.74 10.26 24.76
CA TYR A 329 19.28 11.62 24.99
C TYR A 329 18.28 11.99 23.90
N ALA A 330 17.71 13.18 24.04
CA ALA A 330 16.77 13.72 23.06
C ALA A 330 17.46 14.81 22.25
N VAL A 331 17.36 14.74 20.94
CA VAL A 331 18.04 15.70 20.07
C VAL A 331 17.42 17.08 20.28
N PRO A 332 18.21 18.11 20.58
CA PRO A 332 17.63 19.42 20.92
C PRO A 332 16.77 20.02 19.83
N GLU A 333 17.12 19.84 18.56
CA GLU A 333 16.32 20.44 17.49
C GLU A 333 15.01 19.70 17.29
N ARG A 334 15.00 18.38 17.49
CA ARG A 334 13.77 17.61 17.35
C ARG A 334 12.84 17.84 18.53
N LEU A 335 13.39 18.19 19.70
CA LEU A 335 12.57 18.37 20.89
C LEU A 335 11.70 19.61 20.78
N LYS A 336 12.21 20.68 20.17
CA LYS A 336 11.43 21.90 20.03
C LYS A 336 10.20 21.68 19.16
N THR A 337 10.36 20.95 18.05
CA THR A 337 9.24 20.73 17.16
C THR A 337 8.18 19.83 17.79
N PHE A 338 8.61 18.87 18.62
CA PHE A 338 7.66 17.92 19.21
C PHE A 338 6.79 18.60 20.26
N VAL A 339 7.38 19.46 21.09
CA VAL A 339 6.60 20.13 22.13
C VAL A 339 5.59 21.10 21.51
N SER A 340 5.99 21.76 20.42
CA SER A 340 5.06 22.65 19.73
C SER A 340 3.89 21.89 19.14
N THR A 341 4.13 20.67 18.67
CA THR A 341 3.05 19.87 18.10
C THR A 341 2.02 19.48 19.15
N ILE A 342 2.47 19.17 20.37
CA ILE A 342 1.55 18.81 21.44
C ILE A 342 0.63 19.97 21.78
N ASP A 343 1.17 21.18 21.82
CA ASP A 343 0.35 22.35 22.12
C ASP A 343 -0.72 22.57 21.07
N ASN A 344 -0.38 22.39 19.79
CA ASN A 344 -1.35 22.64 18.73
C ASN A 344 -2.52 21.67 18.80
N TYR A 345 -2.25 20.40 19.10
CA TYR A 345 -3.34 19.42 19.19
C TYR A 345 -4.24 19.70 20.39
N LEU A 346 -3.66 20.10 21.53
CA LEU A 346 -4.46 20.33 22.72
C LEU A 346 -5.25 21.63 22.65
N ASN A 347 -4.79 22.59 21.85
CA ASN A 347 -5.51 23.86 21.74
C ASN A 347 -6.73 23.79 20.86
N LEU A 348 -6.90 22.71 20.08
CA LEU A 348 -8.11 22.57 19.27
C LEU A 348 -9.35 22.41 20.12
N LYS A 349 -9.19 21.87 21.34
CA LYS A 349 -10.35 21.60 22.19
C LYS A 349 -10.89 22.87 22.85
N THR A 350 -10.03 23.84 23.12
CA THR A 350 -10.45 25.03 23.86
C THR A 350 -10.72 26.24 22.97
N LYS A 351 -10.11 26.32 21.80
CA LYS A 351 -10.30 27.48 20.94
C LYS A 351 -11.71 27.48 20.35
N PRO A 352 -12.39 28.62 20.34
CA PRO A 352 -13.73 28.68 19.76
C PRO A 352 -13.71 28.42 18.26
N ASN A 353 -14.80 27.84 17.77
CA ASN A 353 -14.89 27.50 16.34
C ASN A 353 -14.86 28.75 15.47
N PHE A 354 -15.28 29.89 15.99
CA PHE A 354 -15.37 31.10 15.18
C PHE A 354 -14.00 31.71 14.88
N GLU A 355 -12.92 31.18 15.46
CA GLU A 355 -11.59 31.75 15.28
C GLU A 355 -10.60 30.79 14.66
N LYS A 356 -10.96 29.54 14.44
CA LYS A 356 -10.04 28.57 13.85
C LYS A 356 -9.86 28.85 12.36
N LYS A 357 -8.70 28.46 11.84
CA LYS A 357 -8.35 28.61 10.44
C LYS A 357 -7.97 27.25 9.88
N VAL A 358 -8.56 26.89 8.73
CA VAL A 358 -8.39 25.57 8.14
C VAL A 358 -7.98 25.74 6.67
N ALA A 359 -7.09 24.88 6.22
CA ALA A 359 -6.65 24.86 4.83
C ALA A 359 -6.95 23.50 4.21
N ILE A 360 -7.46 23.51 2.98
CA ILE A 360 -7.89 22.31 2.29
C ILE A 360 -7.21 22.25 0.93
N TYR A 361 -6.67 21.07 0.59
CA TYR A 361 -6.01 20.84 -0.69
C TYR A 361 -6.82 19.87 -1.53
N TYR A 362 -6.90 20.14 -2.83
CA TYR A 362 -7.55 19.26 -3.78
C TYR A 362 -6.65 19.08 -5.00
N TYR A 363 -6.99 18.11 -5.83
CA TYR A 363 -6.21 17.76 -7.01
C TYR A 363 -7.04 18.04 -8.26
N LYS A 364 -6.47 18.78 -9.20
CA LYS A 364 -7.16 19.19 -10.41
C LYS A 364 -6.28 18.97 -11.62
N GLY A 365 -6.90 18.71 -12.76
CA GLY A 365 -6.19 18.50 -14.00
C GLY A 365 -5.76 19.80 -14.64
N PRO A 366 -4.80 19.72 -15.58
CA PRO A 366 -4.31 20.93 -16.24
C PRO A 366 -5.37 21.54 -17.15
N GLY A 367 -5.31 22.86 -17.29
CA GLY A 367 -6.21 23.56 -18.18
C GLY A 367 -7.63 23.66 -17.67
N GLN A 368 -8.55 22.95 -18.33
CA GLN A 368 -9.96 22.98 -17.97
C GLN A 368 -10.48 21.60 -17.58
N ASN A 369 -9.60 20.72 -17.14
CA ASN A 369 -10.02 19.40 -16.71
C ASN A 369 -10.64 19.47 -15.32
N ALA A 370 -11.32 18.39 -14.93
CA ALA A 370 -12.12 18.37 -13.73
C ALA A 370 -11.29 17.95 -12.52
N LEU A 371 -11.91 18.01 -11.34
CA LEU A 371 -11.30 17.56 -10.09
C LEU A 371 -11.55 16.06 -9.94
N THR A 372 -10.53 15.35 -9.46
CA THR A 372 -10.58 13.89 -9.43
C THR A 372 -10.21 13.36 -8.04
N ALA A 373 -10.90 12.29 -7.66
CA ALA A 373 -10.60 11.51 -6.47
C ALA A 373 -11.12 10.11 -6.70
N ALA A 374 -10.60 9.16 -5.92
CA ALA A 374 -10.93 7.76 -6.16
C ALA A 374 -12.39 7.45 -5.86
N GLY A 375 -13.21 7.38 -6.91
CA GLY A 375 -14.60 7.01 -6.75
C GLY A 375 -15.45 8.00 -5.97
N MET A 376 -15.22 9.29 -6.19
CA MET A 376 -15.97 10.32 -5.47
C MET A 376 -16.30 11.46 -6.41
N GLU A 377 -17.47 12.05 -6.21
CA GLU A 377 -17.88 13.26 -6.92
C GLU A 377 -17.38 14.45 -6.10
N VAL A 378 -16.34 15.12 -6.60
CA VAL A 378 -15.54 15.99 -5.74
C VAL A 378 -16.27 17.29 -5.44
N VAL A 379 -16.75 17.99 -6.47
CA VAL A 379 -17.31 19.33 -6.28
C VAL A 379 -18.56 19.30 -5.40
N PRO A 380 -19.54 18.42 -5.63
CA PRO A 380 -20.67 18.35 -4.68
C PRO A 380 -20.25 17.97 -3.27
N SER A 381 -19.22 17.13 -3.13
CA SER A 381 -18.77 16.76 -1.79
C SER A 381 -18.14 17.95 -1.06
N LEU A 382 -17.40 18.78 -1.79
CA LEU A 382 -16.80 19.97 -1.17
C LEU A 382 -17.88 20.92 -0.67
N TYR A 383 -18.96 21.09 -1.44
CA TYR A 383 -20.01 22.02 -1.05
C TYR A 383 -20.73 21.54 0.22
N ASN A 384 -20.97 20.23 0.33
CA ASN A 384 -21.66 19.71 1.51
C ASN A 384 -20.82 19.89 2.76
N LEU A 385 -19.50 19.74 2.64
CA LEU A 385 -18.62 19.92 3.79
C LEU A 385 -18.67 21.34 4.32
N LEU A 386 -18.68 22.33 3.41
CA LEU A 386 -18.69 23.72 3.85
C LEU A 386 -20.02 24.12 4.48
N LEU A 387 -21.12 23.51 4.04
CA LEU A 387 -22.40 23.75 4.72
C LEU A 387 -22.40 23.19 6.13
N ARG A 388 -21.79 22.02 6.32
CA ARG A 388 -21.72 21.43 7.66
C ARG A 388 -20.88 22.28 8.59
N MET A 389 -19.75 22.80 8.10
CA MET A 389 -18.91 23.63 8.94
C MET A 389 -19.60 24.92 9.33
N LYS A 390 -20.39 25.49 8.41
CA LYS A 390 -21.09 26.74 8.70
C LYS A 390 -22.09 26.56 9.83
N GLN A 391 -22.77 25.41 9.89
CA GLN A 391 -23.72 25.15 10.96
C GLN A 391 -23.00 24.97 12.30
N GLU A 392 -21.79 24.40 12.28
CA GLU A 392 -21.06 24.18 13.53
C GLU A 392 -20.60 25.47 14.18
N GLY A 393 -20.52 26.56 13.43
CA GLY A 393 -20.14 27.84 14.01
C GLY A 393 -18.88 28.43 13.43
N TYR A 394 -18.30 27.77 12.43
CA TYR A 394 -17.10 28.30 11.79
C TYR A 394 -17.43 29.57 11.00
N ASN A 395 -16.42 30.41 10.83
CA ASN A 395 -16.57 31.69 10.17
C ASN A 395 -16.41 31.49 8.67
N ILE A 396 -17.52 31.19 8.00
CA ILE A 396 -17.55 30.98 6.55
C ILE A 396 -18.49 32.01 5.96
N SER A 397 -17.98 32.84 5.03
CA SER A 397 -18.77 33.89 4.42
C SER A 397 -18.46 33.94 2.92
N GLY A 398 -19.43 34.40 2.15
CA GLY A 398 -19.28 34.49 0.71
C GLY A 398 -19.51 33.19 -0.02
N LEU A 399 -20.12 32.21 0.62
CA LEU A 399 -20.40 30.93 -0.01
C LEU A 399 -21.48 31.09 -1.08
N PRO A 400 -21.30 30.48 -2.27
CA PRO A 400 -22.28 30.65 -3.35
C PRO A 400 -23.60 29.96 -3.06
N ALA A 401 -24.54 30.05 -4.02
CA ALA A 401 -25.89 29.55 -3.78
C ALA A 401 -25.96 28.03 -3.81
N ASN A 402 -25.30 27.39 -4.78
CA ASN A 402 -25.37 25.94 -4.93
C ASN A 402 -24.05 25.42 -5.46
N ALA A 403 -23.98 24.11 -5.65
CA ALA A 403 -22.72 23.48 -6.03
C ALA A 403 -22.32 23.82 -7.46
N GLN A 404 -23.28 24.15 -8.33
CA GLN A 404 -22.94 24.53 -9.69
C GLN A 404 -22.18 25.85 -9.71
N GLU A 405 -22.56 26.80 -8.87
CA GLU A 405 -21.84 28.06 -8.79
C GLU A 405 -20.43 27.88 -8.24
N LEU A 406 -20.26 26.95 -7.30
CA LEU A 406 -18.93 26.70 -6.73
C LEU A 406 -17.96 26.19 -7.77
N GLY A 407 -18.44 25.34 -8.69
CA GLY A 407 -17.57 24.81 -9.73
C GLY A 407 -17.05 25.88 -10.65
N LYS A 408 -17.87 26.90 -10.94
CA LYS A 408 -17.43 27.99 -11.80
C LYS A 408 -16.39 28.86 -11.13
N MET A 409 -16.51 29.07 -9.82
CA MET A 409 -15.52 29.87 -9.10
C MET A 409 -14.17 29.18 -9.05
N ILE A 410 -14.15 27.85 -8.90
CA ILE A 410 -12.89 27.12 -8.86
C ILE A 410 -12.15 27.23 -10.19
N GLN A 411 -12.88 27.09 -11.29
CA GLN A 411 -12.25 27.22 -12.60
C GLN A 411 -11.68 28.62 -12.81
N ALA A 412 -12.38 29.65 -12.33
CA ALA A 412 -11.95 31.02 -12.53
C ALA A 412 -10.76 31.39 -11.66
N GLN A 413 -10.69 30.87 -10.43
CA GLN A 413 -9.68 31.31 -9.48
C GLN A 413 -8.81 30.20 -8.90
N GLY A 414 -8.97 28.96 -9.35
CA GLY A 414 -8.22 27.86 -8.77
C GLY A 414 -7.63 26.89 -9.76
N ALA A 415 -7.24 27.37 -10.94
CA ALA A 415 -6.75 26.50 -12.00
C ALA A 415 -5.24 26.36 -11.94
N VAL A 416 -4.74 25.32 -12.62
CA VAL A 416 -3.31 25.06 -12.76
C VAL A 416 -3.00 24.88 -14.24
N PHE A 417 -1.74 25.12 -14.60
CA PHE A 417 -1.33 25.11 -16.00
C PHE A 417 0.03 24.41 -16.13
N ASN A 418 0.29 23.93 -17.34
CA ASN A 418 1.58 23.32 -17.66
C ASN A 418 2.60 24.38 -18.02
N ALA A 419 3.84 23.95 -18.22
CA ALA A 419 4.94 24.88 -18.44
C ALA A 419 4.91 25.51 -19.83
N TYR A 420 4.33 24.85 -20.82
CA TYR A 420 4.36 25.34 -22.19
C TYR A 420 3.21 26.29 -22.51
N ALA A 421 2.25 26.46 -21.60
CA ALA A 421 1.09 27.30 -21.86
C ALA A 421 1.32 28.71 -21.31
N GLU A 422 2.30 29.39 -21.90
CA GLU A 422 2.68 30.72 -21.44
C GLU A 422 1.52 31.71 -21.57
N GLY A 423 0.79 31.64 -22.68
CA GLY A 423 -0.33 32.54 -22.86
C GLY A 423 -1.48 32.26 -21.94
N ALA A 424 -1.53 31.07 -21.36
CA ALA A 424 -2.65 30.71 -20.49
C ALA A 424 -2.51 31.32 -19.11
N PHE A 425 -1.35 31.13 -18.46
CA PHE A 425 -1.21 31.62 -17.10
C PHE A 425 -0.78 33.08 -17.02
N ASN A 426 -0.40 33.70 -18.15
CA ASN A 426 -0.21 35.14 -18.14
C ASN A 426 -1.53 35.87 -18.12
N ASP A 427 -2.58 35.27 -18.70
CA ASP A 427 -3.91 35.84 -18.61
C ASP A 427 -4.52 35.62 -17.22
N PHE A 428 -4.15 34.52 -16.56
CA PHE A 428 -4.65 34.25 -15.21
C PHE A 428 -4.11 35.26 -14.20
N MET A 429 -2.88 35.71 -14.38
CA MET A 429 -2.28 36.66 -13.44
C MET A 429 -3.05 37.97 -13.39
N GLN A 430 -3.81 38.27 -14.43
CA GLN A 430 -4.51 39.55 -14.53
C GLN A 430 -6.02 39.43 -14.34
N ASN A 431 -6.55 38.21 -14.22
CA ASN A 431 -7.98 38.01 -14.07
C ASN A 431 -8.35 37.10 -12.91
N GLY A 432 -7.38 36.44 -12.27
CA GLY A 432 -7.68 35.49 -11.23
C GLY A 432 -7.44 35.98 -9.82
N HIS A 433 -6.76 37.13 -9.71
CA HIS A 433 -6.42 37.74 -8.43
C HIS A 433 -5.72 36.76 -7.49
N PRO A 434 -4.49 36.34 -7.81
CA PRO A 434 -3.78 35.39 -6.96
C PRO A 434 -3.18 36.09 -5.74
N GLU A 435 -2.45 35.30 -4.95
CA GLU A 435 -1.73 35.81 -3.79
C GLU A 435 -0.28 36.07 -4.18
N LEU A 436 0.21 37.26 -3.85
CA LEU A 436 1.53 37.70 -4.27
C LEU A 436 2.52 37.60 -3.11
N ILE A 437 3.67 36.99 -3.37
CA ILE A 437 4.70 36.75 -2.37
C ILE A 437 5.95 37.52 -2.76
N THR A 438 6.47 38.32 -1.84
CA THR A 438 7.67 39.11 -2.08
C THR A 438 8.91 38.30 -1.68
N LYS A 439 10.07 38.82 -2.10
CA LYS A 439 11.31 38.10 -1.84
C LYS A 439 11.67 38.09 -0.37
N GLU A 440 11.38 39.19 0.34
CA GLU A 440 11.69 39.26 1.77
C GLU A 440 10.89 38.24 2.56
N GLN A 441 9.60 38.08 2.23
CA GLN A 441 8.79 37.08 2.92
C GLN A 441 9.31 35.67 2.67
N TYR A 442 9.68 35.36 1.43
CA TYR A 442 10.10 34.01 1.08
C TYR A 442 11.39 33.62 1.79
N GLU A 443 12.36 34.53 1.84
CA GLU A 443 13.65 34.18 2.45
C GLU A 443 13.57 34.06 3.96
N SER A 444 12.70 34.84 4.61
CA SER A 444 12.53 34.69 6.05
C SER A 444 11.87 33.35 6.39
N TRP A 445 10.96 32.88 5.53
CA TRP A 445 10.33 31.58 5.77
C TRP A 445 11.32 30.45 5.52
N VAL A 446 12.17 30.57 4.49
CA VAL A 446 13.11 29.51 4.17
C VAL A 446 14.16 29.36 5.26
N LYS A 447 14.68 30.49 5.76
CA LYS A 447 15.71 30.44 6.79
C LYS A 447 15.19 29.85 8.09
N GLU A 448 13.88 29.85 8.30
CA GLU A 448 13.30 29.32 9.52
C GLU A 448 12.91 27.86 9.42
N SER A 449 12.62 27.36 8.22
CA SER A 449 12.05 26.03 8.05
C SER A 449 12.98 25.03 7.41
N LEU A 450 13.88 25.44 6.52
CA LEU A 450 14.72 24.53 5.76
C LEU A 450 16.17 24.66 6.19
N ARG A 451 16.98 23.71 5.74
CA ARG A 451 18.42 23.72 5.96
C ARG A 451 19.14 24.31 4.76
N PRO A 452 20.26 25.02 5.00
CA PRO A 452 20.93 25.70 3.88
C PRO A 452 21.38 24.76 2.76
N GLU A 453 21.82 23.55 3.10
CA GLU A 453 22.33 22.65 2.08
C GLU A 453 21.21 22.10 1.20
N LYS A 454 20.02 21.90 1.76
CA LYS A 454 18.91 21.38 0.98
C LYS A 454 18.30 22.45 0.08
N TYR A 455 18.22 23.69 0.54
CA TYR A 455 17.72 24.76 -0.30
C TYR A 455 18.65 25.08 -1.45
N GLN A 456 19.94 24.76 -1.32
CA GLN A 456 20.89 24.99 -2.40
C GLN A 456 20.61 24.07 -3.58
N GLU A 457 19.99 22.91 -3.34
CA GLU A 457 19.64 22.02 -4.43
C GLU A 457 18.52 22.58 -5.28
N VAL A 458 17.60 23.34 -4.68
CA VAL A 458 16.53 23.97 -5.45
C VAL A 458 17.10 25.03 -6.38
N VAL A 459 18.13 25.75 -5.93
CA VAL A 459 18.71 26.81 -6.74
C VAL A 459 19.44 26.22 -7.95
N ASP A 460 20.10 25.08 -7.76
CA ASP A 460 20.86 24.48 -8.86
C ASP A 460 19.96 23.97 -9.98
N ALA A 461 18.73 23.60 -9.66
CA ALA A 461 17.82 23.01 -10.64
C ALA A 461 16.84 24.02 -11.23
N PHE A 462 16.46 25.05 -10.49
CA PHE A 462 15.47 26.01 -10.94
C PHE A 462 15.92 27.45 -10.94
N GLY A 463 17.07 27.76 -10.34
CA GLY A 463 17.56 29.13 -10.28
C GLY A 463 17.05 29.86 -9.06
N GLU A 464 17.32 31.16 -9.05
CA GLU A 464 16.97 32.01 -7.93
C GLU A 464 15.47 32.33 -7.94
N PHE A 465 15.00 32.83 -6.79
CA PHE A 465 13.62 33.26 -6.67
C PHE A 465 13.34 34.40 -7.64
N PRO A 466 12.15 34.45 -8.25
CA PRO A 466 10.99 33.55 -8.11
C PRO A 466 10.92 32.43 -9.14
N GLY A 467 11.83 32.37 -10.11
CA GLY A 467 11.75 31.35 -11.13
C GLY A 467 11.15 31.86 -12.43
N ASN A 468 10.37 31.01 -13.11
CA ASN A 468 9.80 31.36 -14.40
C ASN A 468 8.31 31.12 -14.52
N TYR A 469 7.69 30.43 -13.57
CA TYR A 469 6.29 30.05 -13.66
C TYR A 469 5.43 31.00 -12.83
N MET A 470 4.53 31.72 -13.51
CA MET A 470 3.59 32.63 -12.87
C MET A 470 4.32 33.68 -12.01
N VAL A 471 5.10 34.51 -12.70
CA VAL A 471 5.91 35.54 -12.07
C VAL A 471 5.46 36.90 -12.59
N THR A 472 5.22 37.84 -11.68
CA THR A 472 4.87 39.19 -12.06
C THR A 472 6.10 39.94 -12.55
N PRO A 473 5.92 41.00 -13.34
CA PRO A 473 7.08 41.79 -13.79
C PRO A 473 7.86 42.42 -12.64
N ASP A 474 7.22 42.67 -11.50
CA ASP A 474 7.92 43.29 -10.37
C ASP A 474 8.90 42.34 -9.71
N GLY A 475 8.70 41.03 -9.84
CA GLY A 475 9.58 40.07 -9.21
C GLY A 475 8.92 39.34 -8.05
N LYS A 476 7.62 39.09 -8.17
CA LYS A 476 6.86 38.39 -7.15
C LYS A 476 6.36 37.05 -7.69
N LEU A 477 5.84 36.24 -6.78
CA LEU A 477 5.33 34.92 -7.10
C LEU A 477 3.83 34.87 -6.83
N GLY A 478 3.08 34.21 -7.71
CA GLY A 478 1.64 34.13 -7.59
C GLY A 478 1.19 32.77 -7.11
N ILE A 479 0.24 32.77 -6.19
CA ILE A 479 -0.35 31.56 -5.63
C ILE A 479 -1.86 31.62 -5.85
N ALA A 480 -2.40 30.56 -6.43
CA ALA A 480 -3.83 30.48 -6.70
C ALA A 480 -4.56 29.93 -5.48
N ARG A 481 -5.56 30.66 -4.99
CA ARG A 481 -6.32 30.22 -3.84
C ARG A 481 -7.71 30.85 -3.89
N LEU A 482 -8.61 30.30 -3.09
CA LEU A 482 -9.99 30.76 -3.01
C LEU A 482 -10.41 30.71 -1.55
N GLN A 483 -10.69 31.87 -0.97
CA GLN A 483 -10.88 32.00 0.47
C GLN A 483 -12.32 32.38 0.79
N PHE A 484 -12.90 31.69 1.77
CA PHE A 484 -14.24 31.97 2.31
C PHE A 484 -14.09 32.22 3.80
N GLY A 485 -13.80 33.46 4.18
CA GLY A 485 -13.65 33.80 5.58
C GLY A 485 -12.39 33.21 6.19
N ASN A 486 -12.55 32.24 7.09
CA ASN A 486 -11.43 31.60 7.75
C ASN A 486 -11.07 30.25 7.14
N VAL A 487 -11.57 29.94 5.95
CA VAL A 487 -11.28 28.70 5.25
C VAL A 487 -10.77 29.04 3.85
N VAL A 488 -9.70 28.37 3.45
CA VAL A 488 -9.06 28.62 2.15
C VAL A 488 -8.93 27.30 1.41
N LEU A 489 -9.10 27.35 0.09
CA LEU A 489 -8.96 26.18 -0.78
C LEU A 489 -7.81 26.41 -1.74
N LEU A 490 -6.90 25.44 -1.83
CA LEU A 490 -5.76 25.54 -2.73
C LEU A 490 -5.62 24.30 -3.57
N PRO A 491 -5.19 24.44 -4.82
CA PRO A 491 -4.83 23.27 -5.62
C PRO A 491 -3.38 22.86 -5.38
N GLN A 492 -3.09 21.61 -5.70
CA GLN A 492 -1.74 21.07 -5.55
C GLN A 492 -1.02 21.13 -6.89
N ASN A 493 0.19 21.68 -6.88
CA ASN A 493 0.95 21.88 -8.09
C ASN A 493 1.78 20.65 -8.41
N ALA A 494 2.69 20.76 -9.37
CA ALA A 494 3.53 19.64 -9.77
C ALA A 494 4.77 19.57 -8.89
N ALA A 495 5.10 18.35 -8.45
CA ALA A 495 6.23 18.13 -7.56
C ALA A 495 7.56 17.98 -8.30
N GLY A 496 7.54 17.95 -9.63
CA GLY A 496 8.76 17.80 -10.40
C GLY A 496 8.90 18.84 -11.49
N SER A 497 9.80 18.59 -12.44
CA SER A 497 10.05 19.50 -13.54
C SER A 497 9.68 18.84 -14.86
N GLY A 498 9.08 19.62 -15.76
CA GLY A 498 8.75 19.14 -17.08
C GLY A 498 9.91 19.25 -18.05
N ASP A 499 11.04 18.65 -17.69
CA ASP A 499 12.24 18.72 -18.51
C ASP A 499 12.16 17.90 -19.79
N ASN A 500 11.17 17.00 -19.90
CA ASN A 500 11.03 16.11 -21.06
C ASN A 500 12.30 15.28 -21.27
N SER A 501 12.98 14.96 -20.17
CA SER A 501 14.09 14.01 -20.17
C SER A 501 13.61 12.76 -19.46
N PHE A 502 13.42 11.67 -20.21
CA PHE A 502 12.73 10.50 -19.72
C PHE A 502 13.65 9.51 -19.00
N GLN A 503 14.96 9.62 -19.17
CA GLN A 503 15.89 8.74 -18.47
C GLN A 503 16.35 9.39 -17.17
N VAL A 504 16.34 8.62 -16.11
CA VAL A 504 16.72 9.07 -14.78
C VAL A 504 18.23 9.03 -14.65
N VAL A 505 18.82 10.08 -14.09
CA VAL A 505 20.25 10.16 -13.83
C VAL A 505 20.53 9.58 -12.46
N HIS A 506 21.52 8.69 -12.39
CA HIS A 506 21.80 7.96 -11.16
C HIS A 506 22.70 8.81 -10.26
N GLY A 507 22.25 9.04 -9.03
CA GLY A 507 23.02 9.78 -8.05
C GLY A 507 22.45 11.14 -7.66
N THR A 508 21.39 11.60 -8.29
CA THR A 508 20.80 12.90 -8.01
C THR A 508 19.32 12.74 -7.69
N ASP A 509 18.87 13.40 -6.64
CA ASP A 509 17.47 13.41 -6.27
C ASP A 509 16.73 14.53 -6.99
N MET A 510 15.40 14.52 -6.86
CA MET A 510 14.53 15.53 -7.46
C MET A 510 14.04 16.49 -6.39
N ALA A 511 14.24 17.78 -6.61
CA ALA A 511 13.72 18.75 -5.65
C ALA A 511 12.49 19.45 -6.22
N PRO A 512 11.51 19.77 -5.37
CA PRO A 512 10.31 20.46 -5.84
C PRO A 512 10.64 21.88 -6.27
N PRO A 513 9.85 22.46 -7.17
CA PRO A 513 10.12 23.82 -7.64
C PRO A 513 9.72 24.86 -6.59
N HIS A 514 9.96 26.13 -6.92
CA HIS A 514 9.66 27.22 -5.99
C HIS A 514 8.18 27.30 -5.69
N THR A 515 7.33 27.11 -6.71
CA THR A 515 5.90 27.23 -6.52
C THR A 515 5.37 26.18 -5.55
N TYR A 516 5.87 24.95 -5.65
CA TYR A 516 5.45 23.89 -4.74
C TYR A 516 5.85 24.19 -3.31
N ILE A 517 7.07 24.70 -3.12
CA ILE A 517 7.55 25.01 -1.77
C ILE A 517 6.79 26.19 -1.17
N ALA A 518 6.60 27.25 -1.96
CA ALA A 518 6.01 28.46 -1.43
C ALA A 518 4.55 28.26 -1.02
N SER A 519 3.87 27.28 -1.61
CA SER A 519 2.48 27.04 -1.25
C SER A 519 2.35 26.51 0.17
N TYR A 520 3.22 25.58 0.56
CA TYR A 520 3.15 25.00 1.89
C TYR A 520 3.72 25.94 2.96
N LEU A 521 4.71 26.75 2.61
CA LEU A 521 5.27 27.68 3.59
C LEU A 521 4.35 28.85 3.86
N TRP A 522 3.55 29.25 2.88
CA TRP A 522 2.56 30.30 3.11
C TRP A 522 1.46 29.82 4.06
N MET A 523 1.11 28.54 4.00
CA MET A 523 0.10 27.99 4.91
C MET A 523 0.57 28.03 6.35
N GLN A 524 1.84 27.72 6.60
CA GLN A 524 2.35 27.66 7.96
C GLN A 524 2.56 29.04 8.56
N HIS A 525 3.11 29.97 7.78
CA HIS A 525 3.56 31.25 8.32
C HIS A 525 2.76 32.45 7.84
N GLY A 526 2.17 32.39 6.65
CA GLY A 526 1.39 33.51 6.17
C GLY A 526 -0.07 33.41 6.53
N PHE A 527 -0.71 32.29 6.21
CA PHE A 527 -2.09 32.06 6.59
C PHE A 527 -2.22 31.67 8.07
N LYS A 528 -1.20 31.00 8.61
CA LYS A 528 -1.18 30.55 10.00
C LYS A 528 -2.36 29.62 10.30
N ALA A 529 -2.37 28.50 9.58
CA ALA A 529 -3.46 27.55 9.70
C ALA A 529 -3.39 26.81 11.03
N ASP A 530 -4.57 26.40 11.51
CA ASP A 530 -4.67 25.57 12.71
C ASP A 530 -4.84 24.10 12.39
N ALA A 531 -5.24 23.76 11.16
CA ALA A 531 -5.40 22.37 10.76
C ALA A 531 -5.19 22.29 9.25
N LEU A 532 -4.87 21.08 8.79
CA LEU A 532 -4.59 20.84 7.38
C LEU A 532 -5.34 19.59 6.93
N ILE A 533 -5.97 19.68 5.76
CA ILE A 533 -6.79 18.60 5.22
C ILE A 533 -6.38 18.35 3.77
N HIS A 534 -6.18 17.08 3.43
CA HIS A 534 -6.04 16.64 2.05
C HIS A 534 -7.32 15.91 1.65
N PHE A 535 -7.90 16.30 0.52
CA PHE A 535 -9.25 15.91 0.15
C PHE A 535 -9.20 14.91 -1.00
N GLY A 536 -9.14 13.63 -0.67
CA GLY A 536 -9.27 12.56 -1.63
C GLY A 536 -8.02 11.72 -1.72
N THR A 537 -8.11 10.68 -2.55
CA THR A 537 -7.03 9.74 -2.81
C THR A 537 -6.57 9.89 -4.25
N HIS A 538 -5.31 10.26 -4.46
CA HIS A 538 -4.31 10.60 -3.46
C HIS A 538 -3.40 11.69 -4.01
N GLY A 539 -2.65 12.35 -3.13
CA GLY A 539 -1.76 13.43 -3.50
C GLY A 539 -0.37 12.95 -3.85
N SER A 540 0.59 13.86 -3.75
CA SER A 540 1.98 13.56 -4.08
C SER A 540 2.97 14.03 -3.03
N LEU A 541 2.50 14.57 -1.90
CA LEU A 541 3.42 15.08 -0.89
C LEU A 541 4.21 13.97 -0.22
N GLU A 542 3.59 12.81 -0.01
CA GLU A 542 4.23 11.73 0.75
C GLU A 542 5.13 10.85 -0.10
N PHE A 543 5.35 11.20 -1.37
CA PHE A 543 6.24 10.45 -2.24
C PHE A 543 7.50 11.22 -2.60
N THR A 544 7.77 12.32 -1.93
CA THR A 544 8.97 13.10 -2.16
C THR A 544 10.15 12.48 -1.41
N PRO A 545 11.39 12.78 -1.83
CA PRO A 545 12.56 12.15 -1.21
C PRO A 545 12.69 12.52 0.26
N ARG A 546 13.53 11.76 0.98
CA ARG A 546 14.31 10.60 0.56
C ARG A 546 14.07 9.32 1.36
N LYS A 547 14.11 9.44 2.69
CA LYS A 547 14.16 8.26 3.55
C LYS A 547 12.81 7.57 3.62
N GLN A 548 12.83 6.27 3.92
CA GLN A 548 11.61 5.47 3.95
C GLN A 548 10.78 5.78 5.20
N VAL A 549 11.33 5.49 6.38
CA VAL A 549 10.66 5.75 7.64
C VAL A 549 11.66 6.40 8.58
N ALA A 550 11.14 6.93 9.69
CA ALA A 550 11.94 7.65 10.68
C ALA A 550 12.72 8.79 10.03
N LEU A 551 11.96 9.74 9.48
CA LEU A 551 12.55 10.81 8.70
C LEU A 551 13.34 11.77 9.58
N CYS A 552 14.24 12.52 8.95
CA CYS A 552 15.07 13.51 9.61
C CYS A 552 14.76 14.88 9.02
N SER A 553 15.57 15.88 9.41
CA SER A 553 15.34 17.24 8.98
C SER A 553 15.71 17.48 7.52
N ASN A 554 16.32 16.52 6.84
CA ASN A 554 16.67 16.65 5.44
C ASN A 554 15.59 16.14 4.50
N ASP A 555 14.47 15.66 5.02
CA ASP A 555 13.44 15.04 4.21
C ASP A 555 12.29 16.01 3.96
N TRP A 556 11.86 16.11 2.71
CA TRP A 556 10.85 17.09 2.34
C TRP A 556 9.49 16.88 2.99
N PRO A 557 8.93 15.67 3.07
CA PRO A 557 7.61 15.53 3.73
C PRO A 557 7.61 15.99 5.18
N ASP A 558 8.73 15.84 5.88
CA ASP A 558 8.80 16.27 7.27
C ASP A 558 8.79 17.79 7.37
N ARG A 559 9.53 18.47 6.49
CA ARG A 559 9.70 19.92 6.61
C ARG A 559 8.45 20.68 6.17
N LEU A 560 7.77 20.20 5.13
CA LEU A 560 6.66 20.96 4.56
C LEU A 560 5.38 20.85 5.39
N VAL A 561 5.31 19.92 6.32
CA VAL A 561 4.13 19.80 7.18
C VAL A 561 4.32 20.60 8.46
N GLY A 562 5.49 20.51 9.07
CA GLY A 562 5.76 21.28 10.27
C GLY A 562 5.10 20.73 11.52
N ALA A 563 4.52 21.62 12.32
CA ALA A 563 3.87 21.26 13.57
C ALA A 563 2.36 21.53 13.52
N VAL A 564 1.75 21.27 12.39
CA VAL A 564 0.33 21.53 12.15
C VAL A 564 -0.42 20.20 12.19
N PRO A 565 -1.55 20.12 12.89
CA PRO A 565 -2.36 18.89 12.83
C PRO A 565 -2.78 18.59 11.40
N HIS A 566 -2.73 17.30 11.05
CA HIS A 566 -2.89 16.86 9.66
C HIS A 566 -3.96 15.80 9.59
N TYR A 567 -4.93 15.98 8.69
CA TYR A 567 -6.00 15.03 8.45
C TYR A 567 -6.09 14.73 6.96
N TYR A 568 -6.54 13.52 6.65
CA TYR A 568 -6.44 12.99 5.29
C TYR A 568 -7.62 12.07 5.03
N LEU A 569 -8.46 12.42 4.06
CA LEU A 569 -9.57 11.59 3.65
C LEU A 569 -9.09 10.53 2.66
N TYR A 570 -9.37 9.27 2.94
CA TYR A 570 -8.87 8.17 2.13
C TYR A 570 -9.99 7.17 1.88
N SER A 571 -9.85 6.42 0.79
CA SER A 571 -10.83 5.40 0.41
C SER A 571 -10.47 4.07 1.03
N ILE A 572 -11.51 3.28 1.34
CA ILE A 572 -11.30 1.98 1.97
C ILE A 572 -10.75 0.93 1.01
N GLY A 573 -10.81 1.17 -0.30
CA GLY A 573 -10.33 0.22 -1.27
C GLY A 573 -8.86 0.34 -1.65
N ASN A 574 -8.11 1.22 -1.00
CA ASN A 574 -6.72 1.48 -1.34
C ASN A 574 -5.86 1.50 -0.07
N VAL A 575 -6.01 0.47 0.76
CA VAL A 575 -5.37 0.44 2.07
C VAL A 575 -3.85 0.45 1.93
N GLY A 576 -3.33 -0.18 0.88
CA GLY A 576 -1.88 -0.35 0.77
C GLY A 576 -1.13 0.97 0.66
N GLU A 577 -1.64 1.90 -0.14
CA GLU A 577 -0.97 3.18 -0.33
C GLU A 577 -1.23 4.18 0.78
N GLY A 578 -2.21 3.91 1.65
CA GLY A 578 -2.49 4.82 2.74
C GLY A 578 -1.48 4.77 3.87
N MET A 579 -0.66 3.72 3.92
CA MET A 579 0.35 3.62 4.96
C MET A 579 1.49 4.60 4.73
N MET A 580 1.71 5.02 3.49
CA MET A 580 2.75 6.01 3.21
C MET A 580 2.37 7.36 3.80
N ALA A 581 1.09 7.72 3.76
CA ALA A 581 0.65 8.99 4.32
C ALA A 581 0.82 9.01 5.84
N LYS A 582 0.57 7.88 6.50
CA LYS A 582 0.66 7.85 7.96
C LYS A 582 2.10 7.91 8.44
N ARG A 583 3.00 7.22 7.75
CA ARG A 583 4.37 7.04 8.23
C ARG A 583 5.35 8.06 7.69
N ARG A 584 4.99 8.84 6.68
CA ARG A 584 5.90 9.80 6.10
C ARG A 584 5.42 11.24 6.19
N SER A 585 4.11 11.48 6.31
CA SER A 585 3.58 12.82 6.45
C SER A 585 2.81 13.04 7.74
N TYR A 586 2.75 12.03 8.62
CA TYR A 586 2.14 12.17 9.94
C TYR A 586 0.65 12.55 9.83
N ALA A 587 -0.10 11.76 9.08
CA ALA A 587 -1.49 12.05 8.80
C ALA A 587 -2.41 11.11 9.57
N THR A 588 -3.61 11.60 9.87
CA THR A 588 -4.67 10.80 10.47
C THR A 588 -5.71 10.53 9.38
N LEU A 589 -5.96 9.26 9.11
CA LEU A 589 -6.81 8.87 7.98
C LEU A 589 -8.28 8.86 8.39
N GLN A 590 -9.13 9.32 7.48
CA GLN A 590 -10.58 9.24 7.63
C GLN A 590 -11.13 8.55 6.40
N SER A 591 -11.84 7.45 6.60
CA SER A 591 -12.26 6.58 5.51
C SER A 591 -13.66 6.95 5.02
N TYR A 592 -13.88 6.79 3.72
CA TYR A 592 -15.17 7.00 3.10
C TYR A 592 -15.49 5.84 2.17
N LEU A 593 -16.74 5.78 1.73
CA LEU A 593 -17.29 4.63 1.04
C LEU A 593 -16.80 4.55 -0.41
N THR A 594 -17.24 3.50 -1.09
CA THR A 594 -17.04 3.19 -2.49
C THR A 594 -18.35 3.33 -3.25
N PRO A 595 -18.31 3.41 -4.57
CA PRO A 595 -19.56 3.47 -5.35
C PRO A 595 -20.35 2.18 -5.20
N PRO A 596 -21.67 2.25 -5.37
CA PRO A 596 -22.49 1.04 -5.22
C PRO A 596 -22.28 0.07 -6.37
N PHE A 597 -22.82 -1.13 -6.20
CA PHE A 597 -22.68 -2.22 -7.16
C PHE A 597 -24.04 -2.62 -7.71
N LEU A 598 -24.03 -3.18 -8.92
CA LEU A 598 -25.23 -3.68 -9.56
C LEU A 598 -24.84 -4.76 -10.56
N GLU A 599 -25.85 -5.36 -11.19
CA GLU A 599 -25.64 -6.40 -12.18
C GLU A 599 -25.43 -5.80 -13.56
N SER A 600 -24.74 -6.55 -14.42
CA SER A 600 -24.44 -6.09 -15.76
C SER A 600 -25.68 -6.09 -16.66
N SER A 601 -26.61 -7.00 -16.42
CA SER A 601 -27.87 -7.07 -17.18
C SER A 601 -27.63 -7.26 -18.67
N VAL A 602 -26.63 -8.08 -19.02
CA VAL A 602 -26.33 -8.41 -20.41
C VAL A 602 -26.83 -9.80 -20.78
N ARG A 603 -27.60 -10.45 -19.90
CA ARG A 603 -28.08 -11.80 -20.17
C ARG A 603 -29.03 -11.85 -21.36
N GLY A 604 -29.77 -10.78 -21.61
CA GLY A 604 -30.68 -10.76 -22.76
C GLY A 604 -29.99 -10.60 -24.10
N ILE A 605 -28.78 -10.03 -24.12
CA ILE A 605 -28.05 -9.89 -25.38
C ILE A 605 -27.56 -11.24 -25.88
N TYR A 606 -27.03 -12.08 -25.00
CA TYR A 606 -26.48 -13.37 -25.38
C TYR A 606 -27.45 -14.52 -25.11
N ARG A 607 -28.75 -14.25 -25.13
CA ARG A 607 -29.72 -15.29 -24.81
C ARG A 607 -29.82 -16.31 -25.94
N GLU A 608 -29.76 -15.85 -27.20
CA GLU A 608 -29.88 -16.77 -28.32
C GLU A 608 -28.71 -17.76 -28.37
N LEU A 609 -27.50 -17.30 -28.06
CA LEU A 609 -26.35 -18.20 -28.07
C LEU A 609 -26.49 -19.29 -27.02
N MET A 610 -27.02 -18.96 -25.85
CA MET A 610 -27.16 -19.96 -24.80
C MET A 610 -28.15 -21.04 -25.16
N GLU A 611 -29.16 -20.72 -25.96
CA GLU A 611 -30.14 -21.73 -26.35
C GLU A 611 -29.54 -22.76 -27.28
N LYS A 612 -28.65 -22.33 -28.19
CA LYS A 612 -27.99 -23.28 -29.07
C LYS A 612 -27.12 -24.25 -28.30
N ILE A 613 -26.38 -23.76 -27.29
CA ILE A 613 -25.55 -24.63 -26.48
C ILE A 613 -26.41 -25.59 -25.67
N LYS A 614 -27.57 -25.13 -25.20
CA LYS A 614 -28.44 -25.98 -24.40
C LYS A 614 -28.94 -27.17 -25.21
N ILE A 615 -29.31 -26.94 -26.47
CA ILE A 615 -29.76 -28.03 -27.33
C ILE A 615 -28.63 -29.02 -27.57
N TYR A 616 -27.41 -28.51 -27.79
CA TYR A 616 -26.28 -29.40 -28.06
C TYR A 616 -26.00 -30.33 -26.88
N ASN A 617 -26.09 -29.81 -25.66
CA ASN A 617 -25.82 -30.63 -24.49
C ASN A 617 -26.85 -31.73 -24.32
N ASN A 618 -28.10 -31.49 -24.71
CA ASN A 618 -29.18 -32.45 -24.53
C ASN A 618 -29.36 -33.37 -25.74
N SER A 619 -28.58 -33.17 -26.80
CA SER A 619 -28.64 -34.04 -27.96
C SER A 619 -27.95 -35.36 -27.65
N GLN A 620 -28.62 -36.47 -27.92
CA GLN A 620 -28.09 -37.80 -27.66
C GLN A 620 -27.72 -38.55 -28.93
N LYS A 621 -27.75 -37.88 -30.08
CA LYS A 621 -27.37 -38.51 -31.32
C LYS A 621 -25.86 -38.80 -31.34
N ALA A 622 -25.47 -39.81 -32.11
CA ALA A 622 -24.07 -40.21 -32.16
C ALA A 622 -23.21 -39.14 -32.82
N ASN A 623 -23.70 -38.53 -33.90
CA ASN A 623 -22.94 -37.55 -34.66
C ASN A 623 -23.50 -36.16 -34.36
N LYS A 624 -22.89 -35.48 -33.40
CA LYS A 624 -23.32 -34.13 -33.02
C LYS A 624 -22.43 -33.08 -33.68
N ASP A 625 -22.51 -33.02 -35.00
CA ASP A 625 -21.80 -32.03 -35.79
C ASP A 625 -22.69 -30.90 -36.28
N GLN A 626 -23.92 -31.23 -36.69
CA GLN A 626 -24.86 -30.20 -37.12
C GLN A 626 -25.20 -29.25 -35.96
N GLU A 627 -25.39 -29.79 -34.76
CA GLU A 627 -25.56 -28.94 -33.58
C GLU A 627 -24.30 -28.14 -33.31
N SER A 628 -23.13 -28.77 -33.46
CA SER A 628 -21.88 -28.07 -33.21
C SER A 628 -21.66 -26.93 -34.20
N LEU A 629 -22.04 -27.11 -35.46
CA LEU A 629 -21.89 -26.04 -36.44
C LEU A 629 -22.84 -24.88 -36.17
N ALA A 630 -24.01 -25.16 -35.59
CA ALA A 630 -24.93 -24.10 -35.24
C ALA A 630 -24.37 -23.19 -34.16
N VAL A 631 -23.69 -23.77 -33.17
CA VAL A 631 -23.07 -22.98 -32.12
C VAL A 631 -21.91 -22.16 -32.68
N LYS A 632 -21.16 -22.73 -33.62
CA LYS A 632 -20.00 -22.04 -34.18
C LYS A 632 -20.42 -20.82 -34.98
N THR A 633 -21.55 -20.89 -35.67
CA THR A 633 -22.00 -19.77 -36.49
C THR A 633 -22.26 -18.52 -35.66
N LEU A 634 -22.94 -18.68 -34.52
CA LEU A 634 -23.22 -17.53 -33.66
C LEU A 634 -21.96 -17.03 -32.96
N THR A 635 -21.06 -17.93 -32.58
CA THR A 635 -19.84 -17.52 -31.89
C THR A 635 -18.98 -16.63 -32.78
N VAL A 636 -18.83 -16.98 -34.05
CA VAL A 636 -18.04 -16.17 -34.97
C VAL A 636 -18.74 -14.84 -35.25
N LYS A 637 -20.07 -14.86 -35.35
CA LYS A 637 -20.81 -13.64 -35.63
C LYS A 637 -20.64 -12.60 -34.55
N MET A 638 -20.65 -13.02 -33.28
CA MET A 638 -20.49 -12.09 -32.16
C MET A 638 -19.04 -11.73 -31.88
N GLY A 639 -18.08 -12.37 -32.55
CA GLY A 639 -16.68 -12.07 -32.32
C GLY A 639 -16.08 -12.72 -31.09
N ILE A 640 -16.78 -13.67 -30.47
CA ILE A 640 -16.27 -14.30 -29.25
C ILE A 640 -15.04 -15.14 -29.53
N HIS A 641 -14.92 -15.71 -30.74
CA HIS A 641 -13.80 -16.59 -31.05
C HIS A 641 -12.45 -15.88 -30.94
N ARG A 642 -12.42 -14.56 -31.09
CA ARG A 642 -11.18 -13.82 -30.95
C ARG A 642 -10.74 -13.70 -29.49
N ASP A 643 -11.69 -13.63 -28.57
CA ASP A 643 -11.33 -13.51 -27.16
C ASP A 643 -10.77 -14.81 -26.60
N LEU A 644 -11.28 -15.96 -27.05
CA LEU A 644 -10.85 -17.25 -26.55
C LEU A 644 -9.74 -17.86 -27.39
N GLY A 645 -9.30 -17.20 -28.45
CA GLY A 645 -8.24 -17.74 -29.29
C GLY A 645 -8.64 -18.99 -30.05
N LEU A 646 -9.85 -19.01 -30.59
CA LEU A 646 -10.32 -20.14 -31.38
C LEU A 646 -10.21 -19.82 -32.86
N ASP A 647 -10.59 -20.79 -33.70
CA ASP A 647 -10.54 -20.63 -35.13
C ASP A 647 -11.94 -20.31 -35.68
N SER A 648 -11.96 -19.75 -36.88
CA SER A 648 -13.19 -19.40 -37.58
C SER A 648 -13.27 -20.13 -38.92
N MET A 649 -12.99 -21.42 -38.90
CA MET A 649 -12.97 -22.21 -40.12
C MET A 649 -14.40 -22.36 -40.69
N ALA A 650 -14.47 -22.69 -41.97
CA ALA A 650 -15.74 -22.74 -42.66
C ALA A 650 -16.60 -23.91 -42.19
N ASN A 651 -16.10 -25.14 -42.37
CA ASN A 651 -16.87 -26.34 -42.10
C ASN A 651 -16.13 -27.29 -41.17
N LYS A 652 -15.49 -26.74 -40.14
CA LYS A 652 -14.83 -27.57 -39.14
C LYS A 652 -15.52 -27.39 -37.79
N PRO A 653 -16.32 -28.35 -37.35
CA PRO A 653 -17.06 -28.17 -36.09
C PRO A 653 -16.15 -28.14 -34.88
N TYR A 654 -16.61 -27.45 -33.84
CA TYR A 654 -15.89 -27.39 -32.59
C TYR A 654 -15.93 -28.73 -31.87
N THR A 655 -14.91 -29.00 -31.07
CA THR A 655 -14.86 -30.22 -30.29
C THR A 655 -15.66 -30.06 -29.01
N GLU A 656 -15.70 -31.14 -28.21
CA GLU A 656 -16.46 -31.12 -26.97
C GLU A 656 -15.86 -30.13 -25.98
N ASP A 657 -14.53 -30.05 -25.91
CA ASP A 657 -13.87 -29.18 -24.94
C ASP A 657 -13.98 -27.72 -25.34
N GLU A 658 -13.97 -27.44 -26.65
CA GLU A 658 -14.03 -26.05 -27.11
C GLU A 658 -15.38 -25.42 -26.82
N ILE A 659 -16.46 -26.19 -26.99
CA ILE A 659 -17.79 -25.67 -26.68
C ILE A 659 -17.94 -25.40 -25.19
N ALA A 660 -17.32 -26.23 -24.34
CA ALA A 660 -17.38 -26.01 -22.90
C ALA A 660 -16.74 -24.69 -22.52
N ARG A 661 -15.66 -24.31 -23.20
CA ARG A 661 -15.02 -23.02 -22.92
C ARG A 661 -15.93 -21.87 -23.30
N VAL A 662 -16.68 -22.01 -24.39
CA VAL A 662 -17.59 -20.95 -24.83
C VAL A 662 -18.70 -20.76 -23.81
N GLU A 663 -19.23 -21.86 -23.26
CA GLU A 663 -20.31 -21.77 -22.30
C GLU A 663 -19.88 -21.03 -21.03
N ASN A 664 -18.67 -21.33 -20.54
CA ASN A 664 -18.20 -20.68 -19.33
C ASN A 664 -17.92 -19.20 -19.55
N PHE A 665 -17.46 -18.83 -20.74
CA PHE A 665 -17.21 -17.41 -21.02
C PHE A 665 -18.50 -16.61 -21.03
N ALA A 666 -19.57 -17.16 -21.62
CA ALA A 666 -20.83 -16.45 -21.69
C ALA A 666 -21.48 -16.34 -20.32
N GLU A 667 -21.37 -17.40 -19.50
CA GLU A 667 -21.96 -17.36 -18.17
C GLU A 667 -21.24 -16.38 -17.26
N GLU A 668 -19.94 -16.18 -17.48
CA GLU A 668 -19.20 -15.21 -16.68
C GLU A 668 -19.66 -13.78 -16.94
N LEU A 669 -20.07 -13.49 -18.18
CA LEU A 669 -20.57 -12.15 -18.50
C LEU A 669 -21.86 -11.85 -17.76
N ALA A 670 -22.75 -12.84 -17.65
CA ALA A 670 -24.06 -12.63 -17.05
C ALA A 670 -23.98 -12.40 -15.55
N THR A 671 -22.95 -12.89 -14.88
CA THR A 671 -22.82 -12.77 -13.43
C THR A 671 -21.72 -11.80 -13.01
N GLU A 672 -21.40 -10.82 -13.86
CA GLU A 672 -20.39 -9.83 -13.54
C GLU A 672 -21.01 -8.67 -12.79
N LYS A 673 -20.24 -8.09 -11.88
CA LYS A 673 -20.67 -6.97 -11.05
C LYS A 673 -19.96 -5.70 -11.50
N ILE A 674 -20.72 -4.62 -11.65
CA ILE A 674 -20.19 -3.34 -12.13
C ILE A 674 -20.59 -2.25 -11.15
N THR A 675 -19.82 -1.17 -11.17
CA THR A 675 -20.08 -0.01 -10.32
C THR A 675 -21.00 0.97 -11.03
N GLY A 676 -21.78 1.70 -10.24
CA GLY A 676 -22.73 2.65 -10.79
C GLY A 676 -22.30 4.10 -10.65
N GLN A 677 -23.22 4.93 -10.17
CA GLN A 677 -22.93 6.35 -10.00
C GLN A 677 -21.90 6.55 -8.89
N LEU A 678 -21.11 7.61 -9.03
CA LEU A 678 -20.07 7.89 -8.05
C LEU A 678 -20.68 8.36 -6.74
N TYR A 679 -19.85 8.35 -5.68
CA TYR A 679 -20.31 8.58 -4.33
C TYR A 679 -20.14 10.05 -3.95
N THR A 680 -21.18 10.61 -3.32
CA THR A 680 -21.17 11.98 -2.83
C THR A 680 -21.26 11.98 -1.31
N MET A 681 -20.40 12.77 -0.67
CA MET A 681 -20.37 12.83 0.78
C MET A 681 -21.65 13.48 1.32
N GLY A 682 -22.26 12.86 2.32
CA GLY A 682 -23.48 13.36 2.90
C GLY A 682 -24.75 12.91 2.22
N VAL A 683 -24.66 12.05 1.20
CA VAL A 683 -25.82 11.57 0.46
C VAL A 683 -25.73 10.05 0.38
N PRO A 684 -26.71 9.32 0.90
CA PRO A 684 -26.69 7.86 0.78
C PRO A 684 -27.08 7.43 -0.63
N TYR A 685 -27.02 6.12 -0.86
CA TYR A 685 -27.39 5.58 -2.16
C TYR A 685 -28.89 5.72 -2.39
N GLU A 686 -29.31 5.42 -3.62
CA GLU A 686 -30.72 5.30 -3.92
C GLU A 686 -31.28 4.06 -3.25
N PRO A 687 -32.60 4.04 -2.98
CA PRO A 687 -33.19 2.83 -2.39
C PRO A 687 -32.96 1.58 -3.21
N GLU A 688 -32.99 1.70 -4.55
CA GLU A 688 -32.73 0.54 -5.40
C GLU A 688 -31.27 0.10 -5.31
N ARG A 689 -30.34 1.05 -5.21
CA ARG A 689 -28.93 0.70 -5.13
C ARG A 689 -28.56 0.12 -3.77
N ILE A 690 -29.30 0.47 -2.72
CA ILE A 690 -29.09 -0.16 -1.42
C ILE A 690 -29.41 -1.65 -1.50
N THR A 691 -30.49 -2.00 -2.20
CA THR A 691 -30.90 -3.39 -2.31
C THR A 691 -29.87 -4.21 -3.07
N SER A 692 -29.35 -3.68 -4.18
CA SER A 692 -28.45 -4.46 -5.02
C SER A 692 -27.06 -4.58 -4.40
N SER A 693 -26.64 -3.60 -3.59
CA SER A 693 -25.33 -3.70 -2.95
C SER A 693 -25.31 -4.82 -1.92
N VAL A 694 -26.40 -4.99 -1.17
CA VAL A 694 -26.46 -6.08 -0.20
C VAL A 694 -26.49 -7.43 -0.90
N TYR A 695 -27.09 -7.50 -2.08
CA TYR A 695 -27.08 -8.74 -2.85
C TYR A 695 -25.67 -9.15 -3.21
N ALA A 696 -24.82 -8.19 -3.59
CA ALA A 696 -23.45 -8.51 -3.96
C ALA A 696 -22.61 -8.95 -2.77
N MET A 697 -22.88 -8.40 -1.59
CA MET A 697 -22.04 -8.66 -0.42
C MET A 697 -22.32 -10.00 0.23
N ALA A 698 -23.44 -10.66 -0.07
CA ALA A 698 -23.85 -11.84 0.69
C ALA A 698 -24.14 -13.07 -0.16
N THR A 699 -24.46 -12.94 -1.44
CA THR A 699 -24.84 -14.11 -2.23
C THR A 699 -23.65 -15.04 -2.45
N GLU A 700 -22.50 -14.49 -2.81
CA GLU A 700 -21.34 -15.33 -3.12
C GLU A 700 -20.83 -16.12 -1.94
N PRO A 701 -20.63 -15.55 -0.73
CA PRO A 701 -20.10 -16.37 0.37
C PRO A 701 -20.99 -17.54 0.72
N ILE A 702 -22.31 -17.39 0.60
CA ILE A 702 -23.22 -18.50 0.92
C ILE A 702 -23.11 -19.60 -0.13
N ALA A 703 -23.07 -19.23 -1.41
CA ALA A 703 -23.10 -20.22 -2.48
C ALA A 703 -21.85 -21.08 -2.49
N TYR A 704 -20.67 -20.48 -2.34
CA TYR A 704 -19.43 -21.23 -2.41
C TYR A 704 -19.18 -22.05 -1.14
N SER A 705 -19.66 -21.59 0.00
CA SER A 705 -19.49 -22.34 1.23
C SER A 705 -20.32 -23.62 1.22
N LEU A 706 -21.55 -23.57 0.67
CA LEU A 706 -22.36 -24.77 0.54
C LEU A 706 -21.77 -25.73 -0.49
N PHE A 707 -21.16 -25.21 -1.55
CA PHE A 707 -20.55 -26.07 -2.55
C PHE A 707 -19.39 -26.86 -1.97
N ALA A 708 -18.60 -26.24 -1.09
CA ALA A 708 -17.50 -26.95 -0.45
C ALA A 708 -18.00 -28.05 0.47
N LEU A 709 -19.08 -27.80 1.22
CA LEU A 709 -19.61 -28.80 2.14
C LEU A 709 -20.10 -30.05 1.41
N ASP A 710 -20.78 -29.86 0.27
CA ASP A 710 -21.26 -31.00 -0.49
C ASP A 710 -20.12 -31.83 -1.07
N LYS A 711 -19.04 -31.17 -1.48
CA LYS A 711 -17.90 -31.89 -2.04
C LYS A 711 -17.24 -32.78 -1.00
N GLN A 712 -17.10 -32.28 0.23
CA GLN A 712 -16.46 -33.06 1.28
C GLN A 712 -17.30 -34.26 1.70
N ARG A 713 -18.63 -34.11 1.67
CA ARG A 713 -19.51 -35.21 2.06
C ARG A 713 -19.68 -36.24 0.95
N GLY A 714 -19.15 -35.99 -0.24
CA GLY A 714 -19.20 -36.97 -1.31
C GLY A 714 -20.52 -37.00 -2.05
N LYS A 715 -20.89 -35.88 -2.67
CA LYS A 715 -22.09 -35.79 -3.48
C LYS A 715 -21.71 -35.58 -4.94
N ALA A 716 -22.72 -35.53 -5.81
CA ALA A 716 -22.51 -35.40 -7.25
C ALA A 716 -22.28 -33.93 -7.58
N THR A 717 -21.06 -33.47 -7.28
CA THR A 717 -20.65 -32.10 -7.56
C THR A 717 -19.75 -32.00 -8.78
N GLU A 718 -19.49 -33.10 -9.48
CA GLU A 718 -18.61 -33.06 -10.64
C GLU A 718 -19.21 -32.23 -11.76
N SER A 719 -20.51 -32.38 -12.01
CA SER A 719 -21.14 -31.66 -13.11
C SER A 719 -21.11 -30.16 -12.89
N ALA A 720 -21.40 -29.71 -11.67
CA ALA A 720 -21.39 -28.29 -11.38
C ALA A 720 -20.00 -27.69 -11.40
N GLU A 721 -18.97 -28.48 -11.12
CA GLU A 721 -17.60 -27.98 -11.11
C GLU A 721 -17.05 -27.80 -12.52
N LYS A 722 -17.61 -28.47 -13.52
CA LYS A 722 -17.16 -28.35 -14.89
C LYS A 722 -17.96 -27.36 -15.72
N HIS A 723 -19.23 -27.13 -15.36
CA HIS A 723 -20.10 -26.21 -16.08
C HIS A 723 -20.58 -25.12 -15.13
N ARG A 724 -20.49 -23.87 -15.57
CA ARG A 724 -20.91 -22.76 -14.73
C ARG A 724 -22.40 -22.50 -14.83
N SER A 725 -23.05 -23.03 -15.87
CA SER A 725 -24.51 -22.93 -15.96
C SER A 725 -25.19 -23.85 -14.96
N VAL A 726 -24.59 -25.01 -14.68
CA VAL A 726 -25.13 -25.91 -13.67
C VAL A 726 -24.94 -25.32 -12.27
N PHE A 727 -23.79 -24.68 -12.04
CA PHE A 727 -23.52 -24.08 -10.74
C PHE A 727 -24.53 -22.98 -10.42
N THR A 728 -24.93 -22.20 -11.42
CA THR A 728 -25.90 -21.14 -11.20
C THR A 728 -27.25 -21.70 -10.76
N GLN A 729 -27.68 -22.81 -11.38
CA GLN A 729 -29.00 -23.37 -11.08
C GLN A 729 -29.05 -24.14 -9.77
N GLN A 730 -27.91 -24.53 -9.21
CA GLN A 730 -27.92 -25.36 -8.02
C GLN A 730 -27.39 -24.68 -6.77
N TYR A 731 -26.58 -23.63 -6.89
CA TYR A 731 -26.00 -23.01 -5.71
C TYR A 731 -26.16 -21.51 -5.69
N LEU A 732 -26.28 -20.89 -6.86
CA LEU A 732 -26.33 -19.43 -6.92
C LEU A 732 -27.76 -18.90 -6.83
N MET A 733 -28.66 -19.43 -7.66
CA MET A 733 -30.06 -19.01 -7.58
C MET A 733 -30.73 -19.37 -6.27
N PRO A 734 -30.57 -20.58 -5.71
CA PRO A 734 -31.16 -20.85 -4.39
C PRO A 734 -30.66 -19.93 -3.30
N ALA A 735 -29.38 -19.52 -3.36
CA ALA A 735 -28.85 -18.65 -2.32
C ALA A 735 -29.39 -17.23 -2.44
N ARG A 736 -29.79 -16.82 -3.65
CA ARG A 736 -30.34 -15.48 -3.82
C ARG A 736 -31.71 -15.34 -3.16
N LEU A 737 -32.52 -16.40 -3.19
CA LEU A 737 -33.83 -16.34 -2.54
C LEU A 737 -33.70 -16.23 -1.03
N LEU A 738 -32.72 -16.93 -0.45
CA LEU A 738 -32.52 -16.88 1.00
C LEU A 738 -32.16 -15.48 1.46
N VAL A 739 -31.31 -14.78 0.70
CA VAL A 739 -30.92 -13.42 1.06
C VAL A 739 -32.12 -12.49 0.99
N GLU A 740 -33.02 -12.71 0.02
CA GLU A 740 -34.20 -11.86 -0.11
C GLU A 740 -35.10 -11.96 1.11
N ARG A 741 -35.28 -13.18 1.64
CA ARG A 741 -36.13 -13.36 2.82
C ARG A 741 -35.55 -12.64 4.02
N LEU A 742 -34.24 -12.75 4.23
CA LEU A 742 -33.62 -12.19 5.43
C LEU A 742 -33.56 -10.66 5.40
N MET A 743 -33.58 -10.06 4.22
CA MET A 743 -33.59 -8.60 4.14
C MET A 743 -34.90 -8.03 4.66
N ALA A 744 -36.02 -8.68 4.34
CA ALA A 744 -37.31 -8.22 4.80
C ALA A 744 -37.54 -8.52 6.28
N ASN A 745 -37.15 -9.71 6.73
CA ASN A 745 -37.40 -10.15 8.10
C ASN A 745 -36.07 -10.60 8.71
N PRO A 746 -35.29 -9.67 9.26
CA PRO A 746 -34.00 -10.05 9.87
C PRO A 746 -34.14 -10.92 11.12
N SER A 747 -35.35 -11.17 11.60
CA SER A 747 -35.53 -11.95 12.82
C SER A 747 -35.54 -13.45 12.57
N LEU A 748 -35.47 -13.89 11.31
CA LEU A 748 -35.47 -15.32 11.00
C LEU A 748 -34.10 -15.96 11.13
N ALA A 749 -33.06 -15.19 11.45
CA ALA A 749 -31.70 -15.71 11.53
C ALA A 749 -31.55 -16.49 12.84
N THR A 750 -32.16 -17.67 12.85
CA THR A 750 -32.14 -18.55 14.01
C THR A 750 -31.26 -19.77 13.73
N ASP A 751 -30.94 -20.49 14.80
CA ASP A 751 -30.10 -21.68 14.66
C ASP A 751 -30.79 -22.80 13.91
N GLU A 752 -32.12 -22.74 13.77
CA GLU A 752 -32.83 -23.75 12.99
C GLU A 752 -32.62 -23.53 11.50
N LEU A 753 -32.54 -22.28 11.06
CA LEU A 753 -32.31 -22.00 9.64
C LEU A 753 -30.89 -22.35 9.23
N ILE A 754 -29.92 -22.14 10.13
CA ILE A 754 -28.53 -22.41 9.79
C ILE A 754 -28.29 -23.91 9.60
N CYS A 755 -28.77 -24.72 10.55
CA CYS A 755 -28.56 -26.16 10.46
C CYS A 755 -29.29 -26.76 9.26
N HIS A 756 -30.49 -26.28 8.94
CA HIS A 756 -31.25 -26.83 7.82
C HIS A 756 -30.71 -26.36 6.48
N THR A 757 -30.23 -25.11 6.39
CA THR A 757 -29.67 -24.63 5.14
C THR A 757 -28.40 -25.40 4.77
N ALA A 758 -27.54 -25.66 5.75
CA ALA A 758 -26.32 -26.42 5.51
C ALA A 758 -26.54 -27.93 5.54
N GLY A 759 -27.73 -28.38 5.92
CA GLY A 759 -28.01 -29.80 5.97
C GLY A 759 -27.21 -30.55 7.01
N ILE A 760 -27.07 -29.99 8.20
CA ILE A 760 -26.30 -30.60 9.28
C ILE A 760 -27.19 -30.70 10.52
N THR A 761 -26.88 -31.68 11.36
CA THR A 761 -27.62 -31.88 12.59
C THR A 761 -27.19 -30.86 13.65
N PRO A 762 -28.06 -30.57 14.63
CA PRO A 762 -27.73 -29.52 15.60
C PRO A 762 -26.45 -29.75 16.38
N GLN A 763 -26.11 -31.00 16.73
CA GLN A 763 -24.91 -31.23 17.51
C GLN A 763 -23.64 -30.98 16.71
N GLU A 764 -23.69 -31.17 15.39
CA GLU A 764 -22.52 -30.88 14.56
C GLU A 764 -22.22 -29.38 14.53
N LEU A 765 -23.25 -28.54 14.55
CA LEU A 765 -23.03 -27.10 14.58
C LEU A 765 -22.34 -26.67 15.87
N ALA A 766 -22.64 -27.34 16.98
CA ALA A 766 -22.03 -26.99 18.26
C ALA A 766 -20.52 -27.21 18.24
N LYS A 767 -20.07 -28.34 17.68
CA LYS A 767 -18.64 -28.62 17.66
C LYS A 767 -17.92 -27.73 16.65
N ALA A 768 -18.63 -27.26 15.63
CA ALA A 768 -18.02 -26.34 14.67
C ALA A 768 -17.62 -25.03 15.34
N ARG A 769 -18.46 -24.52 16.24
CA ARG A 769 -18.13 -23.27 16.92
C ARG A 769 -17.01 -23.47 17.93
N GLN A 770 -16.77 -24.71 18.37
CA GLN A 770 -15.73 -24.94 19.37
C GLN A 770 -14.34 -24.89 18.76
N ILE A 771 -14.19 -25.33 17.51
CA ILE A 771 -12.88 -25.28 16.85
C ILE A 771 -12.48 -23.83 16.58
N GLU A 772 -13.45 -23.00 16.19
CA GLU A 772 -13.17 -21.58 15.99
C GLU A 772 -12.69 -20.92 17.28
N ALA A 773 -13.27 -21.31 18.41
CA ALA A 773 -12.91 -20.70 19.69
C ALA A 773 -11.45 -20.96 20.04
N GLU A 774 -10.97 -22.19 19.85
CA GLU A 774 -9.59 -22.52 20.19
C GLU A 774 -8.61 -21.74 19.33
N ARG A 775 -8.90 -21.61 18.03
CA ARG A 775 -8.00 -20.94 17.11
C ARG A 775 -8.12 -19.42 17.16
N ASN A 776 -9.07 -18.89 17.93
CA ASN A 776 -9.23 -17.44 18.05
C ASN A 776 -9.04 -16.99 19.49
N TYR A 899 -6.82 -31.57 16.04
CA TYR A 899 -7.84 -31.98 15.10
C TYR A 899 -7.24 -32.31 13.73
N SER A 900 -7.90 -33.20 13.00
CA SER A 900 -7.44 -33.58 11.68
C SER A 900 -7.67 -32.43 10.69
N LYS A 901 -7.01 -32.53 9.53
CA LYS A 901 -7.13 -31.49 8.52
C LYS A 901 -8.55 -31.40 7.97
N GLU A 902 -9.22 -32.54 7.83
CA GLU A 902 -10.59 -32.54 7.30
C GLU A 902 -11.53 -31.79 8.23
N GLU A 903 -11.39 -31.98 9.54
CA GLU A 903 -12.27 -31.30 10.49
C GLU A 903 -12.09 -29.79 10.44
N VAL A 904 -10.84 -29.32 10.31
CA VAL A 904 -10.59 -27.88 10.26
C VAL A 904 -11.23 -27.28 9.02
N GLU A 905 -11.14 -27.96 7.88
CA GLU A 905 -11.78 -27.48 6.67
C GLU A 905 -13.30 -27.44 6.84
N PHE A 906 -13.86 -28.46 7.47
CA PHE A 906 -15.31 -28.50 7.66
C PHE A 906 -15.78 -27.36 8.57
N ALA A 907 -15.02 -27.07 9.63
CA ALA A 907 -15.41 -26.02 10.55
C ALA A 907 -15.40 -24.65 9.89
N LEU A 908 -14.40 -24.38 9.04
CA LEU A 908 -14.30 -23.07 8.40
C LEU A 908 -15.46 -22.81 7.45
N ALA A 909 -15.89 -23.84 6.70
CA ALA A 909 -17.01 -23.65 5.78
C ALA A 909 -18.30 -23.33 6.53
N VAL A 910 -18.53 -23.99 7.66
CA VAL A 910 -19.73 -23.74 8.45
C VAL A 910 -19.71 -22.32 9.01
N ALA A 911 -18.55 -21.86 9.49
CA ALA A 911 -18.46 -20.53 10.06
C ALA A 911 -18.75 -19.44 9.02
N GLU A 912 -18.41 -19.70 7.75
CA GLU A 912 -18.73 -18.73 6.70
C GLU A 912 -20.23 -18.62 6.47
N VAL A 913 -20.95 -19.74 6.53
CA VAL A 913 -22.40 -19.70 6.36
C VAL A 913 -23.05 -18.98 7.54
N GLU A 914 -22.65 -19.33 8.77
CA GLU A 914 -23.26 -18.75 9.95
C GLU A 914 -23.01 -17.25 10.04
N ARG A 915 -21.77 -16.82 9.79
CA ARG A 915 -21.44 -15.41 9.93
C ARG A 915 -22.20 -14.54 8.93
N THR A 916 -22.35 -15.03 7.70
CA THR A 916 -23.03 -14.24 6.67
C THR A 916 -24.51 -14.08 6.98
N ILE A 917 -25.17 -15.16 7.41
CA ILE A 917 -26.61 -15.12 7.62
C ILE A 917 -26.98 -14.17 8.75
N LYS A 918 -26.23 -14.21 9.86
CA LYS A 918 -26.58 -13.41 11.03
C LYS A 918 -26.33 -11.93 10.83
N ASN A 919 -25.63 -11.53 9.77
CA ASN A 919 -25.26 -10.13 9.56
C ASN A 919 -25.89 -9.53 8.32
N VAL A 920 -26.88 -10.20 7.71
CA VAL A 920 -27.53 -9.63 6.53
C VAL A 920 -28.29 -8.37 6.90
N GLY A 921 -28.97 -8.37 8.04
CA GLY A 921 -29.69 -7.17 8.47
C GLY A 921 -28.78 -6.01 8.80
N ASN A 922 -27.60 -6.31 9.35
CA ASN A 922 -26.68 -5.24 9.71
C ASN A 922 -26.08 -4.56 8.48
N TYR A 923 -25.93 -5.29 7.38
CA TYR A 923 -25.36 -4.70 6.18
C TYR A 923 -26.22 -3.56 5.65
N LYS A 924 -27.55 -3.75 5.63
CA LYS A 924 -28.43 -2.71 5.12
C LYS A 924 -28.41 -1.48 6.02
N ASN A 925 -28.38 -1.67 7.34
CA ASN A 925 -28.38 -0.54 8.25
C ASN A 925 -27.06 0.22 8.19
N ALA A 926 -25.95 -0.49 8.00
CA ALA A 926 -24.64 0.17 7.97
C ALA A 926 -24.49 1.07 6.74
N LEU A 927 -25.12 0.69 5.61
CA LEU A 927 -25.03 1.52 4.41
C LEU A 927 -25.84 2.80 4.54
N LEU A 928 -26.95 2.76 5.26
CA LEU A 928 -27.80 3.94 5.38
C LEU A 928 -27.24 4.97 6.35
N THR A 929 -26.55 4.54 7.41
CA THR A 929 -26.04 5.45 8.42
C THR A 929 -24.60 5.87 8.19
N SER A 930 -23.90 5.23 7.26
CA SER A 930 -22.49 5.59 7.03
C SER A 930 -22.29 7.03 6.57
N PRO A 931 -23.04 7.58 5.63
CA PRO A 931 -22.79 8.98 5.22
C PRO A 931 -22.89 9.97 6.36
N GLU A 932 -23.76 9.74 7.33
CA GLU A 932 -23.89 10.67 8.45
C GLU A 932 -22.70 10.56 9.41
N GLU A 933 -22.18 9.35 9.61
CA GLU A 933 -21.07 9.19 10.54
C GLU A 933 -19.77 9.76 9.98
N GLU A 934 -19.64 9.85 8.66
CA GLU A 934 -18.42 10.41 8.09
C GLU A 934 -18.29 11.89 8.39
N LEU A 935 -19.40 12.63 8.32
CA LEU A 935 -19.33 14.06 8.62
C LEU A 935 -19.18 14.32 10.11
N SER A 936 -19.84 13.51 10.95
CA SER A 936 -19.73 13.70 12.39
C SER A 936 -18.36 13.30 12.91
N SER A 937 -17.71 12.32 12.29
CA SER A 937 -16.38 11.92 12.74
C SER A 937 -15.34 12.98 12.40
N LEU A 938 -15.49 13.66 11.26
CA LEU A 938 -14.54 14.70 10.89
C LEU A 938 -14.69 15.94 11.76
N MET A 939 -15.92 16.27 12.14
CA MET A 939 -16.13 17.41 13.04
C MET A 939 -15.55 17.12 14.41
N ASN A 940 -15.64 15.88 14.87
CA ASN A 940 -15.06 15.52 16.17
C ASN A 940 -13.54 15.59 16.13
N ALA A 941 -12.94 15.22 15.00
CA ALA A 941 -11.48 15.25 14.89
C ALA A 941 -10.95 16.68 14.95
N LEU A 942 -11.67 17.63 14.35
CA LEU A 942 -11.25 19.03 14.36
C LEU A 942 -11.33 19.66 15.74
N LYS A 943 -11.96 19.00 16.71
CA LYS A 943 -11.98 19.45 18.09
C LYS A 943 -11.01 18.70 18.98
N GLY A 944 -10.09 17.94 18.40
CA GLY A 944 -9.13 17.20 19.19
C GLY A 944 -9.63 15.89 19.76
N GLY A 945 -10.62 15.26 19.12
CA GLY A 945 -11.15 14.00 19.60
C GLY A 945 -10.34 12.81 19.13
N TYR A 946 -10.85 11.62 19.46
CA TYR A 946 -10.19 10.36 19.16
C TYR A 946 -10.90 9.64 18.02
N THR A 947 -10.13 9.09 17.11
CA THR A 947 -10.65 8.34 15.96
C THR A 947 -10.32 6.87 16.12
N ALA A 948 -11.34 6.02 16.06
CA ALA A 948 -11.19 4.59 16.29
C ALA A 948 -10.50 3.90 15.12
N PRO A 949 -9.78 2.81 15.37
CA PRO A 949 -9.11 2.10 14.28
C PRO A 949 -10.04 1.16 13.53
N THR A 950 -9.58 0.72 12.35
CA THR A 950 -10.34 -0.17 11.49
C THR A 950 -9.39 -0.86 10.54
N PRO A 951 -9.75 -2.02 10.00
CA PRO A 951 -8.97 -2.63 8.91
C PRO A 951 -9.38 -2.03 7.57
N GLY A 952 -8.77 -2.55 6.51
CA GLY A 952 -9.00 -2.02 5.17
C GLY A 952 -9.51 -3.03 4.17
N GLY A 953 -10.08 -2.54 3.07
CA GLY A 953 -10.63 -3.38 2.03
C GLY A 953 -12.04 -3.00 1.62
N ASP A 954 -12.40 -3.27 0.37
CA ASP A 954 -13.73 -2.93 -0.10
C ASP A 954 -14.77 -3.84 0.55
N PRO A 955 -16.03 -3.39 0.63
CA PRO A 955 -17.03 -4.15 1.40
C PRO A 955 -17.26 -5.57 0.90
N ILE A 956 -17.11 -5.83 -0.40
CA ILE A 956 -17.32 -7.18 -0.90
C ILE A 956 -16.24 -8.12 -0.36
N ALA A 957 -14.98 -7.68 -0.35
CA ALA A 957 -13.89 -8.50 0.13
C ALA A 957 -13.84 -8.60 1.65
N ASN A 958 -14.15 -7.53 2.37
CA ASN A 958 -14.07 -7.49 3.83
C ASN A 958 -15.24 -6.69 4.37
N PRO A 959 -16.28 -7.37 4.87
CA PRO A 959 -17.44 -6.64 5.41
C PRO A 959 -17.19 -5.96 6.75
N ASN A 960 -16.01 -6.16 7.36
CA ASN A 960 -15.72 -5.56 8.66
C ASN A 960 -15.34 -4.09 8.57
N THR A 961 -15.28 -3.53 7.37
CA THR A 961 -14.88 -2.14 7.18
C THR A 961 -16.03 -1.15 7.36
N LEU A 962 -17.24 -1.63 7.64
CA LEU A 962 -18.36 -0.73 7.84
C LEU A 962 -18.73 -0.66 9.32
N PRO A 963 -19.16 0.51 9.83
CA PRO A 963 -19.32 1.79 9.14
C PRO A 963 -17.99 2.52 8.94
N THR A 964 -17.97 3.55 8.11
CA THR A 964 -16.74 4.27 7.77
C THR A 964 -16.54 5.45 8.71
N GLY A 965 -15.43 6.15 8.52
CA GLY A 965 -15.07 7.27 9.36
C GLY A 965 -14.07 6.90 10.44
N ARG A 966 -13.15 6.00 10.12
CA ARG A 966 -12.19 5.47 11.07
C ARG A 966 -10.80 5.50 10.47
N ASN A 967 -9.82 5.03 11.23
CA ASN A 967 -8.40 5.08 10.88
C ASN A 967 -7.91 3.67 10.59
N MET A 968 -7.32 3.48 9.41
CA MET A 968 -6.94 2.15 8.94
C MET A 968 -5.55 1.76 9.43
N TYR A 969 -5.32 0.45 9.53
CA TYR A 969 -4.02 -0.11 9.88
C TYR A 969 -3.72 -1.30 8.98
N ALA A 970 -2.54 -1.90 9.19
CA ALA A 970 -2.05 -2.97 8.33
C ALA A 970 -1.67 -4.21 9.13
N ILE A 971 -1.00 -5.16 8.49
CA ILE A 971 -0.62 -6.42 9.12
C ILE A 971 0.87 -6.40 9.43
N ASN A 972 1.31 -7.40 10.18
CA ASN A 972 2.71 -7.58 10.52
C ASN A 972 3.40 -8.41 9.46
N ALA A 973 4.48 -7.87 8.88
CA ALA A 973 5.16 -8.52 7.77
C ALA A 973 6.10 -9.63 8.18
N GLU A 974 6.42 -9.75 9.47
CA GLU A 974 7.34 -10.77 9.93
C GLU A 974 6.71 -12.15 10.05
N ALA A 975 5.39 -12.25 9.91
CA ALA A 975 4.70 -13.53 9.99
C ALA A 975 4.21 -14.02 8.64
N THR A 976 4.63 -13.37 7.55
CA THR A 976 4.18 -13.75 6.23
C THR A 976 5.25 -14.54 5.49
N PRO A 977 4.86 -15.48 4.62
CA PRO A 977 3.48 -15.87 4.26
C PRO A 977 2.81 -16.69 5.36
N THR A 978 1.53 -16.44 5.60
CA THR A 978 0.80 -17.11 6.67
C THR A 978 0.49 -18.55 6.28
N GLU A 979 -0.04 -19.30 7.24
CA GLU A 979 -0.39 -20.70 6.97
C GLU A 979 -1.47 -20.81 5.90
N SER A 980 -2.48 -19.93 5.97
CA SER A 980 -3.52 -19.93 4.96
C SER A 980 -2.99 -19.51 3.60
N ALA A 981 -2.10 -18.52 3.57
CA ALA A 981 -1.57 -18.02 2.30
C ALA A 981 -0.65 -19.04 1.64
N TRP A 982 0.03 -19.89 2.43
CA TRP A 982 0.92 -20.88 1.84
C TRP A 982 0.13 -21.93 1.06
N GLU A 983 -1.05 -22.32 1.56
CA GLU A 983 -1.84 -23.33 0.87
C GLU A 983 -2.42 -22.79 -0.43
N LYS A 984 -2.88 -21.53 -0.43
CA LYS A 984 -3.45 -20.96 -1.65
C LYS A 984 -2.38 -20.68 -2.69
N GLY A 985 -1.18 -20.29 -2.27
CA GLY A 985 -0.11 -20.03 -3.22
C GLY A 985 0.34 -21.28 -3.96
N ILE A 986 0.34 -22.42 -3.28
CA ILE A 986 0.68 -23.68 -3.92
C ILE A 986 -0.33 -24.03 -5.00
N ALA A 987 -1.62 -23.85 -4.71
CA ALA A 987 -2.65 -24.19 -5.67
C ALA A 987 -2.58 -23.32 -6.92
N LEU A 988 -2.28 -22.03 -6.76
CA LEU A 988 -2.21 -21.15 -7.93
C LEU A 988 -0.98 -21.43 -8.77
N ALA A 989 0.12 -21.84 -8.14
CA ALA A 989 1.33 -22.14 -8.89
C ALA A 989 1.15 -23.37 -9.77
N LYS A 990 0.32 -24.33 -9.35
CA LYS A 990 0.08 -25.51 -10.16
C LYS A 990 -0.82 -25.19 -11.35
N GLN A 991 -1.72 -24.23 -11.22
CA GLN A 991 -2.57 -23.83 -12.33
C GLN A 991 -1.75 -23.12 -13.41
N THR A 992 -0.74 -22.36 -13.01
CA THR A 992 0.10 -21.67 -13.98
C THR A 992 0.85 -22.65 -14.86
N ILE A 993 1.35 -23.73 -14.27
CA ILE A 993 2.07 -24.74 -15.05
C ILE A 993 1.12 -25.49 -15.97
N ASP A 994 -0.06 -25.86 -15.45
CA ASP A 994 -1.01 -26.63 -16.25
C ASP A 994 -1.51 -25.84 -17.46
N ARG A 995 -1.80 -24.55 -17.27
CA ARG A 995 -2.30 -23.73 -18.37
C ARG A 995 -1.24 -23.58 -19.46
N TYR A 996 0.03 -23.44 -19.07
CA TYR A 996 1.09 -23.30 -20.06
C TYR A 996 1.25 -24.57 -20.89
N LYS A 997 1.11 -25.73 -20.26
CA LYS A 997 1.32 -26.99 -20.97
C LYS A 997 0.24 -27.24 -22.02
N GLN A 998 -0.98 -26.75 -21.78
CA GLN A 998 -2.05 -26.94 -22.76
C GLN A 998 -1.78 -26.18 -24.05
N ARG A 999 -1.19 -25.00 -23.97
CA ARG A 999 -0.98 -24.15 -25.12
C ARG A 999 0.36 -24.38 -25.82
N HIS A 1000 1.23 -25.21 -25.25
CA HIS A 1000 2.57 -25.39 -25.79
C HIS A 1000 2.97 -26.86 -25.81
N ASN A 1001 1.98 -27.75 -25.97
CA ASN A 1001 2.22 -29.18 -26.18
C ASN A 1001 3.01 -29.80 -25.03
N ASP A 1002 2.47 -29.65 -23.82
CA ASP A 1002 3.01 -30.31 -22.62
C ASP A 1002 4.47 -29.95 -22.37
N SER A 1003 4.80 -28.67 -22.52
CA SER A 1003 6.10 -28.15 -22.14
C SER A 1003 5.97 -27.25 -20.93
N ILE A 1004 6.98 -27.26 -20.08
CA ILE A 1004 6.97 -26.42 -18.88
C ILE A 1004 7.86 -25.21 -19.11
N PRO A 1005 7.56 -24.07 -18.49
CA PRO A 1005 8.37 -22.87 -18.72
C PRO A 1005 9.75 -22.99 -18.10
N ARG A 1006 10.67 -22.17 -18.61
CA ARG A 1006 12.03 -22.12 -18.10
C ARG A 1006 12.23 -21.02 -17.06
N LYS A 1007 11.43 -19.97 -17.09
CA LYS A 1007 11.54 -18.88 -16.13
C LYS A 1007 10.23 -18.11 -16.11
N VAL A 1008 9.83 -17.66 -14.92
CA VAL A 1008 8.59 -16.93 -14.71
C VAL A 1008 8.92 -15.60 -14.05
N SER A 1009 8.20 -14.55 -14.45
CA SER A 1009 8.43 -13.19 -13.96
C SER A 1009 7.22 -12.73 -13.16
N TYR A 1010 7.47 -11.99 -12.08
CA TYR A 1010 6.43 -11.58 -11.15
C TYR A 1010 6.53 -10.08 -10.86
N THR A 1011 5.39 -9.52 -10.45
CA THR A 1011 5.29 -8.14 -9.99
C THR A 1011 4.63 -8.13 -8.62
N LEU A 1012 5.16 -7.34 -7.69
CA LEU A 1012 4.69 -7.31 -6.32
C LEU A 1012 4.17 -5.93 -5.97
N TRP A 1013 2.96 -5.86 -5.43
CA TRP A 1013 2.31 -4.62 -5.05
C TRP A 1013 1.88 -4.67 -3.60
N SER A 1014 1.69 -3.48 -3.02
CA SER A 1014 1.46 -3.36 -1.58
C SER A 1014 0.06 -3.80 -1.17
N SER A 1015 -0.97 -3.40 -1.93
CA SER A 1015 -2.34 -3.67 -1.50
C SER A 1015 -2.64 -5.16 -1.49
N GLU A 1016 -2.18 -5.90 -2.50
CA GLU A 1016 -2.43 -7.33 -2.55
C GLU A 1016 -1.65 -8.09 -1.48
N PHE A 1017 -0.51 -7.55 -1.05
CA PHE A 1017 0.26 -8.20 0.02
C PHE A 1017 -0.49 -8.18 1.34
N ILE A 1018 -1.12 -7.05 1.68
CA ILE A 1018 -1.78 -6.92 2.97
C ILE A 1018 -3.03 -7.77 3.04
N GLU A 1019 -3.85 -7.75 1.98
CA GLU A 1019 -5.17 -8.38 2.05
C GLU A 1019 -5.09 -9.90 1.95
N THR A 1020 -4.12 -10.43 1.21
CA THR A 1020 -3.99 -11.86 1.05
C THR A 1020 -3.05 -12.49 2.08
N GLY A 1021 -2.23 -11.69 2.75
CA GLY A 1021 -1.28 -12.22 3.71
C GLY A 1021 0.01 -12.72 3.12
N GLY A 1022 0.32 -12.34 1.88
CA GLY A 1022 1.53 -12.79 1.22
C GLY A 1022 1.36 -13.97 0.30
N ALA A 1023 0.24 -14.06 -0.41
CA ALA A 1023 0.00 -15.22 -1.27
C ALA A 1023 0.88 -15.20 -2.51
N THR A 1024 1.27 -14.01 -2.98
CA THR A 1024 2.12 -13.94 -4.16
C THR A 1024 3.55 -14.38 -3.86
N ILE A 1025 4.03 -14.15 -2.64
CA ILE A 1025 5.35 -14.63 -2.25
C ILE A 1025 5.38 -16.14 -2.20
N ALA A 1026 4.27 -16.78 -1.80
CA ALA A 1026 4.23 -18.24 -1.74
C ALA A 1026 4.39 -18.85 -3.13
N GLN A 1027 3.82 -18.20 -4.15
CA GLN A 1027 3.97 -18.71 -5.51
C GLN A 1027 5.42 -18.66 -5.98
N VAL A 1028 6.14 -17.60 -5.61
CA VAL A 1028 7.54 -17.47 -6.00
C VAL A 1028 8.38 -18.57 -5.37
N LEU A 1029 8.16 -18.83 -4.08
CA LEU A 1029 8.97 -19.81 -3.37
C LEU A 1029 8.71 -21.23 -3.86
N TYR A 1030 7.46 -21.52 -4.22
CA TYR A 1030 7.11 -22.88 -4.63
C TYR A 1030 7.68 -23.22 -6.00
N MET A 1031 7.84 -22.22 -6.87
CA MET A 1031 8.47 -22.47 -8.16
C MET A 1031 9.91 -22.93 -8.00
N LEU A 1032 10.65 -22.30 -7.09
CA LEU A 1032 12.03 -22.70 -6.84
C LEU A 1032 12.09 -24.08 -6.17
N GLY A 1033 11.17 -24.34 -5.25
CA GLY A 1033 11.20 -25.60 -4.51
C GLY A 1033 11.72 -25.41 -3.09
N VAL A 1034 11.33 -24.32 -2.45
CA VAL A 1034 11.79 -23.96 -1.12
C VAL A 1034 10.58 -23.62 -0.26
N GLU A 1035 10.60 -24.05 0.99
CA GLU A 1035 9.46 -23.83 1.88
C GLU A 1035 9.91 -23.13 3.15
N PRO A 1036 9.03 -22.34 3.76
CA PRO A 1036 9.40 -21.62 4.99
C PRO A 1036 9.39 -22.51 6.22
N VAL A 1037 10.07 -22.03 7.26
CA VAL A 1037 10.14 -22.69 8.56
C VAL A 1037 9.62 -21.73 9.61
N ARG A 1038 8.66 -22.18 10.41
CA ARG A 1038 8.02 -21.37 11.43
C ARG A 1038 8.48 -21.77 12.82
N ASP A 1039 8.48 -20.80 13.73
CA ASP A 1039 8.81 -21.03 15.12
C ASP A 1039 7.53 -21.26 15.92
N ALA A 1040 7.68 -21.29 17.25
CA ALA A 1040 6.54 -21.54 18.13
C ALA A 1040 5.51 -20.44 18.08
N PHE A 1041 5.91 -19.21 17.74
CA PHE A 1041 5.01 -18.06 17.73
C PHE A 1041 4.58 -17.67 16.32
N GLY A 1042 4.85 -18.53 15.33
CA GLY A 1042 4.35 -18.29 13.98
C GLY A 1042 5.11 -17.26 13.17
N ARG A 1043 6.39 -17.04 13.46
CA ARG A 1043 7.21 -16.12 12.70
C ARG A 1043 8.14 -16.89 11.76
N VAL A 1044 8.24 -16.42 10.53
CA VAL A 1044 9.04 -17.07 9.49
C VAL A 1044 10.39 -16.37 9.42
N SER A 1045 11.46 -17.12 9.66
CA SER A 1045 12.80 -16.57 9.59
C SER A 1045 13.82 -17.50 8.95
N ASP A 1046 13.41 -18.62 8.39
CA ASP A 1046 14.34 -19.58 7.82
C ASP A 1046 13.67 -20.32 6.67
N LEU A 1047 14.49 -21.02 5.89
CA LEU A 1047 14.03 -21.70 4.68
C LEU A 1047 14.53 -23.14 4.68
N LYS A 1048 13.82 -23.99 3.94
CA LYS A 1048 14.16 -25.40 3.82
C LYS A 1048 13.98 -25.83 2.37
N LEU A 1049 14.77 -26.81 1.95
CA LEU A 1049 14.78 -27.27 0.57
C LEU A 1049 13.88 -28.48 0.40
N ILE A 1050 12.99 -28.42 -0.58
CA ILE A 1050 12.08 -29.52 -0.88
C ILE A 1050 12.80 -30.55 -1.73
N PRO A 1051 12.76 -31.83 -1.38
CA PRO A 1051 13.44 -32.85 -2.18
C PRO A 1051 12.87 -32.93 -3.60
N SER A 1052 13.74 -33.30 -4.54
CA SER A 1052 13.34 -33.31 -5.95
C SER A 1052 12.23 -34.32 -6.22
N THR A 1053 12.32 -35.50 -5.60
CA THR A 1053 11.30 -36.52 -5.83
C THR A 1053 9.94 -36.07 -5.31
N GLU A 1054 9.91 -35.38 -4.17
CA GLU A 1054 8.65 -34.87 -3.65
C GLU A 1054 8.08 -33.78 -4.55
N LEU A 1055 8.94 -33.00 -5.21
CA LEU A 1055 8.46 -31.92 -6.07
C LEU A 1055 7.79 -32.47 -7.31
N GLY A 1056 8.36 -33.52 -7.91
CA GLY A 1056 7.76 -34.16 -9.07
C GLY A 1056 7.95 -33.44 -10.39
N ARG A 1057 8.83 -32.45 -10.45
CA ARG A 1057 9.04 -31.67 -11.67
C ARG A 1057 10.38 -30.97 -11.56
N PRO A 1058 10.93 -30.49 -12.67
CA PRO A 1058 12.15 -29.67 -12.60
C PRO A 1058 11.88 -28.34 -11.91
N ARG A 1059 12.94 -27.79 -11.32
CA ARG A 1059 12.85 -26.47 -10.71
C ARG A 1059 12.78 -25.39 -11.77
N ILE A 1060 12.17 -24.27 -11.42
CA ILE A 1060 11.94 -23.16 -12.35
C ILE A 1060 12.49 -21.89 -11.74
N ASP A 1061 13.25 -21.14 -12.52
CA ASP A 1061 13.85 -19.89 -12.05
C ASP A 1061 12.84 -18.75 -12.13
N VAL A 1062 13.10 -17.71 -11.34
CA VAL A 1062 12.18 -16.57 -11.22
C VAL A 1062 12.97 -15.27 -11.32
N VAL A 1063 12.23 -14.19 -11.54
CA VAL A 1063 12.76 -12.83 -11.48
C VAL A 1063 11.62 -11.91 -11.03
N VAL A 1064 11.94 -10.94 -10.18
CA VAL A 1064 10.94 -10.16 -9.46
C VAL A 1064 11.22 -8.68 -9.65
N GLN A 1065 10.15 -7.90 -9.86
CA GLN A 1065 10.21 -6.45 -9.83
C GLN A 1065 9.20 -5.94 -8.81
N THR A 1066 9.51 -4.81 -8.18
CA THR A 1066 8.73 -4.31 -7.07
C THR A 1066 8.38 -2.84 -7.27
N SER A 1067 7.41 -2.37 -6.51
CA SER A 1067 7.06 -0.96 -6.45
C SER A 1067 7.56 -0.35 -5.15
N GLY A 1068 7.63 0.99 -5.13
CA GLY A 1068 8.15 1.68 -3.96
C GLY A 1068 7.35 1.46 -2.70
N GLN A 1069 6.02 1.35 -2.84
CA GLN A 1069 5.18 1.14 -1.67
C GLN A 1069 5.47 -0.21 -1.00
N LEU A 1070 5.71 -1.25 -1.80
CA LEU A 1070 5.98 -2.56 -1.22
C LEU A 1070 7.31 -2.60 -0.47
N ARG A 1071 8.34 -1.94 -1.03
CA ARG A 1071 9.65 -1.98 -0.39
C ARG A 1071 9.63 -1.34 1.00
N ASP A 1072 8.69 -0.43 1.25
CA ASP A 1072 8.57 0.16 2.58
C ASP A 1072 7.88 -0.80 3.55
N LEU A 1073 6.91 -1.57 3.07
CA LEU A 1073 6.15 -2.44 3.96
C LEU A 1073 6.94 -3.69 4.35
N ALA A 1074 7.51 -4.39 3.37
CA ALA A 1074 8.20 -5.65 3.61
C ALA A 1074 9.52 -5.65 2.86
N ALA A 1075 10.58 -5.16 3.51
CA ALA A 1075 11.92 -5.22 2.96
C ALA A 1075 12.68 -6.46 3.37
N SER A 1076 12.36 -7.04 4.53
CA SER A 1076 13.00 -8.26 4.96
C SER A 1076 12.54 -9.48 4.17
N ARG A 1077 11.31 -9.45 3.64
CA ARG A 1077 10.84 -10.55 2.80
C ARG A 1077 11.61 -10.62 1.49
N LEU A 1078 12.06 -9.47 0.98
CA LEU A 1078 12.86 -9.45 -0.23
C LEU A 1078 14.22 -10.11 -0.02
N PHE A 1079 14.72 -10.10 1.22
CA PHE A 1079 15.99 -10.75 1.50
C PHE A 1079 15.84 -12.27 1.52
N LEU A 1080 14.66 -12.77 1.89
CA LEU A 1080 14.43 -14.21 1.87
C LEU A 1080 14.35 -14.73 0.45
N ILE A 1081 13.74 -13.96 -0.46
CA ILE A 1081 13.57 -14.42 -1.83
C ILE A 1081 14.93 -14.61 -2.50
N ASN A 1082 15.84 -13.65 -2.33
CA ASN A 1082 17.14 -13.76 -2.97
C ASN A 1082 18.00 -14.82 -2.31
N ARG A 1083 17.79 -15.07 -1.02
CA ARG A 1083 18.50 -16.15 -0.34
C ARG A 1083 18.04 -17.51 -0.85
N ALA A 1084 16.74 -17.65 -1.16
CA ALA A 1084 16.23 -18.93 -1.64
C ALA A 1084 16.73 -19.23 -3.05
N VAL A 1085 17.00 -18.21 -3.86
CA VAL A 1085 17.54 -18.44 -5.19
C VAL A 1085 18.91 -19.09 -5.11
N GLU A 1086 19.76 -18.61 -4.20
CA GLU A 1086 21.09 -19.16 -4.07
C GLU A 1086 21.06 -20.56 -3.47
N MET A 1087 20.03 -20.89 -2.69
CA MET A 1087 19.90 -22.23 -2.15
C MET A 1087 19.57 -23.24 -3.24
N ALA A 1088 18.67 -22.88 -4.14
CA ALA A 1088 18.23 -23.81 -5.18
C ALA A 1088 19.28 -23.98 -6.27
N ALA A 1089 20.06 -22.95 -6.57
CA ALA A 1089 21.08 -23.04 -7.60
C ALA A 1089 22.24 -23.93 -7.20
N ALA A 1090 22.41 -24.19 -5.91
CA ALA A 1090 23.48 -25.03 -5.40
C ALA A 1090 23.02 -26.46 -5.14
N ALA A 1091 21.77 -26.79 -5.45
CA ALA A 1091 21.23 -28.12 -5.19
C ALA A 1091 21.75 -29.08 -6.26
N LYS A 1092 22.51 -30.08 -5.84
CA LYS A 1092 23.08 -31.07 -6.73
C LYS A 1092 22.37 -32.42 -6.56
N ASP A 1093 22.59 -33.30 -7.54
CA ASP A 1093 22.03 -34.65 -7.54
C ASP A 1093 20.50 -34.61 -7.45
N ASP A 1094 19.89 -34.03 -8.47
CA ASP A 1094 18.44 -33.97 -8.60
C ASP A 1094 17.95 -35.05 -9.54
N LYS A 1095 16.78 -35.60 -9.24
CA LYS A 1095 16.17 -36.60 -10.12
C LYS A 1095 15.81 -35.98 -11.47
N TYR A 1096 15.31 -34.75 -11.47
CA TYR A 1096 14.97 -34.02 -12.68
C TYR A 1096 16.01 -32.94 -12.94
N GLU A 1097 15.81 -32.18 -14.01
CA GLU A 1097 16.73 -31.12 -14.37
C GLU A 1097 16.60 -29.95 -13.41
N ASN A 1098 17.74 -29.30 -13.14
CA ASN A 1098 17.78 -28.09 -12.32
C ASN A 1098 17.94 -26.91 -13.26
N GLN A 1099 16.83 -26.24 -13.56
CA GLN A 1099 16.85 -25.09 -14.46
C GLN A 1099 17.30 -23.81 -13.77
N VAL A 1100 17.37 -23.79 -12.44
CA VAL A 1100 17.91 -22.62 -11.75
C VAL A 1100 19.41 -22.52 -11.98
N ALA A 1101 20.12 -23.65 -11.96
CA ALA A 1101 21.55 -23.64 -12.20
C ALA A 1101 21.89 -23.29 -13.64
N SER A 1102 21.00 -23.62 -14.58
CA SER A 1102 21.24 -23.31 -15.98
C SER A 1102 21.16 -21.81 -16.25
N SER A 1103 20.28 -21.10 -15.54
CA SER A 1103 20.14 -19.67 -15.76
C SER A 1103 21.33 -18.89 -15.24
N VAL A 1104 21.97 -19.37 -14.17
CA VAL A 1104 23.15 -18.70 -13.65
C VAL A 1104 24.31 -18.81 -14.64
N ILE A 1105 24.47 -19.98 -15.26
CA ILE A 1105 25.53 -20.15 -16.24
C ILE A 1105 25.29 -19.28 -17.46
N GLU A 1106 24.04 -19.23 -17.94
CA GLU A 1106 23.74 -18.42 -19.12
C GLU A 1106 23.90 -16.93 -18.83
N ALA A 1107 23.48 -16.48 -17.65
CA ALA A 1107 23.61 -15.08 -17.29
C ALA A 1107 25.08 -14.66 -17.21
N GLU A 1108 25.93 -15.54 -16.67
CA GLU A 1108 27.35 -15.23 -16.57
C GLU A 1108 28.01 -15.12 -17.95
N ARG A 1109 27.57 -15.94 -18.90
CA ARG A 1109 28.13 -15.86 -20.25
C ARG A 1109 27.79 -14.54 -20.91
N VAL A 1110 26.56 -14.05 -20.72
CA VAL A 1110 26.17 -12.77 -21.30
C VAL A 1110 26.99 -11.63 -20.71
N LEU A 1111 27.20 -11.63 -19.39
CA LEU A 1111 27.95 -10.56 -18.75
C LEU A 1111 29.40 -10.54 -19.21
N THR A 1112 30.01 -11.71 -19.39
CA THR A 1112 31.38 -11.76 -19.90
C THR A 1112 31.46 -11.23 -21.32
N GLU A 1113 30.46 -11.50 -22.15
CA GLU A 1113 30.43 -10.96 -23.50
C GLU A 1113 30.37 -9.44 -23.50
N LYS A 1114 29.61 -8.86 -22.56
CA LYS A 1114 29.51 -7.40 -22.47
C LYS A 1114 30.80 -6.73 -22.05
N GLY A 1115 31.78 -7.48 -21.57
CA GLY A 1115 33.05 -6.91 -21.19
C GLY A 1115 33.17 -6.61 -19.70
N LEU A 1116 32.83 -7.58 -18.86
CA LEU A 1116 32.97 -7.45 -17.42
C LEU A 1116 34.09 -8.35 -16.91
N SER A 1117 34.59 -8.00 -15.73
CA SER A 1117 35.64 -8.79 -15.10
C SER A 1117 35.10 -10.16 -14.70
N PRO A 1118 35.94 -11.20 -14.75
CA PRO A 1118 35.47 -12.53 -14.35
C PRO A 1118 34.98 -12.58 -12.91
N LYS A 1119 35.58 -11.80 -12.01
CA LYS A 1119 35.12 -11.77 -10.63
C LYS A 1119 33.79 -11.07 -10.50
N ASP A 1120 33.58 -9.98 -11.25
CA ASP A 1120 32.32 -9.26 -11.18
C ASP A 1120 31.20 -10.05 -11.83
N ALA A 1121 31.48 -10.73 -12.95
CA ALA A 1121 30.43 -11.49 -13.63
C ALA A 1121 29.88 -12.60 -12.76
N ARG A 1122 30.73 -13.21 -11.93
CA ARG A 1122 30.26 -14.28 -11.06
C ARG A 1122 29.35 -13.74 -9.96
N GLU A 1123 29.64 -12.53 -9.45
CA GLU A 1123 28.83 -11.97 -8.38
C GLU A 1123 27.49 -11.47 -8.89
N ILE A 1124 27.48 -10.77 -10.03
CA ILE A 1124 26.26 -10.15 -10.51
C ILE A 1124 25.30 -11.18 -11.12
N SER A 1125 25.79 -12.36 -11.50
CA SER A 1125 24.95 -13.34 -12.18
C SER A 1125 23.86 -13.93 -11.28
N THR A 1126 23.73 -13.48 -10.04
CA THR A 1126 22.70 -13.99 -9.14
C THR A 1126 21.73 -12.92 -8.66
N PHE A 1127 21.80 -11.72 -9.22
CA PHE A 1127 20.84 -10.68 -8.88
C PHE A 1127 19.48 -11.02 -9.47
N ARG A 1128 18.43 -10.99 -8.63
CA ARG A 1128 17.11 -11.37 -9.10
C ARG A 1128 15.98 -10.46 -8.61
N VAL A 1129 16.25 -9.45 -7.80
CA VAL A 1129 15.22 -8.54 -7.31
C VAL A 1129 15.59 -7.12 -7.76
N PHE A 1130 14.64 -6.45 -8.41
CA PHE A 1130 14.92 -5.16 -9.02
C PHE A 1130 13.80 -4.18 -8.73
N GLY A 1131 14.12 -2.89 -8.85
CA GLY A 1131 13.16 -1.84 -8.60
C GLY A 1131 13.61 -0.54 -9.22
N GLY A 1132 12.91 0.53 -8.86
CA GLY A 1132 13.18 1.83 -9.46
C GLY A 1132 14.51 2.42 -9.02
N ALA A 1133 15.12 3.17 -9.94
CA ALA A 1133 16.41 3.79 -9.68
C ALA A 1133 16.26 4.99 -8.77
N ASN A 1134 17.30 5.23 -7.96
CA ASN A 1134 17.34 6.32 -6.98
C ASN A 1134 16.21 6.23 -5.96
N GLY A 1135 15.59 5.06 -5.83
CA GLY A 1135 14.53 4.88 -4.86
C GLY A 1135 13.20 5.52 -5.21
N MET A 1136 12.95 5.80 -6.48
CA MET A 1136 11.67 6.38 -6.87
C MET A 1136 10.56 5.32 -6.79
N TYR A 1137 9.33 5.81 -6.68
CA TYR A 1137 8.20 4.94 -6.40
C TYR A 1137 7.56 4.34 -7.65
N GLY A 1138 7.83 4.90 -8.83
CA GLY A 1138 7.24 4.37 -10.04
C GLY A 1138 8.27 4.01 -11.10
N THR A 1139 7.82 3.82 -12.33
CA THR A 1139 8.72 3.50 -13.44
C THR A 1139 9.05 4.71 -14.29
N GLY A 1140 8.19 5.73 -14.30
CA GLY A 1140 8.42 6.90 -15.12
C GLY A 1140 8.18 6.71 -16.60
N ILE A 1141 7.44 5.67 -16.99
CA ILE A 1141 7.29 5.34 -18.41
C ILE A 1141 5.99 5.87 -19.00
N GLN A 1142 5.02 6.29 -18.17
CA GLN A 1142 3.78 6.82 -18.72
C GLN A 1142 4.00 8.13 -19.45
N GLU A 1143 4.93 8.96 -18.97
CA GLU A 1143 5.19 10.24 -19.63
C GLU A 1143 5.76 10.04 -21.02
N MET A 1144 6.62 9.05 -21.20
CA MET A 1144 7.23 8.81 -22.51
C MET A 1144 6.22 8.23 -23.50
N VAL A 1145 5.37 7.32 -23.04
CA VAL A 1145 4.43 6.66 -23.93
C VAL A 1145 3.38 7.65 -24.44
N GLU A 1146 2.90 8.53 -23.57
CA GLU A 1146 1.84 9.46 -23.94
C GLU A 1146 2.35 10.71 -24.64
N SER A 1147 3.66 10.83 -24.82
CA SER A 1147 4.24 11.88 -25.66
C SER A 1147 4.57 11.23 -27.01
N GLY A 1148 3.55 11.14 -27.86
CA GLY A 1148 3.63 10.33 -29.06
C GLY A 1148 4.59 10.84 -30.11
N ASP A 1149 4.91 12.13 -30.09
CA ASP A 1149 5.76 12.71 -31.12
C ASP A 1149 7.24 12.73 -30.75
N ARG A 1150 7.61 12.15 -29.61
CA ARG A 1150 9.00 12.17 -29.16
C ARG A 1150 9.67 10.80 -29.24
N TRP A 1151 9.03 9.82 -29.88
CA TRP A 1151 9.66 8.52 -30.10
C TRP A 1151 9.10 7.93 -31.38
N GLU A 1152 9.87 7.02 -31.98
CA GLU A 1152 9.53 6.41 -33.25
C GLU A 1152 9.35 4.89 -33.16
N ASN A 1153 10.29 4.19 -32.53
CA ASN A 1153 10.27 2.75 -32.44
C ASN A 1153 10.05 2.31 -31.00
N GLU A 1154 9.58 1.06 -30.84
CA GLU A 1154 9.39 0.51 -29.51
C GLU A 1154 10.71 0.15 -28.84
N SER A 1155 11.79 0.04 -29.60
CA SER A 1155 13.09 -0.26 -29.00
C SER A 1155 13.63 0.90 -28.19
N GLU A 1156 13.21 2.13 -28.50
CA GLU A 1156 13.61 3.26 -27.67
C GLU A 1156 12.96 3.21 -26.30
N ILE A 1157 11.70 2.75 -26.25
CA ILE A 1157 11.00 2.63 -24.97
C ILE A 1157 11.63 1.53 -24.12
N ALA A 1158 12.05 0.43 -24.75
CA ALA A 1158 12.64 -0.68 -24.02
C ALA A 1158 13.95 -0.26 -23.33
N ASP A 1159 14.77 0.52 -24.02
CA ASP A 1159 16.02 0.98 -23.42
C ASP A 1159 15.76 1.88 -22.21
N THR A 1160 14.76 2.74 -22.30
CA THR A 1160 14.43 3.60 -21.17
C THR A 1160 13.93 2.79 -19.98
N TYR A 1161 13.11 1.76 -20.24
CA TYR A 1161 12.57 0.95 -19.15
C TYR A 1161 13.68 0.20 -18.43
N LEU A 1162 14.65 -0.35 -19.16
CA LEU A 1162 15.74 -1.06 -18.53
C LEU A 1162 16.60 -0.16 -17.67
N ASN A 1163 16.73 1.12 -18.04
CA ASN A 1163 17.52 2.04 -17.25
C ASN A 1163 16.79 2.47 -15.98
N ASN A 1164 15.48 2.74 -16.09
CA ASN A 1164 14.73 3.29 -14.96
C ASN A 1164 14.40 2.26 -13.90
N MET A 1165 14.50 0.96 -14.20
CA MET A 1165 14.13 -0.09 -13.27
C MET A 1165 15.28 -1.07 -13.05
N GLY A 1166 16.52 -0.60 -13.15
CA GLY A 1166 17.67 -1.48 -13.06
C GLY A 1166 18.38 -1.49 -11.72
N ALA A 1167 17.75 -0.96 -10.68
CA ALA A 1167 18.35 -0.95 -9.36
C ALA A 1167 18.12 -2.28 -8.66
N TYR A 1168 18.99 -2.60 -7.71
CA TYR A 1168 19.00 -3.88 -7.03
C TYR A 1168 18.64 -3.71 -5.56
N TYR A 1169 17.71 -4.54 -5.08
CA TYR A 1169 17.23 -4.49 -3.71
C TYR A 1169 17.16 -5.89 -3.10
N GLY A 1170 18.19 -6.70 -3.35
CA GLY A 1170 18.17 -8.08 -2.92
C GLY A 1170 18.89 -8.35 -1.61
N SER A 1171 19.65 -7.38 -1.12
CA SER A 1171 20.37 -7.55 0.14
C SER A 1171 20.56 -6.19 0.79
N GLU A 1172 20.79 -6.21 2.10
CA GLU A 1172 20.97 -4.97 2.85
C GLU A 1172 22.34 -4.35 2.58
N LYS A 1173 23.36 -5.18 2.35
CA LYS A 1173 24.70 -4.68 2.06
C LYS A 1173 24.78 -3.94 0.73
N ASN A 1174 24.08 -4.42 -0.30
CA ASN A 1174 24.09 -3.80 -1.62
C ASN A 1174 22.74 -3.13 -1.93
N TRP A 1175 22.15 -2.49 -0.93
CA TRP A 1175 20.85 -1.86 -1.11
C TRP A 1175 20.95 -0.72 -2.12
N GLU A 1176 20.12 -0.78 -3.16
CA GLU A 1176 20.00 0.29 -4.16
C GLU A 1176 21.33 0.53 -4.87
N VAL A 1177 21.79 -0.52 -5.56
CA VAL A 1177 23.03 -0.48 -6.32
C VAL A 1177 22.69 -0.69 -7.79
N PHE A 1178 23.22 0.16 -8.66
CA PHE A 1178 22.96 0.08 -10.09
C PHE A 1178 24.20 -0.47 -10.80
N GLN A 1179 24.02 -1.58 -11.50
CA GLN A 1179 25.05 -2.17 -12.35
C GLN A 1179 24.51 -2.28 -13.75
N LYS A 1180 25.30 -1.86 -14.74
CA LYS A 1180 24.89 -1.94 -16.12
C LYS A 1180 24.79 -3.41 -16.56
N PHE A 1181 23.78 -3.68 -17.38
CA PHE A 1181 23.49 -4.99 -17.97
C PHE A 1181 23.04 -6.03 -16.96
N ALA A 1182 22.83 -5.64 -15.70
CA ALA A 1182 22.40 -6.61 -14.69
C ALA A 1182 20.95 -7.01 -14.91
N PHE A 1183 20.07 -6.03 -15.16
CA PHE A 1183 18.66 -6.33 -15.39
C PHE A 1183 18.47 -7.12 -16.68
N GLU A 1184 19.21 -6.75 -17.73
CA GLU A 1184 19.05 -7.43 -19.01
C GLU A 1184 19.46 -8.90 -18.94
N ALA A 1185 20.57 -9.19 -18.25
CA ALA A 1185 21.05 -10.56 -18.17
C ALA A 1185 20.13 -11.46 -17.34
N ALA A 1186 19.32 -10.88 -16.46
CA ALA A 1186 18.41 -11.67 -15.64
C ALA A 1186 17.09 -11.95 -16.33
N LEU A 1187 16.80 -11.31 -17.45
CA LEU A 1187 15.54 -11.51 -18.17
C LEU A 1187 15.63 -12.56 -19.26
N THR A 1188 16.80 -13.16 -19.46
CA THR A 1188 16.96 -14.14 -20.54
C THR A 1188 16.14 -15.39 -20.25
N ARG A 1189 15.59 -15.98 -21.32
CA ARG A 1189 14.85 -17.24 -21.26
C ARG A 1189 13.58 -17.11 -20.41
N THR A 1190 12.91 -15.98 -20.51
CA THR A 1190 11.67 -15.75 -19.77
C THR A 1190 10.48 -16.12 -20.65
N ASP A 1191 9.51 -16.80 -20.06
CA ASP A 1191 8.37 -17.33 -20.79
C ASP A 1191 7.02 -16.79 -20.35
N VAL A 1192 6.83 -16.49 -19.06
CA VAL A 1192 5.53 -16.10 -18.53
C VAL A 1192 5.69 -14.83 -17.70
N VAL A 1193 4.67 -13.98 -17.74
CA VAL A 1193 4.58 -12.78 -16.92
C VAL A 1193 3.29 -12.86 -16.11
N VAL A 1194 3.39 -12.62 -14.80
CA VAL A 1194 2.27 -12.78 -13.87
C VAL A 1194 2.03 -11.46 -13.17
N GLN A 1195 0.76 -11.08 -13.04
CA GLN A 1195 0.34 -9.84 -12.40
C GLN A 1195 -0.79 -10.13 -11.41
N PRO A 1196 -0.68 -9.70 -10.16
CA PRO A 1196 -1.76 -9.91 -9.19
C PRO A 1196 -2.88 -8.91 -9.34
N ARG A 1197 -4.03 -9.27 -8.76
CA ARG A 1197 -5.24 -8.46 -8.85
C ARG A 1197 -6.16 -8.83 -7.71
N GLN A 1198 -6.61 -7.83 -6.93
CA GLN A 1198 -7.38 -8.10 -5.73
C GLN A 1198 -8.61 -7.23 -5.53
N SER A 1199 -8.79 -6.16 -6.30
CA SER A 1199 -9.85 -5.20 -6.05
C SER A 1199 -11.02 -5.40 -7.00
N ASN A 1200 -12.22 -5.13 -6.49
CA ASN A 1200 -13.45 -5.21 -7.28
C ASN A 1200 -13.83 -3.89 -7.92
N THR A 1201 -13.02 -2.84 -7.78
CA THR A 1201 -13.37 -1.52 -8.28
C THR A 1201 -12.64 -1.14 -9.56
N TRP A 1202 -11.53 -1.80 -9.88
CA TRP A 1202 -10.78 -1.50 -11.09
C TRP A 1202 -10.41 -2.79 -11.80
N GLY A 1203 -10.17 -2.67 -13.10
CA GLY A 1203 -9.79 -3.78 -13.94
C GLY A 1203 -8.52 -3.47 -14.70
N ALA A 1204 -8.33 -4.19 -15.81
CA ALA A 1204 -7.12 -4.02 -16.61
C ALA A 1204 -7.11 -2.72 -17.38
N LEU A 1205 -8.28 -2.22 -17.80
CA LEU A 1205 -8.35 -1.01 -18.61
C LEU A 1205 -8.67 0.25 -17.80
N SER A 1206 -9.04 0.12 -16.53
CA SER A 1206 -9.47 1.26 -15.75
C SER A 1206 -8.40 1.79 -14.80
N LEU A 1207 -7.32 1.05 -14.59
CA LEU A 1207 -6.20 1.50 -13.75
C LEU A 1207 -4.98 1.70 -14.63
N ASP A 1208 -4.38 2.89 -14.54
CA ASP A 1208 -3.26 3.23 -15.40
C ASP A 1208 -1.96 2.54 -14.99
N HIS A 1209 -1.87 2.06 -13.75
CA HIS A 1209 -0.65 1.40 -13.30
C HIS A 1209 -0.49 0.00 -13.88
N VAL A 1210 -1.56 -0.60 -14.37
CA VAL A 1210 -1.50 -1.99 -14.83
C VAL A 1210 -0.62 -2.11 -16.06
N TYR A 1211 -0.85 -1.26 -17.06
CA TYR A 1211 -0.03 -1.32 -18.27
C TYR A 1211 1.34 -0.68 -18.06
N GLU A 1212 1.51 0.10 -17.00
CA GLU A 1212 2.82 0.67 -16.71
C GLU A 1212 3.81 -0.39 -16.25
N PHE A 1213 3.35 -1.31 -15.40
CA PHE A 1213 4.19 -2.37 -14.85
C PHE A 1213 4.10 -3.66 -15.66
N MET A 1214 2.89 -4.19 -15.84
CA MET A 1214 2.74 -5.45 -16.56
C MET A 1214 3.08 -5.29 -18.04
N GLY A 1215 2.65 -4.20 -18.66
CA GLY A 1215 2.97 -3.96 -20.05
C GLY A 1215 4.44 -3.68 -20.28
N GLY A 1216 5.05 -2.89 -19.40
CA GLY A 1216 6.46 -2.56 -19.56
C GLY A 1216 7.36 -3.78 -19.48
N MET A 1217 7.07 -4.69 -18.55
CA MET A 1217 7.85 -5.92 -18.46
C MET A 1217 7.67 -6.78 -19.71
N ASN A 1218 6.46 -6.82 -20.25
CA ASN A 1218 6.22 -7.59 -21.46
C ASN A 1218 7.01 -7.04 -22.64
N LEU A 1219 7.06 -5.71 -22.77
CA LEU A 1219 7.80 -5.10 -23.88
C LEU A 1219 9.30 -5.35 -23.75
N ALA A 1220 9.83 -5.28 -22.52
CA ALA A 1220 11.27 -5.45 -22.33
C ALA A 1220 11.70 -6.88 -22.64
N VAL A 1221 10.89 -7.86 -22.26
CA VAL A 1221 11.23 -9.26 -22.51
C VAL A 1221 11.23 -9.55 -24.01
N ARG A 1222 10.29 -8.97 -24.75
CA ARG A 1222 10.20 -9.23 -26.19
C ARG A 1222 11.45 -8.71 -26.91
N ASN A 1223 12.00 -7.59 -26.47
CA ASN A 1223 13.19 -7.05 -27.11
C ASN A 1223 14.47 -7.78 -26.73
N VAL A 1224 14.48 -8.48 -25.60
CA VAL A 1224 15.67 -9.19 -25.16
C VAL A 1224 15.72 -10.61 -25.73
N THR A 1225 14.64 -11.36 -25.59
CA THR A 1225 14.61 -12.74 -26.06
C THR A 1225 14.17 -12.86 -27.50
N GLY A 1226 13.46 -11.87 -28.04
CA GLY A 1226 12.94 -11.94 -29.39
C GLY A 1226 11.62 -12.66 -29.53
N LYS A 1227 11.00 -13.06 -28.43
CA LYS A 1227 9.74 -13.79 -28.46
C LYS A 1227 8.77 -13.19 -27.45
N ASP A 1228 7.51 -13.09 -27.85
CA ASP A 1228 6.50 -12.49 -26.99
C ASP A 1228 6.02 -13.51 -25.96
N PRO A 1229 6.12 -13.23 -24.66
CA PRO A 1229 5.74 -14.20 -23.64
C PRO A 1229 4.23 -14.22 -23.41
N ASP A 1230 3.82 -15.10 -22.50
CA ASP A 1230 2.44 -15.19 -22.08
C ASP A 1230 2.19 -14.28 -20.89
N ALA A 1231 0.95 -13.82 -20.75
CA ALA A 1231 0.56 -12.91 -19.67
C ALA A 1231 -0.67 -13.47 -18.96
N TYR A 1232 -0.56 -13.64 -17.65
CA TYR A 1232 -1.63 -14.18 -16.83
C TYR A 1232 -1.93 -13.23 -15.68
N LEU A 1233 -3.13 -13.35 -15.13
CA LEU A 1233 -3.57 -12.55 -14.00
C LEU A 1233 -3.91 -13.46 -12.83
N SER A 1234 -3.50 -13.05 -11.63
CA SER A 1234 -3.85 -13.76 -10.39
C SER A 1234 -5.05 -13.05 -9.77
N ASP A 1235 -6.18 -13.75 -9.73
CA ASP A 1235 -7.45 -13.15 -9.32
C ASP A 1235 -7.69 -13.47 -7.85
N TYR A 1236 -7.61 -12.46 -7.00
CA TYR A 1236 -7.87 -12.59 -5.57
C TYR A 1236 -9.21 -11.98 -5.16
N ARG A 1237 -10.05 -11.61 -6.12
CA ARG A 1237 -11.27 -10.88 -5.80
C ARG A 1237 -12.22 -11.71 -4.97
N ASN A 1238 -12.36 -12.99 -5.29
CA ASN A 1238 -13.22 -13.91 -4.54
C ASN A 1238 -12.34 -14.69 -3.58
N ARG A 1239 -12.48 -14.42 -2.29
CA ARG A 1239 -11.61 -15.03 -1.29
C ARG A 1239 -11.89 -16.51 -1.10
N ASN A 1240 -13.03 -17.01 -1.58
CA ASN A 1240 -13.35 -18.42 -1.50
C ASN A 1240 -13.11 -19.17 -2.81
N HIS A 1241 -12.67 -18.47 -3.85
CA HIS A 1241 -12.43 -19.11 -5.15
C HIS A 1241 -11.42 -18.27 -5.91
N MET A 1242 -10.17 -18.72 -5.95
CA MET A 1242 -9.10 -18.04 -6.65
C MET A 1242 -8.74 -18.80 -7.91
N LYS A 1243 -8.27 -18.07 -8.92
CA LYS A 1243 -8.02 -18.67 -10.23
C LYS A 1243 -7.00 -17.81 -10.99
N MET A 1244 -6.48 -18.40 -12.07
CA MET A 1244 -5.61 -17.71 -13.00
C MET A 1244 -6.35 -17.48 -14.31
N GLN A 1245 -6.17 -16.31 -14.90
CA GLN A 1245 -6.87 -15.95 -16.13
C GLN A 1245 -5.91 -15.32 -17.13
N GLU A 1246 -6.16 -15.58 -18.40
CA GLU A 1246 -5.36 -15.04 -19.50
C GLU A 1246 -5.68 -13.56 -19.70
N LEU A 1247 -4.67 -12.81 -20.12
CA LEU A 1247 -4.81 -11.35 -20.22
C LEU A 1247 -5.84 -10.97 -21.28
N LYS A 1248 -5.78 -11.60 -22.45
CA LYS A 1248 -6.68 -11.22 -23.54
C LYS A 1248 -8.12 -11.58 -23.23
N GLU A 1249 -8.35 -12.64 -22.48
CA GLU A 1249 -9.71 -12.99 -22.07
C GLU A 1249 -10.26 -11.97 -21.08
N ALA A 1250 -9.42 -11.42 -20.21
CA ALA A 1250 -9.90 -10.43 -19.25
C ALA A 1250 -10.25 -9.12 -19.91
N VAL A 1251 -9.54 -8.74 -20.98
CA VAL A 1251 -9.87 -7.53 -21.72
C VAL A 1251 -11.23 -7.67 -22.39
N GLY A 1252 -11.52 -8.84 -22.96
CA GLY A 1252 -12.80 -9.05 -23.61
C GLY A 1252 -13.96 -8.98 -22.65
N VAL A 1253 -13.78 -9.48 -21.42
CA VAL A 1253 -14.84 -9.43 -20.43
C VAL A 1253 -15.13 -7.99 -20.03
N GLU A 1254 -14.09 -7.19 -19.80
CA GLU A 1254 -14.29 -5.84 -19.28
C GLU A 1254 -14.96 -4.94 -20.31
N SER A 1255 -14.52 -5.01 -21.57
CA SER A 1255 -15.10 -4.14 -22.59
C SER A 1255 -16.56 -4.46 -22.85
N ARG A 1256 -16.91 -5.74 -22.90
CA ARG A 1256 -18.28 -6.13 -23.20
C ARG A 1256 -19.25 -5.77 -22.08
N THR A 1257 -18.75 -5.46 -20.88
CA THR A 1257 -19.62 -5.21 -19.74
C THR A 1257 -19.63 -3.77 -19.26
N THR A 1258 -18.65 -2.95 -19.64
CA THR A 1258 -18.59 -1.58 -19.15
C THR A 1258 -18.78 -0.53 -20.24
N ILE A 1259 -17.93 -0.50 -21.25
CA ILE A 1259 -17.97 0.62 -22.19
C ILE A 1259 -18.85 0.35 -23.40
N LEU A 1260 -19.13 -0.90 -23.72
CA LEU A 1260 -20.07 -1.25 -24.78
C LEU A 1260 -21.42 -1.68 -24.23
N ASN A 1261 -21.62 -1.58 -22.92
CA ASN A 1261 -22.86 -2.02 -22.29
C ASN A 1261 -23.79 -0.84 -22.09
N PRO A 1262 -25.00 -0.86 -22.66
CA PRO A 1262 -25.92 0.27 -22.48
C PRO A 1262 -26.29 0.52 -21.03
N THR A 1263 -26.38 -0.52 -20.20
CA THR A 1263 -26.74 -0.33 -18.80
C THR A 1263 -25.69 0.49 -18.06
N TYR A 1264 -24.41 0.20 -18.31
CA TYR A 1264 -23.35 0.93 -17.63
C TYR A 1264 -23.34 2.40 -18.02
N ILE A 1265 -23.60 2.70 -19.29
CA ILE A 1265 -23.52 4.07 -19.77
C ILE A 1265 -24.63 4.92 -19.17
N LYS A 1266 -25.85 4.39 -19.11
CA LYS A 1266 -26.96 5.18 -18.57
C LYS A 1266 -26.82 5.43 -17.08
N GLU A 1267 -26.18 4.52 -16.35
CA GLU A 1267 -25.91 4.77 -14.94
C GLU A 1267 -24.93 5.92 -14.76
N LYS A 1268 -23.90 5.98 -15.61
CA LYS A 1268 -22.90 7.05 -15.51
C LYS A 1268 -23.42 8.39 -15.99
N MET A 1269 -24.41 8.41 -16.88
CA MET A 1269 -24.93 9.67 -17.40
C MET A 1269 -25.87 10.38 -16.43
N LYS A 1270 -25.93 9.93 -15.18
CA LYS A 1270 -26.66 10.63 -14.14
C LYS A 1270 -25.75 11.40 -13.22
N GLY A 1271 -24.44 11.40 -13.47
CA GLY A 1271 -23.46 12.09 -12.66
C GLY A 1271 -23.11 13.46 -13.20
N GLY A 1272 -21.89 13.89 -12.89
CA GLY A 1272 -21.43 15.22 -13.26
C GLY A 1272 -20.09 15.16 -14.00
N ALA A 1273 -19.26 16.16 -13.72
CA ALA A 1273 -17.99 16.29 -14.43
C ALA A 1273 -17.03 15.16 -14.09
N SER A 1274 -17.02 14.71 -12.83
CA SER A 1274 -16.10 13.66 -12.43
C SER A 1274 -16.45 12.33 -13.07
N SER A 1275 -17.74 12.04 -13.26
CA SER A 1275 -18.13 10.80 -13.92
C SER A 1275 -17.71 10.78 -15.39
N ALA A 1276 -17.82 11.92 -16.07
CA ALA A 1276 -17.46 11.98 -17.49
C ALA A 1276 -15.96 11.85 -17.72
N SER A 1277 -15.14 12.08 -16.69
CA SER A 1277 -13.70 11.97 -16.85
C SER A 1277 -13.23 10.53 -16.90
N GLU A 1278 -14.05 9.57 -16.45
CA GLU A 1278 -13.64 8.17 -16.48
C GLU A 1278 -13.67 7.59 -17.89
N PHE A 1279 -14.53 8.12 -18.76
CA PHE A 1279 -14.54 7.65 -20.14
C PHE A 1279 -13.23 7.96 -20.85
N ALA A 1280 -12.69 9.16 -20.63
CA ALA A 1280 -11.43 9.53 -21.26
C ALA A 1280 -10.26 8.73 -20.70
N GLU A 1281 -10.35 8.29 -19.45
CA GLU A 1281 -9.26 7.53 -18.85
C GLU A 1281 -9.18 6.13 -19.43
N VAL A 1282 -10.33 5.51 -19.70
CA VAL A 1282 -10.34 4.15 -20.26
C VAL A 1282 -9.78 4.16 -21.67
N ILE A 1283 -10.13 5.19 -22.46
CA ILE A 1283 -9.64 5.27 -23.84
C ILE A 1283 -8.13 5.46 -23.85
N THR A 1284 -7.60 6.24 -22.89
CA THR A 1284 -6.16 6.46 -22.85
C THR A 1284 -5.40 5.18 -22.49
N ASN A 1285 -5.97 4.36 -21.60
CA ASN A 1285 -5.31 3.12 -21.23
C ASN A 1285 -5.36 2.09 -22.35
N THR A 1286 -6.40 2.13 -23.18
CA THR A 1286 -6.46 1.26 -24.35
C THR A 1286 -5.34 1.61 -25.33
N TYR A 1287 -5.06 2.90 -25.50
CA TYR A 1287 -3.93 3.30 -26.35
C TYR A 1287 -2.61 2.81 -25.77
N GLY A 1288 -2.47 2.85 -24.45
CA GLY A 1288 -1.22 2.39 -23.84
C GLY A 1288 -1.00 0.90 -24.00
N TRP A 1289 -2.06 0.10 -23.90
CA TRP A 1289 -1.92 -1.34 -24.06
C TRP A 1289 -1.55 -1.72 -25.49
N ASN A 1290 -2.02 -0.96 -26.47
CA ASN A 1290 -1.70 -1.26 -27.86
C ASN A 1290 -0.21 -1.07 -28.15
N VAL A 1291 0.42 -0.10 -27.49
CA VAL A 1291 1.86 0.09 -27.67
C VAL A 1291 2.64 -1.04 -27.01
N MET A 1292 2.28 -1.40 -25.78
CA MET A 1292 3.05 -2.40 -25.05
C MET A 1292 2.87 -3.81 -25.63
N LYS A 1293 1.62 -4.22 -25.86
CA LYS A 1293 1.32 -5.57 -26.33
C LYS A 1293 0.33 -5.48 -27.48
N PRO A 1294 0.83 -5.32 -28.71
CA PRO A 1294 -0.08 -5.12 -29.85
C PRO A 1294 -1.05 -6.27 -30.06
N ALA A 1295 -0.68 -7.49 -29.71
CA ALA A 1295 -1.53 -8.65 -30.00
C ALA A 1295 -2.75 -8.74 -29.09
N ALA A 1296 -2.82 -7.94 -28.04
CA ALA A 1296 -3.95 -8.02 -27.11
C ALA A 1296 -5.12 -7.12 -27.48
N ILE A 1297 -4.93 -6.20 -28.41
CA ILE A 1297 -5.97 -5.26 -28.82
C ILE A 1297 -6.28 -5.52 -30.29
N ASP A 1298 -7.55 -5.84 -30.57
CA ASP A 1298 -7.98 -6.15 -31.92
C ASP A 1298 -8.48 -4.89 -32.62
N LYS A 1299 -8.50 -4.96 -33.96
CA LYS A 1299 -9.04 -3.85 -34.74
C LYS A 1299 -10.53 -3.67 -34.51
N GLU A 1300 -11.26 -4.77 -34.30
CA GLU A 1300 -12.69 -4.69 -34.06
C GLU A 1300 -13.03 -3.99 -32.76
N LEU A 1301 -12.10 -3.92 -31.81
CA LEU A 1301 -12.36 -3.18 -30.58
C LEU A 1301 -12.41 -1.69 -30.83
N TRP A 1302 -11.52 -1.17 -31.68
CA TRP A 1302 -11.55 0.25 -32.01
C TRP A 1302 -12.81 0.61 -32.80
N ASP A 1303 -13.26 -0.30 -33.66
CA ASP A 1303 -14.46 -0.03 -34.46
C ASP A 1303 -15.70 0.08 -33.58
N ASN A 1304 -15.81 -0.78 -32.56
CA ASN A 1304 -16.97 -0.75 -31.68
C ASN A 1304 -17.04 0.55 -30.89
N ILE A 1305 -15.88 1.04 -30.43
CA ILE A 1305 -15.84 2.31 -29.72
C ILE A 1305 -16.26 3.45 -30.63
N TYR A 1306 -15.85 3.39 -31.90
CA TYR A 1306 -16.23 4.41 -32.86
C TYR A 1306 -17.74 4.47 -33.07
N ASN A 1307 -18.38 3.30 -33.16
CA ASN A 1307 -19.81 3.27 -33.44
C ASN A 1307 -20.63 3.81 -32.28
N VAL A 1308 -20.12 3.71 -31.05
CA VAL A 1308 -20.89 4.09 -29.87
C VAL A 1308 -20.73 5.57 -29.55
N TYR A 1309 -19.52 6.09 -29.59
CA TYR A 1309 -19.25 7.44 -29.11
C TYR A 1309 -19.10 8.48 -30.21
N VAL A 1310 -19.07 8.08 -31.48
CA VAL A 1310 -18.94 9.03 -32.57
C VAL A 1310 -20.20 9.01 -33.43
N LYS A 1311 -20.86 7.86 -33.50
CA LYS A 1311 -22.06 7.71 -34.30
C LYS A 1311 -23.33 7.56 -33.48
N ASP A 1312 -23.22 7.33 -32.17
CA ASP A 1312 -24.36 7.15 -31.28
C ASP A 1312 -25.26 6.02 -31.78
N GLU A 1313 -24.68 4.81 -31.83
CA GLU A 1313 -25.41 3.66 -32.35
C GLU A 1313 -26.52 3.21 -31.41
N LEU A 1314 -26.34 3.36 -30.10
CA LEU A 1314 -27.29 2.89 -29.11
C LEU A 1314 -28.42 3.89 -28.85
N ASN A 1315 -28.39 5.06 -29.48
CA ASN A 1315 -29.44 6.07 -29.35
C ASN A 1315 -29.61 6.51 -27.89
N LEU A 1316 -28.50 6.84 -27.24
CA LEU A 1316 -28.53 7.31 -25.87
C LEU A 1316 -28.31 8.81 -25.72
N GLY A 1317 -27.84 9.48 -26.77
CA GLY A 1317 -27.58 10.91 -26.69
C GLY A 1317 -26.34 11.23 -25.88
N VAL A 1318 -25.22 10.64 -26.26
CA VAL A 1318 -24.00 10.82 -25.47
C VAL A 1318 -23.34 12.17 -25.75
N LYS A 1319 -23.50 12.70 -26.96
CA LYS A 1319 -22.84 13.96 -27.28
C LYS A 1319 -23.41 15.13 -26.48
N GLN A 1320 -24.72 15.15 -26.28
CA GLN A 1320 -25.33 16.21 -25.48
C GLN A 1320 -24.90 16.11 -24.02
N TYR A 1321 -24.69 14.90 -23.52
CA TYR A 1321 -24.26 14.71 -22.14
C TYR A 1321 -22.90 15.34 -21.89
N PHE A 1322 -21.96 15.16 -22.83
CA PHE A 1322 -20.62 15.71 -22.64
C PHE A 1322 -20.59 17.22 -22.78
N GLU A 1323 -21.43 17.79 -23.64
CA GLU A 1323 -21.41 19.23 -23.86
C GLU A 1323 -21.86 20.00 -22.62
N GLN A 1324 -22.66 19.37 -21.76
CA GLN A 1324 -23.20 20.05 -20.60
C GLN A 1324 -22.44 19.76 -19.30
N GLN A 1325 -21.62 18.70 -19.27
CA GLN A 1325 -20.93 18.30 -18.06
C GLN A 1325 -19.42 18.49 -18.14
N ASN A 1326 -18.79 18.03 -19.21
CA ASN A 1326 -17.34 18.13 -19.31
C ASN A 1326 -16.89 18.06 -20.77
N PRO A 1327 -16.93 19.18 -21.50
CA PRO A 1327 -16.48 19.15 -22.90
C PRO A 1327 -15.01 18.80 -23.07
N ALA A 1328 -14.20 18.96 -22.04
CA ALA A 1328 -12.77 18.67 -22.17
C ALA A 1328 -12.50 17.18 -22.26
N ALA A 1329 -13.41 16.34 -21.74
CA ALA A 1329 -13.21 14.91 -21.81
C ALA A 1329 -13.47 14.38 -23.21
N LEU A 1330 -14.40 15.00 -23.94
CA LEU A 1330 -14.68 14.56 -25.30
C LEU A 1330 -13.55 14.92 -26.24
N GLU A 1331 -12.88 16.05 -26.00
CA GLU A 1331 -11.73 16.42 -26.82
C GLU A 1331 -10.60 15.40 -26.66
N GLU A 1332 -10.38 14.92 -25.44
CA GLU A 1332 -9.31 13.96 -25.20
C GLU A 1332 -9.59 12.64 -25.90
N MET A 1333 -10.84 12.19 -25.89
CA MET A 1333 -11.18 10.90 -26.49
C MET A 1333 -10.94 10.90 -27.99
N THR A 1334 -11.32 11.97 -28.68
CA THR A 1334 -11.13 12.02 -30.12
C THR A 1334 -9.67 12.17 -30.50
N ALA A 1335 -8.88 12.86 -29.68
CA ALA A 1335 -7.48 13.04 -29.98
C ALA A 1335 -6.69 11.74 -29.82
N VAL A 1336 -7.07 10.92 -28.84
CA VAL A 1336 -6.38 9.65 -28.64
C VAL A 1336 -6.64 8.70 -29.81
N MET A 1337 -7.87 8.66 -30.30
CA MET A 1337 -8.19 7.79 -31.42
C MET A 1337 -7.47 8.21 -32.69
N LEU A 1338 -7.28 9.52 -32.89
CA LEU A 1338 -6.56 9.99 -34.08
C LEU A 1338 -5.07 9.73 -33.98
N GLU A 1339 -4.54 9.60 -32.77
CA GLU A 1339 -3.12 9.29 -32.62
C GLU A 1339 -2.82 7.83 -32.93
N SER A 1340 -3.77 6.93 -32.64
CA SER A 1340 -3.60 5.53 -33.01
C SER A 1340 -3.56 5.35 -34.52
N ALA A 1341 -4.39 6.10 -35.24
CA ALA A 1341 -4.40 6.01 -36.70
C ALA A 1341 -3.12 6.55 -37.31
N ARG A 1342 -2.55 7.61 -36.73
CA ARG A 1342 -1.34 8.19 -37.29
C ARG A 1342 -0.14 7.27 -37.10
N LYS A 1343 -0.02 6.65 -35.93
CA LYS A 1343 1.11 5.77 -35.65
C LYS A 1343 1.00 4.43 -36.36
N GLY A 1344 -0.17 4.07 -36.86
CA GLY A 1344 -0.38 2.79 -37.48
C GLY A 1344 -0.87 1.69 -36.57
N LEU A 1345 -1.17 2.00 -35.31
CA LEU A 1345 -1.70 0.99 -34.40
C LEU A 1345 -3.11 0.57 -34.80
N TRP A 1346 -3.90 1.49 -35.33
CA TRP A 1346 -5.26 1.22 -35.77
C TRP A 1346 -5.33 1.43 -37.28
N GLN A 1347 -5.89 0.45 -37.99
CA GLN A 1347 -6.03 0.52 -39.44
C GLN A 1347 -7.43 1.05 -39.75
N ALA A 1348 -7.60 2.36 -39.61
CA ALA A 1348 -8.87 3.03 -39.84
C ALA A 1348 -9.02 3.41 -41.31
N SER A 1349 -10.27 3.57 -41.73
CA SER A 1349 -10.57 3.95 -43.10
C SER A 1349 -10.64 5.47 -43.23
N GLU A 1350 -10.73 5.93 -44.48
CA GLU A 1350 -10.78 7.37 -44.72
C GLU A 1350 -12.06 7.98 -44.19
N GLU A 1351 -13.18 7.25 -44.29
CA GLU A 1351 -14.44 7.75 -43.77
C GLU A 1351 -14.39 7.91 -42.26
N GLN A 1352 -13.75 6.96 -41.56
CA GLN A 1352 -13.66 7.04 -40.11
C GLN A 1352 -12.74 8.18 -39.67
N VAL A 1353 -11.65 8.41 -40.41
CA VAL A 1353 -10.73 9.48 -40.05
C VAL A 1353 -11.36 10.84 -40.30
N ALA A 1354 -12.10 10.97 -41.40
CA ALA A 1354 -12.73 12.26 -41.71
C ALA A 1354 -13.76 12.65 -40.66
N GLU A 1355 -14.55 11.68 -40.18
CA GLU A 1355 -15.57 11.98 -39.18
C GLU A 1355 -14.94 12.39 -37.86
N LEU A 1356 -13.88 11.71 -37.44
CA LEU A 1356 -13.22 12.06 -36.18
C LEU A 1356 -12.61 13.45 -36.24
N SER A 1357 -12.00 13.80 -37.37
CA SER A 1357 -11.38 15.13 -37.48
C SER A 1357 -12.44 16.23 -37.49
N LYS A 1358 -13.60 15.97 -38.10
CA LYS A 1358 -14.66 16.97 -38.11
C LYS A 1358 -15.22 17.21 -36.72
N LEU A 1359 -15.38 16.15 -35.93
CA LEU A 1359 -15.92 16.31 -34.58
C LEU A 1359 -14.93 17.00 -33.66
N HIS A 1360 -13.63 16.75 -33.84
CA HIS A 1360 -12.63 17.30 -32.94
C HIS A 1360 -12.56 18.82 -33.05
N THR A 1361 -12.48 19.34 -34.28
CA THR A 1361 -12.36 20.77 -34.47
C THR A 1361 -13.63 21.52 -34.11
N GLU A 1362 -14.79 20.87 -34.18
CA GLU A 1362 -16.04 21.53 -33.82
C GLU A 1362 -16.12 21.82 -32.34
N ILE A 1363 -15.66 20.87 -31.50
CA ILE A 1363 -15.71 21.07 -30.06
C ILE A 1363 -14.70 22.13 -29.64
N VAL A 1364 -13.52 22.14 -30.27
CA VAL A 1364 -12.48 23.09 -29.89
C VAL A 1364 -12.93 24.53 -30.18
N ASN A 1365 -13.55 24.75 -31.34
CA ASN A 1365 -13.93 26.11 -31.71
C ASN A 1365 -15.06 26.64 -30.84
N THR A 1366 -15.91 25.77 -30.33
CA THR A 1366 -17.07 26.20 -29.56
C THR A 1366 -16.77 26.34 -28.07
N TYR A 1367 -15.94 25.46 -27.50
CA TYR A 1367 -15.72 25.43 -26.07
C TYR A 1367 -14.27 25.68 -25.68
N ARG A 1368 -13.41 26.04 -26.64
CA ARG A 1368 -12.00 26.42 -26.41
C ARG A 1368 -11.16 25.22 -26.01
N PRO A 1369 -9.86 25.22 -26.32
CA PRO A 1369 -9.02 24.07 -25.99
C PRO A 1369 -8.86 23.88 -24.49
N SER A 1370 -8.69 22.61 -24.09
CA SER A 1370 -8.39 22.27 -22.71
C SER A 1370 -6.90 22.25 -22.42
N CYS A 1371 -6.09 22.00 -23.44
CA CYS A 1371 -4.62 22.01 -23.35
C CYS A 1371 -4.10 20.99 -22.35
N SER A 1372 -4.38 19.72 -22.65
CA SER A 1372 -3.67 18.62 -22.03
C SER A 1372 -2.45 18.29 -22.90
N GLY A 1373 -1.81 17.16 -22.63
CA GLY A 1373 -0.65 16.79 -23.43
C GLY A 1373 -0.98 16.47 -24.87
N PHE A 1374 -2.10 15.78 -25.09
CA PHE A 1374 -2.48 15.38 -26.45
C PHE A 1374 -2.95 16.55 -27.30
N VAL A 1375 -3.59 17.54 -26.70
CA VAL A 1375 -4.26 18.57 -27.47
C VAL A 1375 -3.36 19.76 -27.79
N CYS A 1376 -2.48 20.15 -26.88
CA CYS A 1376 -1.71 21.38 -27.05
C CYS A 1376 -0.20 21.21 -27.07
N ASP A 1377 0.31 19.97 -27.05
CA ASP A 1377 1.75 19.77 -27.03
C ASP A 1377 2.19 18.64 -27.96
N ASN A 1378 1.42 18.39 -29.00
CA ASN A 1378 1.76 17.38 -30.01
C ASN A 1378 1.76 18.06 -31.37
N ALA A 1379 2.95 18.38 -31.87
CA ALA A 1379 3.05 19.14 -33.11
C ALA A 1379 2.64 18.31 -34.32
N LYS A 1380 3.05 17.04 -34.37
CA LYS A 1380 2.75 16.21 -35.53
C LYS A 1380 1.28 15.83 -35.59
N LEU A 1381 0.65 15.60 -34.43
CA LEU A 1381 -0.78 15.32 -34.42
C LEU A 1381 -1.60 16.52 -34.88
N ARG A 1382 -1.13 17.73 -34.58
CA ARG A 1382 -1.84 18.93 -35.01
C ARG A 1382 -1.89 19.04 -36.52
N ASP A 1383 -0.78 18.73 -37.20
CA ASP A 1383 -0.75 18.79 -38.65
C ASP A 1383 -1.59 17.68 -39.28
N PHE A 1384 -1.61 16.50 -38.64
CA PHE A 1384 -2.39 15.40 -39.15
C PHE A 1384 -3.89 15.72 -39.16
N ILE A 1385 -4.38 16.34 -38.09
CA ILE A 1385 -5.79 16.68 -38.01
C ILE A 1385 -6.15 17.77 -39.01
N ALA A 1386 -5.24 18.74 -39.20
CA ALA A 1386 -5.54 19.87 -40.08
C ALA A 1386 -5.75 19.44 -41.52
N SER A 1387 -4.98 18.48 -42.00
CA SER A 1387 -5.06 18.06 -43.39
C SER A 1387 -6.29 17.21 -43.69
N LYS A 1388 -6.94 16.66 -42.67
CA LYS A 1388 -8.12 15.83 -42.87
C LYS A 1388 -9.42 16.63 -42.84
N ALA A 1389 -9.37 17.91 -42.54
CA ALA A 1389 -10.55 18.76 -42.43
C ALA A 1389 -10.59 19.75 -43.58
N ASP A 1390 -11.64 20.57 -43.58
CA ASP A 1390 -11.82 21.58 -44.60
C ASP A 1390 -10.76 22.67 -44.48
N ALA A 1391 -10.44 23.30 -45.61
CA ALA A 1391 -9.42 24.34 -45.62
C ALA A 1391 -9.81 25.53 -44.76
N GLN A 1392 -11.09 25.93 -44.82
CA GLN A 1392 -11.55 27.04 -43.99
C GLN A 1392 -11.50 26.68 -42.51
N THR A 1393 -11.89 25.45 -42.17
CA THR A 1393 -11.87 25.01 -40.77
C THR A 1393 -10.44 24.84 -40.27
N ALA A 1394 -9.51 24.45 -41.14
CA ALA A 1394 -8.13 24.23 -40.72
C ALA A 1394 -7.48 25.50 -40.20
N THR A 1395 -7.71 26.63 -40.89
CA THR A 1395 -7.10 27.88 -40.47
C THR A 1395 -7.64 28.33 -39.12
N GLN A 1396 -8.95 28.19 -38.90
CA GLN A 1396 -9.53 28.58 -37.62
C GLN A 1396 -9.07 27.66 -36.50
N TYR A 1397 -8.90 26.38 -36.80
CA TYR A 1397 -8.43 25.44 -35.79
C TYR A 1397 -7.00 25.75 -35.35
N LYS A 1398 -6.14 26.12 -36.31
CA LYS A 1398 -4.74 26.36 -35.98
C LYS A 1398 -4.58 27.60 -35.11
N GLU A 1399 -5.36 28.65 -35.35
CA GLU A 1399 -5.20 29.88 -34.59
C GLU A 1399 -5.67 29.71 -33.14
N ASN A 1400 -6.63 28.83 -32.89
CA ASN A 1400 -7.10 28.60 -31.53
C ASN A 1400 -6.00 28.01 -30.66
N ILE A 1401 -5.19 27.11 -31.22
CA ILE A 1401 -4.12 26.49 -30.46
C ILE A 1401 -3.03 27.50 -30.14
N SER A 1402 -2.73 28.41 -31.08
CA SER A 1402 -1.64 29.34 -30.90
C SER A 1402 -1.93 30.40 -29.84
N LYS A 1403 -3.20 30.65 -29.52
CA LYS A 1403 -3.52 31.67 -28.53
C LYS A 1403 -3.06 31.27 -27.14
N ILE A 1404 -2.93 29.97 -26.88
CA ILE A 1404 -2.56 29.51 -25.55
C ILE A 1404 -1.06 29.29 -25.41
N ARG A 1405 -0.40 28.82 -26.46
CA ARG A 1405 1.04 28.62 -26.43
C ARG A 1405 1.78 29.95 -26.55
CHA HEM B . 12.63 -7.25 19.67
CHB HEM B . 14.59 -4.27 22.96
CHC HEM B . 11.62 -6.05 26.33
CHD HEM B . 9.14 -8.37 22.87
C1A HEM B . 13.45 -6.31 20.27
C2A HEM B . 14.57 -5.63 19.64
C3A HEM B . 15.10 -4.81 20.55
C4A HEM B . 14.35 -4.95 21.78
CMA HEM B . 16.30 -3.86 20.36
CAA HEM B . 15.03 -5.81 18.19
CBA HEM B . 16.36 -6.57 18.14
CGA HEM B . 16.99 -6.40 16.80
O1A HEM B . 18.15 -6.85 16.62
O2A HEM B . 16.34 -5.81 15.90
C1B HEM B . 14.02 -4.55 24.17
C2B HEM B . 14.48 -4.09 25.46
C3B HEM B . 13.66 -4.58 26.41
C4B HEM B . 12.65 -5.38 25.72
CMB HEM B . 15.72 -3.18 25.63
CAB HEM B . 13.68 -4.40 27.95
CBB HEM B . 14.57 -3.68 28.63
C1C HEM B . 10.69 -6.84 25.69
C2C HEM B . 9.60 -7.56 26.33
C3C HEM B . 8.91 -8.20 25.40
C4C HEM B . 9.53 -7.91 24.10
CMC HEM B . 9.30 -7.58 27.84
CAC HEM B . 7.68 -9.09 25.69
CBC HEM B . 6.99 -9.73 24.74
C1D HEM B . 9.86 -8.27 21.69
C2D HEM B . 9.49 -8.82 20.41
C3D HEM B . 10.44 -8.53 19.54
C4D HEM B . 11.46 -7.76 20.22
CMD HEM B . 8.21 -9.63 20.12
CAD HEM B . 10.43 -8.94 18.04
CBD HEM B . 11.55 -9.94 17.77
CGD HEM B . 11.38 -10.49 16.38
O1D HEM B . 12.24 -11.30 15.95
O2D HEM B . 10.38 -10.14 15.71
NA HEM B . 13.35 -5.87 21.57
NB HEM B . 12.91 -5.34 24.37
NC HEM B . 10.61 -7.08 24.34
ND HEM B . 11.08 -7.62 21.54
FE HEM B . 11.94 -6.42 22.94
NA NA C . -1.40 6.06 -8.01
NA NA D . -1.62 8.41 -17.84
#